data_1K76
# 
_entry.id   1K76 
# 
_audit_conform.dict_name       mmcif_pdbx.dic 
_audit_conform.dict_version    5.392 
_audit_conform.dict_location   http://mmcif.pdb.org/dictionaries/ascii/mmcif_pdbx.dic 
# 
loop_
_database_2.database_id 
_database_2.database_code 
_database_2.pdbx_database_accession 
_database_2.pdbx_DOI 
PDB   1K76         pdb_00001k76 10.2210/pdb1k76/pdb 
RCSB  RCSB014645   ?            ?                   
WWPDB D_1000014645 ?            ?                   
# 
loop_
_pdbx_audit_revision_history.ordinal 
_pdbx_audit_revision_history.data_content_type 
_pdbx_audit_revision_history.major_revision 
_pdbx_audit_revision_history.minor_revision 
_pdbx_audit_revision_history.revision_date 
1 'Structure model' 1 0 2003-05-20 
2 'Structure model' 1 1 2008-04-27 
3 'Structure model' 1 2 2011-07-13 
4 'Structure model' 1 3 2021-10-27 
5 'Structure model' 1 4 2024-05-22 
# 
_pdbx_audit_revision_details.ordinal             1 
_pdbx_audit_revision_details.revision_ordinal    1 
_pdbx_audit_revision_details.data_content_type   'Structure model' 
_pdbx_audit_revision_details.provider            repository 
_pdbx_audit_revision_details.type                'Initial release' 
_pdbx_audit_revision_details.description         ? 
_pdbx_audit_revision_details.details             ? 
# 
loop_
_pdbx_audit_revision_group.ordinal 
_pdbx_audit_revision_group.revision_ordinal 
_pdbx_audit_revision_group.data_content_type 
_pdbx_audit_revision_group.group 
1 2 'Structure model' 'Version format compliance' 
2 3 'Structure model' 'Version format compliance' 
3 4 'Structure model' 'Data collection'           
4 4 'Structure model' 'Database references'       
5 4 'Structure model' 'Derived calculations'      
6 5 'Structure model' 'Data collection'           
# 
loop_
_pdbx_audit_revision_category.ordinal 
_pdbx_audit_revision_category.revision_ordinal 
_pdbx_audit_revision_category.data_content_type 
_pdbx_audit_revision_category.category 
1 4 'Structure model' database_2            
2 4 'Structure model' pdbx_nmr_software     
3 4 'Structure model' pdbx_struct_assembly  
4 4 'Structure model' pdbx_struct_oper_list 
5 4 'Structure model' struct_ref_seq_dif    
6 5 'Structure model' chem_comp_atom        
7 5 'Structure model' chem_comp_bond        
# 
loop_
_pdbx_audit_revision_item.ordinal 
_pdbx_audit_revision_item.revision_ordinal 
_pdbx_audit_revision_item.data_content_type 
_pdbx_audit_revision_item.item 
1 4 'Structure model' '_database_2.pdbx_DOI'                
2 4 'Structure model' '_database_2.pdbx_database_accession' 
3 4 'Structure model' '_pdbx_nmr_software.name'             
4 4 'Structure model' '_struct_ref_seq_dif.details'         
# 
_pdbx_database_status.status_code                     REL 
_pdbx_database_status.entry_id                        1K76 
_pdbx_database_status.recvd_initial_deposition_date   2001-10-18 
_pdbx_database_status.deposit_site                    RCSB 
_pdbx_database_status.process_site                    RCSB 
_pdbx_database_status.SG_entry                        . 
_pdbx_database_status.pdb_format_compatible           Y 
_pdbx_database_status.status_code_mr                  ? 
_pdbx_database_status.status_code_sf                  ? 
_pdbx_database_status.status_code_cs                  ? 
_pdbx_database_status.status_code_nmr_data            ? 
_pdbx_database_status.methods_development_category    ? 
# 
loop_
_audit_author.name 
_audit_author.pdbx_ordinal 
'Ferreon, J.'    1 
'Volk, D.'       2 
'Luxon, B.'      3 
'Gorenstein, D.' 4 
'Hilser, V.'     5 
# 
_citation.id                        primary 
_citation.title                     
;Solution Structure, Dynamics and Thermodynamics of the Native State Ensemble 
of Sem-5 C-Terminal SH3 Domain
;
_citation.journal_abbrev            Biochemistry 
_citation.journal_volume            42 
_citation.page_first                5582 
_citation.page_last                 5591 
_citation.year                      2003 
_citation.journal_id_ASTM           BICHAW 
_citation.country                   US 
_citation.journal_id_ISSN           0006-2960 
_citation.journal_id_CSD            0033 
_citation.book_publisher            ? 
_citation.pdbx_database_id_PubMed   12741814 
_citation.pdbx_database_id_DOI      10.1021/bi030005j 
# 
loop_
_citation_author.citation_id 
_citation_author.name 
_citation_author.ordinal 
_citation_author.identifier_ORCID 
primary 'Ferreon, J.'    1 ? 
primary 'Volk, D.'       2 ? 
primary 'Luxon, B.'      3 ? 
primary 'Gorenstein, D.' 4 ? 
primary 'Hilser, V.'     5 ? 
# 
_entity.id                         1 
_entity.type                       polymer 
_entity.src_method                 man 
_entity.pdbx_description           'SEX MUSCLE ABNORMAL PROTEIN 5' 
_entity.formula_weight             7237.967 
_entity.pdbx_number_of_molecules   1 
_entity.pdbx_ec                    ? 
_entity.pdbx_mutation              C57A 
_entity.pdbx_fragment              'SH3 domain (Residues 155-214)' 
_entity.details                    ? 
# 
_entity_poly.entity_id                      1 
_entity_poly.type                           'polypeptide(L)' 
_entity_poly.nstd_linkage                   no 
_entity_poly.nstd_monomer                   no 
_entity_poly.pdbx_seq_one_letter_code       HMETKFVQALFDFNPQESGELAFKRGDVITLINKDDPNWWEGQLNNRRGIFPSNYVAPYNSN 
_entity_poly.pdbx_seq_one_letter_code_can   HMETKFVQALFDFNPQESGELAFKRGDVITLINKDDPNWWEGQLNNRRGIFPSNYVAPYNSN 
_entity_poly.pdbx_strand_id                 A 
_entity_poly.pdbx_target_identifier         ? 
# 
loop_
_entity_poly_seq.entity_id 
_entity_poly_seq.num 
_entity_poly_seq.mon_id 
_entity_poly_seq.hetero 
1 1  HIS n 
1 2  MET n 
1 3  GLU n 
1 4  THR n 
1 5  LYS n 
1 6  PHE n 
1 7  VAL n 
1 8  GLN n 
1 9  ALA n 
1 10 LEU n 
1 11 PHE n 
1 12 ASP n 
1 13 PHE n 
1 14 ASN n 
1 15 PRO n 
1 16 GLN n 
1 17 GLU n 
1 18 SER n 
1 19 GLY n 
1 20 GLU n 
1 21 LEU n 
1 22 ALA n 
1 23 PHE n 
1 24 LYS n 
1 25 ARG n 
1 26 GLY n 
1 27 ASP n 
1 28 VAL n 
1 29 ILE n 
1 30 THR n 
1 31 LEU n 
1 32 ILE n 
1 33 ASN n 
1 34 LYS n 
1 35 ASP n 
1 36 ASP n 
1 37 PRO n 
1 38 ASN n 
1 39 TRP n 
1 40 TRP n 
1 41 GLU n 
1 42 GLY n 
1 43 GLN n 
1 44 LEU n 
1 45 ASN n 
1 46 ASN n 
1 47 ARG n 
1 48 ARG n 
1 49 GLY n 
1 50 ILE n 
1 51 PHE n 
1 52 PRO n 
1 53 SER n 
1 54 ASN n 
1 55 TYR n 
1 56 VAL n 
1 57 ALA n 
1 58 PRO n 
1 59 TYR n 
1 60 ASN n 
1 61 SER n 
1 62 ASN n 
# 
_entity_src_gen.entity_id                          1 
_entity_src_gen.pdbx_src_id                        1 
_entity_src_gen.pdbx_alt_source_flag               sample 
_entity_src_gen.pdbx_seq_type                      ? 
_entity_src_gen.pdbx_beg_seq_num                   ? 
_entity_src_gen.pdbx_end_seq_num                   ? 
_entity_src_gen.gene_src_common_name               ? 
_entity_src_gen.gene_src_genus                     Caenorhabditis 
_entity_src_gen.pdbx_gene_src_gene                 Sem-5 
_entity_src_gen.gene_src_species                   ? 
_entity_src_gen.gene_src_strain                    ? 
_entity_src_gen.gene_src_tissue                    ? 
_entity_src_gen.gene_src_tissue_fraction           ? 
_entity_src_gen.gene_src_details                   ? 
_entity_src_gen.pdbx_gene_src_fragment             ? 
_entity_src_gen.pdbx_gene_src_scientific_name      'Caenorhabditis elegans' 
_entity_src_gen.pdbx_gene_src_ncbi_taxonomy_id     6239 
_entity_src_gen.pdbx_gene_src_variant              ? 
_entity_src_gen.pdbx_gene_src_cell_line            ? 
_entity_src_gen.pdbx_gene_src_atcc                 ? 
_entity_src_gen.pdbx_gene_src_organ                ? 
_entity_src_gen.pdbx_gene_src_organelle            ? 
_entity_src_gen.pdbx_gene_src_cell                 ? 
_entity_src_gen.pdbx_gene_src_cellular_location    ? 
_entity_src_gen.host_org_common_name               ? 
_entity_src_gen.pdbx_host_org_scientific_name      'Escherichia coli' 
_entity_src_gen.pdbx_host_org_ncbi_taxonomy_id     562 
_entity_src_gen.host_org_genus                     Escherichia 
_entity_src_gen.pdbx_host_org_gene                 ? 
_entity_src_gen.pdbx_host_org_organ                ? 
_entity_src_gen.host_org_species                   ? 
_entity_src_gen.pdbx_host_org_tissue               ? 
_entity_src_gen.pdbx_host_org_tissue_fraction      ? 
_entity_src_gen.pdbx_host_org_strain               'BL21 pLysS' 
_entity_src_gen.pdbx_host_org_variant              ? 
_entity_src_gen.pdbx_host_org_cell_line            ? 
_entity_src_gen.pdbx_host_org_atcc                 ? 
_entity_src_gen.pdbx_host_org_culture_collection   ? 
_entity_src_gen.pdbx_host_org_cell                 ? 
_entity_src_gen.pdbx_host_org_organelle            ? 
_entity_src_gen.pdbx_host_org_cellular_location    ? 
_entity_src_gen.pdbx_host_org_vector_type          plasmid 
_entity_src_gen.pdbx_host_org_vector               ? 
_entity_src_gen.host_org_details                   ? 
_entity_src_gen.expression_system_id               ? 
_entity_src_gen.plasmid_name                       pET19B 
_entity_src_gen.plasmid_details                    ? 
_entity_src_gen.pdbx_description                   ? 
# 
loop_
_chem_comp.id 
_chem_comp.type 
_chem_comp.mon_nstd_flag 
_chem_comp.name 
_chem_comp.pdbx_synonyms 
_chem_comp.formula 
_chem_comp.formula_weight 
ALA 'L-peptide linking' y ALANINE         ? 'C3 H7 N O2'     89.093  
ARG 'L-peptide linking' y ARGININE        ? 'C6 H15 N4 O2 1' 175.209 
ASN 'L-peptide linking' y ASPARAGINE      ? 'C4 H8 N2 O3'    132.118 
ASP 'L-peptide linking' y 'ASPARTIC ACID' ? 'C4 H7 N O4'     133.103 
CYS 'L-peptide linking' y CYSTEINE        ? 'C3 H7 N O2 S'   121.158 
GLN 'L-peptide linking' y GLUTAMINE       ? 'C5 H10 N2 O3'   146.144 
GLU 'L-peptide linking' y 'GLUTAMIC ACID' ? 'C5 H9 N O4'     147.129 
GLY 'peptide linking'   y GLYCINE         ? 'C2 H5 N O2'     75.067  
HIS 'L-peptide linking' y HISTIDINE       ? 'C6 H10 N3 O2 1' 156.162 
ILE 'L-peptide linking' y ISOLEUCINE      ? 'C6 H13 N O2'    131.173 
LEU 'L-peptide linking' y LEUCINE         ? 'C6 H13 N O2'    131.173 
LYS 'L-peptide linking' y LYSINE          ? 'C6 H15 N2 O2 1' 147.195 
MET 'L-peptide linking' y METHIONINE      ? 'C5 H11 N O2 S'  149.211 
PHE 'L-peptide linking' y PHENYLALANINE   ? 'C9 H11 N O2'    165.189 
PRO 'L-peptide linking' y PROLINE         ? 'C5 H9 N O2'     115.130 
SER 'L-peptide linking' y SERINE          ? 'C3 H7 N O3'     105.093 
THR 'L-peptide linking' y THREONINE       ? 'C4 H9 N O3'     119.119 
TRP 'L-peptide linking' y TRYPTOPHAN      ? 'C11 H12 N2 O2'  204.225 
TYR 'L-peptide linking' y TYROSINE        ? 'C9 H11 N O3'    181.189 
VAL 'L-peptide linking' y VALINE          ? 'C5 H11 N O2'    117.146 
# 
loop_
_pdbx_poly_seq_scheme.asym_id 
_pdbx_poly_seq_scheme.entity_id 
_pdbx_poly_seq_scheme.seq_id 
_pdbx_poly_seq_scheme.mon_id 
_pdbx_poly_seq_scheme.ndb_seq_num 
_pdbx_poly_seq_scheme.pdb_seq_num 
_pdbx_poly_seq_scheme.auth_seq_num 
_pdbx_poly_seq_scheme.pdb_mon_id 
_pdbx_poly_seq_scheme.auth_mon_id 
_pdbx_poly_seq_scheme.pdb_strand_id 
_pdbx_poly_seq_scheme.pdb_ins_code 
_pdbx_poly_seq_scheme.hetero 
A 1 1  HIS 1  1  ?  ?   ?   A . n 
A 1 2  MET 2  2  ?  ?   ?   A . n 
A 1 3  GLU 3  3  3  GLU GLU A . n 
A 1 4  THR 4  4  4  THR THR A . n 
A 1 5  LYS 5  5  5  LYS LYS A . n 
A 1 6  PHE 6  6  6  PHE PHE A . n 
A 1 7  VAL 7  7  7  VAL VAL A . n 
A 1 8  GLN 8  8  8  GLN GLN A . n 
A 1 9  ALA 9  9  9  ALA ALA A . n 
A 1 10 LEU 10 10 10 LEU LEU A . n 
A 1 11 PHE 11 11 11 PHE PHE A . n 
A 1 12 ASP 12 12 12 ASP ASP A . n 
A 1 13 PHE 13 13 13 PHE PHE A . n 
A 1 14 ASN 14 14 14 ASN ASN A . n 
A 1 15 PRO 15 15 15 PRO PRO A . n 
A 1 16 GLN 16 16 16 GLN GLN A . n 
A 1 17 GLU 17 17 17 GLU GLU A . n 
A 1 18 SER 18 18 18 SER SER A . n 
A 1 19 GLY 19 19 19 GLY GLY A . n 
A 1 20 GLU 20 20 20 GLU GLU A . n 
A 1 21 LEU 21 21 21 LEU LEU A . n 
A 1 22 ALA 22 22 22 ALA ALA A . n 
A 1 23 PHE 23 23 23 PHE PHE A . n 
A 1 24 LYS 24 24 24 LYS LYS A . n 
A 1 25 ARG 25 25 25 ARG ARG A . n 
A 1 26 GLY 26 26 26 GLY GLY A . n 
A 1 27 ASP 27 27 27 ASP ASP A . n 
A 1 28 VAL 28 28 28 VAL VAL A . n 
A 1 29 ILE 29 29 29 ILE ILE A . n 
A 1 30 THR 30 30 30 THR THR A . n 
A 1 31 LEU 31 31 31 LEU LEU A . n 
A 1 32 ILE 32 32 32 ILE ILE A . n 
A 1 33 ASN 33 33 33 ASN ASN A . n 
A 1 34 LYS 34 34 34 LYS LYS A . n 
A 1 35 ASP 35 35 35 ASP ASP A . n 
A 1 36 ASP 36 36 36 ASP ASP A . n 
A 1 37 PRO 37 37 37 PRO PRO A . n 
A 1 38 ASN 38 38 38 ASN ASN A . n 
A 1 39 TRP 39 39 39 TRP TRP A . n 
A 1 40 TRP 40 40 40 TRP TRP A . n 
A 1 41 GLU 41 41 41 GLU GLU A . n 
A 1 42 GLY 42 42 42 GLY GLY A . n 
A 1 43 GLN 43 43 43 GLN GLN A . n 
A 1 44 LEU 44 44 44 LEU LEU A . n 
A 1 45 ASN 45 45 45 ASN ASN A . n 
A 1 46 ASN 46 46 46 ASN ASN A . n 
A 1 47 ARG 47 47 47 ARG ARG A . n 
A 1 48 ARG 48 48 48 ARG ARG A . n 
A 1 49 GLY 49 49 49 GLY GLY A . n 
A 1 50 ILE 50 50 50 ILE ILE A . n 
A 1 51 PHE 51 51 51 PHE PHE A . n 
A 1 52 PRO 52 52 52 PRO PRO A . n 
A 1 53 SER 53 53 53 SER SER A . n 
A 1 54 ASN 54 54 54 ASN ASN A . n 
A 1 55 TYR 55 55 55 TYR TYR A . n 
A 1 56 VAL 56 56 56 VAL VAL A . n 
A 1 57 ALA 57 57 57 ALA ALA A . n 
A 1 58 PRO 58 58 58 PRO PRO A . n 
A 1 59 TYR 59 59 59 TYR TYR A . n 
A 1 60 ASN 60 60 60 ASN ASN A . n 
A 1 61 SER 61 61 61 SER SER A . n 
A 1 62 ASN 62 62 62 ASN ASN A . n 
# 
_software.name             CNS 
_software.classification   refinement 
_software.version          . 
_software.citation_id      ? 
_software.pdbx_ordinal     1 
# 
_exptl.entry_id          1K76 
_exptl.method            'SOLUTION NMR' 
_exptl.crystals_number   ? 
# 
_exptl_crystal.id                    1 
_exptl_crystal.density_meas          ? 
_exptl_crystal.density_Matthews      ? 
_exptl_crystal.density_percent_sol   ? 
_exptl_crystal.description           ? 
# 
_diffrn.id                     1 
_diffrn.ambient_temp           ? 
_diffrn.ambient_temp_details   ? 
_diffrn.crystal_id             1 
# 
_diffrn_radiation.diffrn_id                        1 
_diffrn_radiation.wavelength_id                    1 
_diffrn_radiation.pdbx_monochromatic_or_laue_m_l   M 
_diffrn_radiation.monochromator                    ? 
_diffrn_radiation.pdbx_diffrn_protocol             'SINGLE WAVELENGTH' 
_diffrn_radiation.pdbx_scattering_type             ? 
# 
_diffrn_radiation_wavelength.id           1 
_diffrn_radiation_wavelength.wavelength   . 
_diffrn_radiation_wavelength.wt           1.0 
# 
_struct.entry_id                  1K76 
_struct.title                     'Solution Structure of the C-terminal Sem-5 SH3 Domain (Minimized Average Structure)' 
_struct.pdbx_model_details        ? 
_struct.pdbx_CASP_flag            ? 
_struct.pdbx_model_type_details   'minimized average' 
# 
_struct_keywords.entry_id        1K76 
_struct_keywords.pdbx_keywords   'SIGNALING PROTEIN' 
_struct_keywords.text            'all beta protein, SIGNALING PROTEIN' 
# 
_struct_asym.id                            A 
_struct_asym.pdbx_blank_PDB_chainid_flag   N 
_struct_asym.pdbx_modified                 N 
_struct_asym.entity_id                     1 
_struct_asym.details                       ? 
# 
_struct_ref.id                         1 
_struct_ref.db_name                    UNP 
_struct_ref.db_code                    SEM5_CAEEL 
_struct_ref.entity_id                  1 
_struct_ref.pdbx_seq_one_letter_code   ETKFVQALFDFNPQESGELAFKRGDVITLINKDDPNWWEGQLNNRRGIFPSNYVCPYNSN 
_struct_ref.pdbx_align_begin           155 
_struct_ref.pdbx_db_accession          P29355 
_struct_ref.pdbx_db_isoform            ? 
# 
_struct_ref_seq.align_id                      1 
_struct_ref_seq.ref_id                        1 
_struct_ref_seq.pdbx_PDB_id_code              1K76 
_struct_ref_seq.pdbx_strand_id                A 
_struct_ref_seq.seq_align_beg                 3 
_struct_ref_seq.pdbx_seq_align_beg_ins_code   ? 
_struct_ref_seq.seq_align_end                 62 
_struct_ref_seq.pdbx_seq_align_end_ins_code   ? 
_struct_ref_seq.pdbx_db_accession             P29355 
_struct_ref_seq.db_align_beg                  155 
_struct_ref_seq.pdbx_db_align_beg_ins_code    ? 
_struct_ref_seq.db_align_end                  214 
_struct_ref_seq.pdbx_db_align_end_ins_code    ? 
_struct_ref_seq.pdbx_auth_seq_align_beg       3 
_struct_ref_seq.pdbx_auth_seq_align_end       62 
# 
_struct_ref_seq_dif.align_id                     1 
_struct_ref_seq_dif.pdbx_pdb_id_code             1K76 
_struct_ref_seq_dif.mon_id                       ALA 
_struct_ref_seq_dif.pdbx_pdb_strand_id           A 
_struct_ref_seq_dif.seq_num                      57 
_struct_ref_seq_dif.pdbx_pdb_ins_code            ? 
_struct_ref_seq_dif.pdbx_seq_db_name             UNP 
_struct_ref_seq_dif.pdbx_seq_db_accession_code   P29355 
_struct_ref_seq_dif.db_mon_id                    CYS 
_struct_ref_seq_dif.pdbx_seq_db_seq_num          209 
_struct_ref_seq_dif.details                      'engineered mutation' 
_struct_ref_seq_dif.pdbx_auth_seq_num            57 
_struct_ref_seq_dif.pdbx_ordinal                 1 
# 
_pdbx_struct_assembly.id                   1 
_pdbx_struct_assembly.details              author_defined_assembly 
_pdbx_struct_assembly.method_details       ? 
_pdbx_struct_assembly.oligomeric_details   monomeric 
_pdbx_struct_assembly.oligomeric_count     1 
# 
_pdbx_struct_assembly_gen.assembly_id       1 
_pdbx_struct_assembly_gen.oper_expression   1 
_pdbx_struct_assembly_gen.asym_id_list      A 
# 
_pdbx_struct_oper_list.id                   1 
_pdbx_struct_oper_list.type                 'identity operation' 
_pdbx_struct_oper_list.name                 1_555 
_pdbx_struct_oper_list.symmetry_operation   ? 
_pdbx_struct_oper_list.matrix[1][1]         1.0000000000 
_pdbx_struct_oper_list.matrix[1][2]         0.0000000000 
_pdbx_struct_oper_list.matrix[1][3]         0.0000000000 
_pdbx_struct_oper_list.vector[1]            0.0000000000 
_pdbx_struct_oper_list.matrix[2][1]         0.0000000000 
_pdbx_struct_oper_list.matrix[2][2]         1.0000000000 
_pdbx_struct_oper_list.matrix[2][3]         0.0000000000 
_pdbx_struct_oper_list.vector[2]            0.0000000000 
_pdbx_struct_oper_list.matrix[3][1]         0.0000000000 
_pdbx_struct_oper_list.matrix[3][2]         0.0000000000 
_pdbx_struct_oper_list.matrix[3][3]         1.0000000000 
_pdbx_struct_oper_list.vector[3]            0.0000000000 
# 
_struct_biol.id   1 
# 
_struct_sheet.id               A 
_struct_sheet.type             ? 
_struct_sheet.number_strands   5 
_struct_sheet.details          ? 
# 
loop_
_struct_sheet_order.sheet_id 
_struct_sheet_order.range_id_1 
_struct_sheet_order.range_id_2 
_struct_sheet_order.offset 
_struct_sheet_order.sense 
A 1 2 ? anti-parallel 
A 2 3 ? anti-parallel 
A 3 4 ? anti-parallel 
A 4 5 ? anti-parallel 
# 
loop_
_struct_sheet_range.sheet_id 
_struct_sheet_range.id 
_struct_sheet_range.beg_label_comp_id 
_struct_sheet_range.beg_label_asym_id 
_struct_sheet_range.beg_label_seq_id 
_struct_sheet_range.pdbx_beg_PDB_ins_code 
_struct_sheet_range.end_label_comp_id 
_struct_sheet_range.end_label_asym_id 
_struct_sheet_range.end_label_seq_id 
_struct_sheet_range.pdbx_end_PDB_ins_code 
_struct_sheet_range.beg_auth_comp_id 
_struct_sheet_range.beg_auth_asym_id 
_struct_sheet_range.beg_auth_seq_id 
_struct_sheet_range.end_auth_comp_id 
_struct_sheet_range.end_auth_asym_id 
_struct_sheet_range.end_auth_seq_id 
A 1 ARG A 47 ? PRO A 52 ? ARG A 47 PRO A 52 
A 2 TRP A 39 ? LEU A 44 ? TRP A 39 LEU A 44 
A 3 VAL A 28 ? ASN A 33 ? VAL A 28 ASN A 33 
A 4 PHE A 6  ? ALA A 9  ? PHE A 6  ALA A 9  
A 5 VAL A 56 ? PRO A 58 ? VAL A 56 PRO A 58 
# 
loop_
_pdbx_struct_sheet_hbond.sheet_id 
_pdbx_struct_sheet_hbond.range_id_1 
_pdbx_struct_sheet_hbond.range_id_2 
_pdbx_struct_sheet_hbond.range_1_label_atom_id 
_pdbx_struct_sheet_hbond.range_1_label_comp_id 
_pdbx_struct_sheet_hbond.range_1_label_asym_id 
_pdbx_struct_sheet_hbond.range_1_label_seq_id 
_pdbx_struct_sheet_hbond.range_1_PDB_ins_code 
_pdbx_struct_sheet_hbond.range_1_auth_atom_id 
_pdbx_struct_sheet_hbond.range_1_auth_comp_id 
_pdbx_struct_sheet_hbond.range_1_auth_asym_id 
_pdbx_struct_sheet_hbond.range_1_auth_seq_id 
_pdbx_struct_sheet_hbond.range_2_label_atom_id 
_pdbx_struct_sheet_hbond.range_2_label_comp_id 
_pdbx_struct_sheet_hbond.range_2_label_asym_id 
_pdbx_struct_sheet_hbond.range_2_label_seq_id 
_pdbx_struct_sheet_hbond.range_2_PDB_ins_code 
_pdbx_struct_sheet_hbond.range_2_auth_atom_id 
_pdbx_struct_sheet_hbond.range_2_auth_comp_id 
_pdbx_struct_sheet_hbond.range_2_auth_asym_id 
_pdbx_struct_sheet_hbond.range_2_auth_seq_id 
A 1 2 O GLY A 49 ? O GLY A 49 N GLY A 42 ? N GLY A 42 
A 2 3 O GLN A 43 ? O GLN A 43 N THR A 30 ? N THR A 30 
A 3 4 O ILE A 29 ? O ILE A 29 N VAL A 7  ? N VAL A 7  
A 4 5 N GLN A 8  ? N GLN A 8  O ALA A 57 ? O ALA A 57 
# 
loop_
_pdbx_validate_close_contact.id 
_pdbx_validate_close_contact.PDB_model_num 
_pdbx_validate_close_contact.auth_atom_id_1 
_pdbx_validate_close_contact.auth_asym_id_1 
_pdbx_validate_close_contact.auth_comp_id_1 
_pdbx_validate_close_contact.auth_seq_id_1 
_pdbx_validate_close_contact.PDB_ins_code_1 
_pdbx_validate_close_contact.label_alt_id_1 
_pdbx_validate_close_contact.auth_atom_id_2 
_pdbx_validate_close_contact.auth_asym_id_2 
_pdbx_validate_close_contact.auth_comp_id_2 
_pdbx_validate_close_contact.auth_seq_id_2 
_pdbx_validate_close_contact.PDB_ins_code_2 
_pdbx_validate_close_contact.label_alt_id_2 
_pdbx_validate_close_contact.dist 
1 1 HE2 A PHE 51 ? ? HG13 A VAL 56 ? ? 1.10 
2 1 OD2 A ASP 27 ? ? HD12 A LEU 44 ? ? 1.42 
3 1 O   A SER 61 ? ? HA   A ASN 62 ? ? 1.45 
4 1 OD1 A ASP 27 ? ? HD23 A LEU 44 ? ? 1.52 
5 1 O   A ASN 60 ? ? N    A ASN 62 ? ? 1.63 
6 1 C   A SER 61 ? ? CA   A ASN 62 ? ? 1.75 
# 
loop_
_pdbx_validate_rmsd_bond.id 
_pdbx_validate_rmsd_bond.PDB_model_num 
_pdbx_validate_rmsd_bond.auth_atom_id_1 
_pdbx_validate_rmsd_bond.auth_asym_id_1 
_pdbx_validate_rmsd_bond.auth_comp_id_1 
_pdbx_validate_rmsd_bond.auth_seq_id_1 
_pdbx_validate_rmsd_bond.PDB_ins_code_1 
_pdbx_validate_rmsd_bond.label_alt_id_1 
_pdbx_validate_rmsd_bond.auth_atom_id_2 
_pdbx_validate_rmsd_bond.auth_asym_id_2 
_pdbx_validate_rmsd_bond.auth_comp_id_2 
_pdbx_validate_rmsd_bond.auth_seq_id_2 
_pdbx_validate_rmsd_bond.PDB_ins_code_2 
_pdbx_validate_rmsd_bond.label_alt_id_2 
_pdbx_validate_rmsd_bond.bond_value 
_pdbx_validate_rmsd_bond.bond_target_value 
_pdbx_validate_rmsd_bond.bond_deviation 
_pdbx_validate_rmsd_bond.bond_standard_deviation 
_pdbx_validate_rmsd_bond.linker_flag 
1  1 N  A GLU 3  ? ? CA  A GLU 3  ? ? 1.177 1.459 -0.282 0.020 N 
2  1 CA A GLU 3  ? ? CB  A GLU 3  ? ? 1.397 1.535 -0.138 0.022 N 
3  1 CA A GLU 3  ? ? C   A GLU 3  ? ? 1.252 1.525 -0.273 0.026 N 
4  1 C  A GLU 3  ? ? N   A THR 4  ? ? 1.152 1.336 -0.184 0.023 Y 
5  1 N  A THR 4  ? ? CA  A THR 4  ? ? 1.241 1.459 -0.218 0.020 N 
6  1 CB A LYS 5  ? ? CG  A LYS 5  ? ? 1.329 1.521 -0.192 0.027 N 
7  1 CA A LYS 24 ? ? CB  A LYS 24 ? ? 1.394 1.535 -0.141 0.022 N 
8  1 CD A ARG 25 ? ? NE  A ARG 25 ? ? 1.324 1.460 -0.136 0.017 N 
9  1 NE A ARG 25 ? ? CZ  A ARG 25 ? ? 1.221 1.326 -0.105 0.013 N 
10 1 CZ A ARG 47 ? ? NH1 A ARG 47 ? ? 1.441 1.326 0.115  0.013 N 
11 1 CD A ARG 48 ? ? NE  A ARG 48 ? ? 1.345 1.460 -0.115 0.017 N 
12 1 CA A ASN 60 ? ? C   A ASN 60 ? ? 1.299 1.525 -0.226 0.026 N 
13 1 C  A ASN 60 ? ? N   A SER 61 ? ? 1.170 1.336 -0.166 0.023 Y 
14 1 N  A SER 61 ? ? CA  A SER 61 ? ? 1.205 1.459 -0.254 0.020 N 
15 1 CA A SER 61 ? ? CB  A SER 61 ? ? 1.425 1.525 -0.100 0.015 N 
16 1 C  A SER 61 ? ? N   A ASN 62 ? ? 1.150 1.336 -0.186 0.023 Y 
17 1 N  A ASN 62 ? ? CA  A ASN 62 ? ? 1.169 1.459 -0.290 0.020 N 
# 
loop_
_pdbx_validate_rmsd_angle.id 
_pdbx_validate_rmsd_angle.PDB_model_num 
_pdbx_validate_rmsd_angle.auth_atom_id_1 
_pdbx_validate_rmsd_angle.auth_asym_id_1 
_pdbx_validate_rmsd_angle.auth_comp_id_1 
_pdbx_validate_rmsd_angle.auth_seq_id_1 
_pdbx_validate_rmsd_angle.PDB_ins_code_1 
_pdbx_validate_rmsd_angle.label_alt_id_1 
_pdbx_validate_rmsd_angle.auth_atom_id_2 
_pdbx_validate_rmsd_angle.auth_asym_id_2 
_pdbx_validate_rmsd_angle.auth_comp_id_2 
_pdbx_validate_rmsd_angle.auth_seq_id_2 
_pdbx_validate_rmsd_angle.PDB_ins_code_2 
_pdbx_validate_rmsd_angle.label_alt_id_2 
_pdbx_validate_rmsd_angle.auth_atom_id_3 
_pdbx_validate_rmsd_angle.auth_asym_id_3 
_pdbx_validate_rmsd_angle.auth_comp_id_3 
_pdbx_validate_rmsd_angle.auth_seq_id_3 
_pdbx_validate_rmsd_angle.PDB_ins_code_3 
_pdbx_validate_rmsd_angle.label_alt_id_3 
_pdbx_validate_rmsd_angle.angle_value 
_pdbx_validate_rmsd_angle.angle_target_value 
_pdbx_validate_rmsd_angle.angle_deviation 
_pdbx_validate_rmsd_angle.angle_standard_deviation 
_pdbx_validate_rmsd_angle.linker_flag 
1  1 CA A GLU 3  ? ? C  A GLU 3  ? ? N   A THR 4  ? ? 103.64 117.20 -13.56 2.20 Y 
2  1 CG A LYS 5  ? ? CD A LYS 5  ? ? CE  A LYS 5  ? ? 93.89  111.90 -18.01 3.00 N 
3  1 CB A PHE 11 ? ? CG A PHE 11 ? ? CD2 A PHE 11 ? ? 116.40 120.80 -4.40  0.70 N 
4  1 CB A LYS 24 ? ? CG A LYS 24 ? ? CD  A LYS 24 ? ? 81.61  111.60 -29.99 2.60 N 
5  1 NE A ARG 25 ? ? CZ A ARG 25 ? ? NH1 A ARG 25 ? ? 112.68 120.30 -7.62  0.50 N 
6  1 NE A ARG 25 ? ? CZ A ARG 25 ? ? NH2 A ARG 25 ? ? 123.64 120.30 3.34   0.50 N 
7  1 NE A ARG 47 ? ? CZ A ARG 47 ? ? NH2 A ARG 47 ? ? 115.36 120.30 -4.94  0.50 N 
8  1 NE A ARG 48 ? ? CZ A ARG 48 ? ? NH1 A ARG 48 ? ? 113.16 120.30 -7.14  0.50 N 
9  1 CB A ASN 60 ? ? CA A ASN 60 ? ? C   A ASN 60 ? ? 97.78  110.40 -12.62 2.00 N 
10 1 N  A ASN 60 ? ? CA A ASN 60 ? ? CB  A ASN 60 ? ? 126.19 110.60 15.59  1.80 N 
11 1 CA A ASN 60 ? ? C  A ASN 60 ? ? N   A SER 61 ? ? 101.82 117.20 -15.38 2.20 Y 
12 1 C  A SER 61 ? ? N  A ASN 62 ? ? CA  A ASN 62 ? ? 98.24  121.70 -23.46 2.50 Y 
13 1 CA A ASN 62 ? ? CB A ASN 62 ? ? CG  A ASN 62 ? ? 89.46  113.40 -23.94 2.20 N 
14 1 N  A ASN 62 ? ? CA A ASN 62 ? ? C   A ASN 62 ? ? 88.10  111.00 -22.90 2.70 N 
# 
loop_
_pdbx_validate_torsion.id 
_pdbx_validate_torsion.PDB_model_num 
_pdbx_validate_torsion.auth_comp_id 
_pdbx_validate_torsion.auth_asym_id 
_pdbx_validate_torsion.auth_seq_id 
_pdbx_validate_torsion.PDB_ins_code 
_pdbx_validate_torsion.label_alt_id 
_pdbx_validate_torsion.phi 
_pdbx_validate_torsion.psi 
1 1 LYS A 24 ? ? -123.28 -166.19 
2 1 ASN A 45 ? ? 79.65   -37.75  
3 1 ASN A 46 ? ? -171.78 -23.05  
4 1 ALA A 57 ? ? -161.34 114.65  
5 1 ASN A 60 ? ? 38.54   62.24   
6 1 SER A 61 ? ? -25.22  94.93   
# 
_pdbx_validate_planes.id              1 
_pdbx_validate_planes.PDB_model_num   1 
_pdbx_validate_planes.auth_comp_id    ARG 
_pdbx_validate_planes.auth_asym_id    A 
_pdbx_validate_planes.auth_seq_id     47 
_pdbx_validate_planes.PDB_ins_code    ? 
_pdbx_validate_planes.label_alt_id    ? 
_pdbx_validate_planes.rmsd            0.156 
_pdbx_validate_planes.type            'SIDE CHAIN' 
# 
loop_
_pdbx_validate_polymer_linkage.id 
_pdbx_validate_polymer_linkage.PDB_model_num 
_pdbx_validate_polymer_linkage.auth_atom_id_1 
_pdbx_validate_polymer_linkage.auth_asym_id_1 
_pdbx_validate_polymer_linkage.auth_comp_id_1 
_pdbx_validate_polymer_linkage.auth_seq_id_1 
_pdbx_validate_polymer_linkage.PDB_ins_code_1 
_pdbx_validate_polymer_linkage.label_alt_id_1 
_pdbx_validate_polymer_linkage.auth_atom_id_2 
_pdbx_validate_polymer_linkage.auth_asym_id_2 
_pdbx_validate_polymer_linkage.auth_comp_id_2 
_pdbx_validate_polymer_linkage.auth_seq_id_2 
_pdbx_validate_polymer_linkage.PDB_ins_code_2 
_pdbx_validate_polymer_linkage.label_alt_id_2 
_pdbx_validate_polymer_linkage.dist 
1 1 C A GLU 3  ? ? N A THR 4  ? ? 1.15 
2 1 C A ASN 60 ? ? N A SER 61 ? ? 1.17 
3 1 C A SER 61 ? ? N A ASN 62 ? ? 1.15 
# 
_pdbx_nmr_ensemble.entry_id                                      1K76 
_pdbx_nmr_ensemble.conformers_calculated_total_number            50 
_pdbx_nmr_ensemble.conformers_submitted_total_number             1 
_pdbx_nmr_ensemble.conformer_selection_criteria                  
'structures with the least restraint violations,structures with the lowest energy' 
_pdbx_nmr_ensemble.average_constraints_per_residue               ? 
_pdbx_nmr_ensemble.average_constraint_violations_per_residue     ? 
_pdbx_nmr_ensemble.maximum_distance_constraint_violation         ? 
_pdbx_nmr_ensemble.average_distance_constraint_violation         ? 
_pdbx_nmr_ensemble.maximum_upper_distance_constraint_violation   ? 
_pdbx_nmr_ensemble.maximum_lower_distance_constraint_violation   ? 
_pdbx_nmr_ensemble.distance_constraint_violation_method          ? 
_pdbx_nmr_ensemble.maximum_torsion_angle_constraint_violation    ? 
_pdbx_nmr_ensemble.average_torsion_angle_constraint_violation    ? 
_pdbx_nmr_ensemble.torsion_angle_constraint_violation_method     ? 
# 
_pdbx_nmr_representative.entry_id             1K76 
_pdbx_nmr_representative.conformer_id         ? 
_pdbx_nmr_representative.selection_criteria   'minimized average structure' 
# 
_pdbx_nmr_sample_details.solution_id      1 
_pdbx_nmr_sample_details.contents         
;13C,15N 1mM Sem-5 SH3 domain   
50 mM sodium acetate buffer,   
10 mM CaCl2, 100 mM NaCl,pH 4.8, 90%h20, 10%d20
;
_pdbx_nmr_sample_details.solvent_system   '90%h20, 10%d20' 
# 
_pdbx_nmr_exptl_sample_conditions.conditions_id       1 
_pdbx_nmr_exptl_sample_conditions.temperature         298 
_pdbx_nmr_exptl_sample_conditions.pressure            ambient 
_pdbx_nmr_exptl_sample_conditions.pH                  4.8 
_pdbx_nmr_exptl_sample_conditions.ionic_strength      '100 mM NaCl' 
_pdbx_nmr_exptl_sample_conditions.pressure_units      ? 
_pdbx_nmr_exptl_sample_conditions.temperature_units   K 
# 
loop_
_pdbx_nmr_exptl.experiment_id 
_pdbx_nmr_exptl.solution_id 
_pdbx_nmr_exptl.conditions_id 
_pdbx_nmr_exptl.type 
1 1 1 '3D 15N-NOESY-HSQC' 
2 1 1 '3D 13C-NOESY-HSQC' 
# 
_pdbx_nmr_details.entry_id   1K76 
_pdbx_nmr_details.text       
;The structure was determined 
using triple-resonance NMR spectroscopy
;
# 
_pdbx_nmr_refine.entry_id           1K76 
_pdbx_nmr_refine.method             
;distance geometry 
simulated annealing 
molecular dynamics
;
_pdbx_nmr_refine.details            ? 
_pdbx_nmr_refine.software_ordinal   1 
# 
loop_
_pdbx_nmr_software.name 
_pdbx_nmr_software.version 
_pdbx_nmr_software.classification 
_pdbx_nmr_software.authors 
_pdbx_nmr_software.ordinal 
CNS   1.0 'structure solution' Brunger           1 
Felix ?   processing           MSI               2 
VNMR  ?   collection           Varian            3 
CNS   ?   refinement           'Brunger, et al.' 4 
# 
loop_
_pdbx_unobs_or_zero_occ_residues.id 
_pdbx_unobs_or_zero_occ_residues.PDB_model_num 
_pdbx_unobs_or_zero_occ_residues.polymer_flag 
_pdbx_unobs_or_zero_occ_residues.occupancy_flag 
_pdbx_unobs_or_zero_occ_residues.auth_asym_id 
_pdbx_unobs_or_zero_occ_residues.auth_comp_id 
_pdbx_unobs_or_zero_occ_residues.auth_seq_id 
_pdbx_unobs_or_zero_occ_residues.PDB_ins_code 
_pdbx_unobs_or_zero_occ_residues.label_asym_id 
_pdbx_unobs_or_zero_occ_residues.label_comp_id 
_pdbx_unobs_or_zero_occ_residues.label_seq_id 
1 1 Y 1 A HIS 1 ? A HIS 1 
2 1 Y 1 A MET 2 ? A MET 2 
# 
loop_
_chem_comp_atom.comp_id 
_chem_comp_atom.atom_id 
_chem_comp_atom.type_symbol 
_chem_comp_atom.pdbx_aromatic_flag 
_chem_comp_atom.pdbx_stereo_config 
_chem_comp_atom.pdbx_ordinal 
ALA N    N N N 1   
ALA CA   C N S 2   
ALA C    C N N 3   
ALA O    O N N 4   
ALA CB   C N N 5   
ALA OXT  O N N 6   
ALA H    H N N 7   
ALA H2   H N N 8   
ALA HA   H N N 9   
ALA HB1  H N N 10  
ALA HB2  H N N 11  
ALA HB3  H N N 12  
ALA HXT  H N N 13  
ARG N    N N N 14  
ARG CA   C N S 15  
ARG C    C N N 16  
ARG O    O N N 17  
ARG CB   C N N 18  
ARG CG   C N N 19  
ARG CD   C N N 20  
ARG NE   N N N 21  
ARG CZ   C N N 22  
ARG NH1  N N N 23  
ARG NH2  N N N 24  
ARG OXT  O N N 25  
ARG H    H N N 26  
ARG H2   H N N 27  
ARG HA   H N N 28  
ARG HB2  H N N 29  
ARG HB3  H N N 30  
ARG HG2  H N N 31  
ARG HG3  H N N 32  
ARG HD2  H N N 33  
ARG HD3  H N N 34  
ARG HE   H N N 35  
ARG HH11 H N N 36  
ARG HH12 H N N 37  
ARG HH21 H N N 38  
ARG HH22 H N N 39  
ARG HXT  H N N 40  
ASN N    N N N 41  
ASN CA   C N S 42  
ASN C    C N N 43  
ASN O    O N N 44  
ASN CB   C N N 45  
ASN CG   C N N 46  
ASN OD1  O N N 47  
ASN ND2  N N N 48  
ASN OXT  O N N 49  
ASN H    H N N 50  
ASN H2   H N N 51  
ASN HA   H N N 52  
ASN HB2  H N N 53  
ASN HB3  H N N 54  
ASN HD21 H N N 55  
ASN HD22 H N N 56  
ASN HXT  H N N 57  
ASP N    N N N 58  
ASP CA   C N S 59  
ASP C    C N N 60  
ASP O    O N N 61  
ASP CB   C N N 62  
ASP CG   C N N 63  
ASP OD1  O N N 64  
ASP OD2  O N N 65  
ASP OXT  O N N 66  
ASP H    H N N 67  
ASP H2   H N N 68  
ASP HA   H N N 69  
ASP HB2  H N N 70  
ASP HB3  H N N 71  
ASP HD2  H N N 72  
ASP HXT  H N N 73  
CYS N    N N N 74  
CYS CA   C N R 75  
CYS C    C N N 76  
CYS O    O N N 77  
CYS CB   C N N 78  
CYS SG   S N N 79  
CYS OXT  O N N 80  
CYS H    H N N 81  
CYS H2   H N N 82  
CYS HA   H N N 83  
CYS HB2  H N N 84  
CYS HB3  H N N 85  
CYS HG   H N N 86  
CYS HXT  H N N 87  
GLN N    N N N 88  
GLN CA   C N S 89  
GLN C    C N N 90  
GLN O    O N N 91  
GLN CB   C N N 92  
GLN CG   C N N 93  
GLN CD   C N N 94  
GLN OE1  O N N 95  
GLN NE2  N N N 96  
GLN OXT  O N N 97  
GLN H    H N N 98  
GLN H2   H N N 99  
GLN HA   H N N 100 
GLN HB2  H N N 101 
GLN HB3  H N N 102 
GLN HG2  H N N 103 
GLN HG3  H N N 104 
GLN HE21 H N N 105 
GLN HE22 H N N 106 
GLN HXT  H N N 107 
GLU N    N N N 108 
GLU CA   C N S 109 
GLU C    C N N 110 
GLU O    O N N 111 
GLU CB   C N N 112 
GLU CG   C N N 113 
GLU CD   C N N 114 
GLU OE1  O N N 115 
GLU OE2  O N N 116 
GLU OXT  O N N 117 
GLU H    H N N 118 
GLU H2   H N N 119 
GLU HA   H N N 120 
GLU HB2  H N N 121 
GLU HB3  H N N 122 
GLU HG2  H N N 123 
GLU HG3  H N N 124 
GLU HE2  H N N 125 
GLU HXT  H N N 126 
GLY N    N N N 127 
GLY CA   C N N 128 
GLY C    C N N 129 
GLY O    O N N 130 
GLY OXT  O N N 131 
GLY H    H N N 132 
GLY H2   H N N 133 
GLY HA2  H N N 134 
GLY HA3  H N N 135 
GLY HXT  H N N 136 
HIS N    N N N 137 
HIS CA   C N S 138 
HIS C    C N N 139 
HIS O    O N N 140 
HIS CB   C N N 141 
HIS CG   C Y N 142 
HIS ND1  N Y N 143 
HIS CD2  C Y N 144 
HIS CE1  C Y N 145 
HIS NE2  N Y N 146 
HIS OXT  O N N 147 
HIS H    H N N 148 
HIS H2   H N N 149 
HIS HA   H N N 150 
HIS HB2  H N N 151 
HIS HB3  H N N 152 
HIS HD1  H N N 153 
HIS HD2  H N N 154 
HIS HE1  H N N 155 
HIS HE2  H N N 156 
HIS HXT  H N N 157 
ILE N    N N N 158 
ILE CA   C N S 159 
ILE C    C N N 160 
ILE O    O N N 161 
ILE CB   C N S 162 
ILE CG1  C N N 163 
ILE CG2  C N N 164 
ILE CD1  C N N 165 
ILE OXT  O N N 166 
ILE H    H N N 167 
ILE H2   H N N 168 
ILE HA   H N N 169 
ILE HB   H N N 170 
ILE HG12 H N N 171 
ILE HG13 H N N 172 
ILE HG21 H N N 173 
ILE HG22 H N N 174 
ILE HG23 H N N 175 
ILE HD11 H N N 176 
ILE HD12 H N N 177 
ILE HD13 H N N 178 
ILE HXT  H N N 179 
LEU N    N N N 180 
LEU CA   C N S 181 
LEU C    C N N 182 
LEU O    O N N 183 
LEU CB   C N N 184 
LEU CG   C N N 185 
LEU CD1  C N N 186 
LEU CD2  C N N 187 
LEU OXT  O N N 188 
LEU H    H N N 189 
LEU H2   H N N 190 
LEU HA   H N N 191 
LEU HB2  H N N 192 
LEU HB3  H N N 193 
LEU HG   H N N 194 
LEU HD11 H N N 195 
LEU HD12 H N N 196 
LEU HD13 H N N 197 
LEU HD21 H N N 198 
LEU HD22 H N N 199 
LEU HD23 H N N 200 
LEU HXT  H N N 201 
LYS N    N N N 202 
LYS CA   C N S 203 
LYS C    C N N 204 
LYS O    O N N 205 
LYS CB   C N N 206 
LYS CG   C N N 207 
LYS CD   C N N 208 
LYS CE   C N N 209 
LYS NZ   N N N 210 
LYS OXT  O N N 211 
LYS H    H N N 212 
LYS H2   H N N 213 
LYS HA   H N N 214 
LYS HB2  H N N 215 
LYS HB3  H N N 216 
LYS HG2  H N N 217 
LYS HG3  H N N 218 
LYS HD2  H N N 219 
LYS HD3  H N N 220 
LYS HE2  H N N 221 
LYS HE3  H N N 222 
LYS HZ1  H N N 223 
LYS HZ2  H N N 224 
LYS HZ3  H N N 225 
LYS HXT  H N N 226 
MET N    N N N 227 
MET CA   C N S 228 
MET C    C N N 229 
MET O    O N N 230 
MET CB   C N N 231 
MET CG   C N N 232 
MET SD   S N N 233 
MET CE   C N N 234 
MET OXT  O N N 235 
MET H    H N N 236 
MET H2   H N N 237 
MET HA   H N N 238 
MET HB2  H N N 239 
MET HB3  H N N 240 
MET HG2  H N N 241 
MET HG3  H N N 242 
MET HE1  H N N 243 
MET HE2  H N N 244 
MET HE3  H N N 245 
MET HXT  H N N 246 
PHE N    N N N 247 
PHE CA   C N S 248 
PHE C    C N N 249 
PHE O    O N N 250 
PHE CB   C N N 251 
PHE CG   C Y N 252 
PHE CD1  C Y N 253 
PHE CD2  C Y N 254 
PHE CE1  C Y N 255 
PHE CE2  C Y N 256 
PHE CZ   C Y N 257 
PHE OXT  O N N 258 
PHE H    H N N 259 
PHE H2   H N N 260 
PHE HA   H N N 261 
PHE HB2  H N N 262 
PHE HB3  H N N 263 
PHE HD1  H N N 264 
PHE HD2  H N N 265 
PHE HE1  H N N 266 
PHE HE2  H N N 267 
PHE HZ   H N N 268 
PHE HXT  H N N 269 
PRO N    N N N 270 
PRO CA   C N S 271 
PRO C    C N N 272 
PRO O    O N N 273 
PRO CB   C N N 274 
PRO CG   C N N 275 
PRO CD   C N N 276 
PRO OXT  O N N 277 
PRO H    H N N 278 
PRO HA   H N N 279 
PRO HB2  H N N 280 
PRO HB3  H N N 281 
PRO HG2  H N N 282 
PRO HG3  H N N 283 
PRO HD2  H N N 284 
PRO HD3  H N N 285 
PRO HXT  H N N 286 
SER N    N N N 287 
SER CA   C N S 288 
SER C    C N N 289 
SER O    O N N 290 
SER CB   C N N 291 
SER OG   O N N 292 
SER OXT  O N N 293 
SER H    H N N 294 
SER H2   H N N 295 
SER HA   H N N 296 
SER HB2  H N N 297 
SER HB3  H N N 298 
SER HG   H N N 299 
SER HXT  H N N 300 
THR N    N N N 301 
THR CA   C N S 302 
THR C    C N N 303 
THR O    O N N 304 
THR CB   C N R 305 
THR OG1  O N N 306 
THR CG2  C N N 307 
THR OXT  O N N 308 
THR H    H N N 309 
THR H2   H N N 310 
THR HA   H N N 311 
THR HB   H N N 312 
THR HG1  H N N 313 
THR HG21 H N N 314 
THR HG22 H N N 315 
THR HG23 H N N 316 
THR HXT  H N N 317 
TRP N    N N N 318 
TRP CA   C N S 319 
TRP C    C N N 320 
TRP O    O N N 321 
TRP CB   C N N 322 
TRP CG   C Y N 323 
TRP CD1  C Y N 324 
TRP CD2  C Y N 325 
TRP NE1  N Y N 326 
TRP CE2  C Y N 327 
TRP CE3  C Y N 328 
TRP CZ2  C Y N 329 
TRP CZ3  C Y N 330 
TRP CH2  C Y N 331 
TRP OXT  O N N 332 
TRP H    H N N 333 
TRP H2   H N N 334 
TRP HA   H N N 335 
TRP HB2  H N N 336 
TRP HB3  H N N 337 
TRP HD1  H N N 338 
TRP HE1  H N N 339 
TRP HE3  H N N 340 
TRP HZ2  H N N 341 
TRP HZ3  H N N 342 
TRP HH2  H N N 343 
TRP HXT  H N N 344 
TYR N    N N N 345 
TYR CA   C N S 346 
TYR C    C N N 347 
TYR O    O N N 348 
TYR CB   C N N 349 
TYR CG   C Y N 350 
TYR CD1  C Y N 351 
TYR CD2  C Y N 352 
TYR CE1  C Y N 353 
TYR CE2  C Y N 354 
TYR CZ   C Y N 355 
TYR OH   O N N 356 
TYR OXT  O N N 357 
TYR H    H N N 358 
TYR H2   H N N 359 
TYR HA   H N N 360 
TYR HB2  H N N 361 
TYR HB3  H N N 362 
TYR HD1  H N N 363 
TYR HD2  H N N 364 
TYR HE1  H N N 365 
TYR HE2  H N N 366 
TYR HH   H N N 367 
TYR HXT  H N N 368 
VAL N    N N N 369 
VAL CA   C N S 370 
VAL C    C N N 371 
VAL O    O N N 372 
VAL CB   C N N 373 
VAL CG1  C N N 374 
VAL CG2  C N N 375 
VAL OXT  O N N 376 
VAL H    H N N 377 
VAL H2   H N N 378 
VAL HA   H N N 379 
VAL HB   H N N 380 
VAL HG11 H N N 381 
VAL HG12 H N N 382 
VAL HG13 H N N 383 
VAL HG21 H N N 384 
VAL HG22 H N N 385 
VAL HG23 H N N 386 
VAL HXT  H N N 387 
# 
loop_
_chem_comp_bond.comp_id 
_chem_comp_bond.atom_id_1 
_chem_comp_bond.atom_id_2 
_chem_comp_bond.value_order 
_chem_comp_bond.pdbx_aromatic_flag 
_chem_comp_bond.pdbx_stereo_config 
_chem_comp_bond.pdbx_ordinal 
ALA N   CA   sing N N 1   
ALA N   H    sing N N 2   
ALA N   H2   sing N N 3   
ALA CA  C    sing N N 4   
ALA CA  CB   sing N N 5   
ALA CA  HA   sing N N 6   
ALA C   O    doub N N 7   
ALA C   OXT  sing N N 8   
ALA CB  HB1  sing N N 9   
ALA CB  HB2  sing N N 10  
ALA CB  HB3  sing N N 11  
ALA OXT HXT  sing N N 12  
ARG N   CA   sing N N 13  
ARG N   H    sing N N 14  
ARG N   H2   sing N N 15  
ARG CA  C    sing N N 16  
ARG CA  CB   sing N N 17  
ARG CA  HA   sing N N 18  
ARG C   O    doub N N 19  
ARG C   OXT  sing N N 20  
ARG CB  CG   sing N N 21  
ARG CB  HB2  sing N N 22  
ARG CB  HB3  sing N N 23  
ARG CG  CD   sing N N 24  
ARG CG  HG2  sing N N 25  
ARG CG  HG3  sing N N 26  
ARG CD  NE   sing N N 27  
ARG CD  HD2  sing N N 28  
ARG CD  HD3  sing N N 29  
ARG NE  CZ   sing N N 30  
ARG NE  HE   sing N N 31  
ARG CZ  NH1  sing N N 32  
ARG CZ  NH2  doub N N 33  
ARG NH1 HH11 sing N N 34  
ARG NH1 HH12 sing N N 35  
ARG NH2 HH21 sing N N 36  
ARG NH2 HH22 sing N N 37  
ARG OXT HXT  sing N N 38  
ASN N   CA   sing N N 39  
ASN N   H    sing N N 40  
ASN N   H2   sing N N 41  
ASN CA  C    sing N N 42  
ASN CA  CB   sing N N 43  
ASN CA  HA   sing N N 44  
ASN C   O    doub N N 45  
ASN C   OXT  sing N N 46  
ASN CB  CG   sing N N 47  
ASN CB  HB2  sing N N 48  
ASN CB  HB3  sing N N 49  
ASN CG  OD1  doub N N 50  
ASN CG  ND2  sing N N 51  
ASN ND2 HD21 sing N N 52  
ASN ND2 HD22 sing N N 53  
ASN OXT HXT  sing N N 54  
ASP N   CA   sing N N 55  
ASP N   H    sing N N 56  
ASP N   H2   sing N N 57  
ASP CA  C    sing N N 58  
ASP CA  CB   sing N N 59  
ASP CA  HA   sing N N 60  
ASP C   O    doub N N 61  
ASP C   OXT  sing N N 62  
ASP CB  CG   sing N N 63  
ASP CB  HB2  sing N N 64  
ASP CB  HB3  sing N N 65  
ASP CG  OD1  doub N N 66  
ASP CG  OD2  sing N N 67  
ASP OD2 HD2  sing N N 68  
ASP OXT HXT  sing N N 69  
CYS N   CA   sing N N 70  
CYS N   H    sing N N 71  
CYS N   H2   sing N N 72  
CYS CA  C    sing N N 73  
CYS CA  CB   sing N N 74  
CYS CA  HA   sing N N 75  
CYS C   O    doub N N 76  
CYS C   OXT  sing N N 77  
CYS CB  SG   sing N N 78  
CYS CB  HB2  sing N N 79  
CYS CB  HB3  sing N N 80  
CYS SG  HG   sing N N 81  
CYS OXT HXT  sing N N 82  
GLN N   CA   sing N N 83  
GLN N   H    sing N N 84  
GLN N   H2   sing N N 85  
GLN CA  C    sing N N 86  
GLN CA  CB   sing N N 87  
GLN CA  HA   sing N N 88  
GLN C   O    doub N N 89  
GLN C   OXT  sing N N 90  
GLN CB  CG   sing N N 91  
GLN CB  HB2  sing N N 92  
GLN CB  HB3  sing N N 93  
GLN CG  CD   sing N N 94  
GLN CG  HG2  sing N N 95  
GLN CG  HG3  sing N N 96  
GLN CD  OE1  doub N N 97  
GLN CD  NE2  sing N N 98  
GLN NE2 HE21 sing N N 99  
GLN NE2 HE22 sing N N 100 
GLN OXT HXT  sing N N 101 
GLU N   CA   sing N N 102 
GLU N   H    sing N N 103 
GLU N   H2   sing N N 104 
GLU CA  C    sing N N 105 
GLU CA  CB   sing N N 106 
GLU CA  HA   sing N N 107 
GLU C   O    doub N N 108 
GLU C   OXT  sing N N 109 
GLU CB  CG   sing N N 110 
GLU CB  HB2  sing N N 111 
GLU CB  HB3  sing N N 112 
GLU CG  CD   sing N N 113 
GLU CG  HG2  sing N N 114 
GLU CG  HG3  sing N N 115 
GLU CD  OE1  doub N N 116 
GLU CD  OE2  sing N N 117 
GLU OE2 HE2  sing N N 118 
GLU OXT HXT  sing N N 119 
GLY N   CA   sing N N 120 
GLY N   H    sing N N 121 
GLY N   H2   sing N N 122 
GLY CA  C    sing N N 123 
GLY CA  HA2  sing N N 124 
GLY CA  HA3  sing N N 125 
GLY C   O    doub N N 126 
GLY C   OXT  sing N N 127 
GLY OXT HXT  sing N N 128 
HIS N   CA   sing N N 129 
HIS N   H    sing N N 130 
HIS N   H2   sing N N 131 
HIS CA  C    sing N N 132 
HIS CA  CB   sing N N 133 
HIS CA  HA   sing N N 134 
HIS C   O    doub N N 135 
HIS C   OXT  sing N N 136 
HIS CB  CG   sing N N 137 
HIS CB  HB2  sing N N 138 
HIS CB  HB3  sing N N 139 
HIS CG  ND1  sing Y N 140 
HIS CG  CD2  doub Y N 141 
HIS ND1 CE1  doub Y N 142 
HIS ND1 HD1  sing N N 143 
HIS CD2 NE2  sing Y N 144 
HIS CD2 HD2  sing N N 145 
HIS CE1 NE2  sing Y N 146 
HIS CE1 HE1  sing N N 147 
HIS NE2 HE2  sing N N 148 
HIS OXT HXT  sing N N 149 
ILE N   CA   sing N N 150 
ILE N   H    sing N N 151 
ILE N   H2   sing N N 152 
ILE CA  C    sing N N 153 
ILE CA  CB   sing N N 154 
ILE CA  HA   sing N N 155 
ILE C   O    doub N N 156 
ILE C   OXT  sing N N 157 
ILE CB  CG1  sing N N 158 
ILE CB  CG2  sing N N 159 
ILE CB  HB   sing N N 160 
ILE CG1 CD1  sing N N 161 
ILE CG1 HG12 sing N N 162 
ILE CG1 HG13 sing N N 163 
ILE CG2 HG21 sing N N 164 
ILE CG2 HG22 sing N N 165 
ILE CG2 HG23 sing N N 166 
ILE CD1 HD11 sing N N 167 
ILE CD1 HD12 sing N N 168 
ILE CD1 HD13 sing N N 169 
ILE OXT HXT  sing N N 170 
LEU N   CA   sing N N 171 
LEU N   H    sing N N 172 
LEU N   H2   sing N N 173 
LEU CA  C    sing N N 174 
LEU CA  CB   sing N N 175 
LEU CA  HA   sing N N 176 
LEU C   O    doub N N 177 
LEU C   OXT  sing N N 178 
LEU CB  CG   sing N N 179 
LEU CB  HB2  sing N N 180 
LEU CB  HB3  sing N N 181 
LEU CG  CD1  sing N N 182 
LEU CG  CD2  sing N N 183 
LEU CG  HG   sing N N 184 
LEU CD1 HD11 sing N N 185 
LEU CD1 HD12 sing N N 186 
LEU CD1 HD13 sing N N 187 
LEU CD2 HD21 sing N N 188 
LEU CD2 HD22 sing N N 189 
LEU CD2 HD23 sing N N 190 
LEU OXT HXT  sing N N 191 
LYS N   CA   sing N N 192 
LYS N   H    sing N N 193 
LYS N   H2   sing N N 194 
LYS CA  C    sing N N 195 
LYS CA  CB   sing N N 196 
LYS CA  HA   sing N N 197 
LYS C   O    doub N N 198 
LYS C   OXT  sing N N 199 
LYS CB  CG   sing N N 200 
LYS CB  HB2  sing N N 201 
LYS CB  HB3  sing N N 202 
LYS CG  CD   sing N N 203 
LYS CG  HG2  sing N N 204 
LYS CG  HG3  sing N N 205 
LYS CD  CE   sing N N 206 
LYS CD  HD2  sing N N 207 
LYS CD  HD3  sing N N 208 
LYS CE  NZ   sing N N 209 
LYS CE  HE2  sing N N 210 
LYS CE  HE3  sing N N 211 
LYS NZ  HZ1  sing N N 212 
LYS NZ  HZ2  sing N N 213 
LYS NZ  HZ3  sing N N 214 
LYS OXT HXT  sing N N 215 
MET N   CA   sing N N 216 
MET N   H    sing N N 217 
MET N   H2   sing N N 218 
MET CA  C    sing N N 219 
MET CA  CB   sing N N 220 
MET CA  HA   sing N N 221 
MET C   O    doub N N 222 
MET C   OXT  sing N N 223 
MET CB  CG   sing N N 224 
MET CB  HB2  sing N N 225 
MET CB  HB3  sing N N 226 
MET CG  SD   sing N N 227 
MET CG  HG2  sing N N 228 
MET CG  HG3  sing N N 229 
MET SD  CE   sing N N 230 
MET CE  HE1  sing N N 231 
MET CE  HE2  sing N N 232 
MET CE  HE3  sing N N 233 
MET OXT HXT  sing N N 234 
PHE N   CA   sing N N 235 
PHE N   H    sing N N 236 
PHE N   H2   sing N N 237 
PHE CA  C    sing N N 238 
PHE CA  CB   sing N N 239 
PHE CA  HA   sing N N 240 
PHE C   O    doub N N 241 
PHE C   OXT  sing N N 242 
PHE CB  CG   sing N N 243 
PHE CB  HB2  sing N N 244 
PHE CB  HB3  sing N N 245 
PHE CG  CD1  doub Y N 246 
PHE CG  CD2  sing Y N 247 
PHE CD1 CE1  sing Y N 248 
PHE CD1 HD1  sing N N 249 
PHE CD2 CE2  doub Y N 250 
PHE CD2 HD2  sing N N 251 
PHE CE1 CZ   doub Y N 252 
PHE CE1 HE1  sing N N 253 
PHE CE2 CZ   sing Y N 254 
PHE CE2 HE2  sing N N 255 
PHE CZ  HZ   sing N N 256 
PHE OXT HXT  sing N N 257 
PRO N   CA   sing N N 258 
PRO N   CD   sing N N 259 
PRO N   H    sing N N 260 
PRO CA  C    sing N N 261 
PRO CA  CB   sing N N 262 
PRO CA  HA   sing N N 263 
PRO C   O    doub N N 264 
PRO C   OXT  sing N N 265 
PRO CB  CG   sing N N 266 
PRO CB  HB2  sing N N 267 
PRO CB  HB3  sing N N 268 
PRO CG  CD   sing N N 269 
PRO CG  HG2  sing N N 270 
PRO CG  HG3  sing N N 271 
PRO CD  HD2  sing N N 272 
PRO CD  HD3  sing N N 273 
PRO OXT HXT  sing N N 274 
SER N   CA   sing N N 275 
SER N   H    sing N N 276 
SER N   H2   sing N N 277 
SER CA  C    sing N N 278 
SER CA  CB   sing N N 279 
SER CA  HA   sing N N 280 
SER C   O    doub N N 281 
SER C   OXT  sing N N 282 
SER CB  OG   sing N N 283 
SER CB  HB2  sing N N 284 
SER CB  HB3  sing N N 285 
SER OG  HG   sing N N 286 
SER OXT HXT  sing N N 287 
THR N   CA   sing N N 288 
THR N   H    sing N N 289 
THR N   H2   sing N N 290 
THR CA  C    sing N N 291 
THR CA  CB   sing N N 292 
THR CA  HA   sing N N 293 
THR C   O    doub N N 294 
THR C   OXT  sing N N 295 
THR CB  OG1  sing N N 296 
THR CB  CG2  sing N N 297 
THR CB  HB   sing N N 298 
THR OG1 HG1  sing N N 299 
THR CG2 HG21 sing N N 300 
THR CG2 HG22 sing N N 301 
THR CG2 HG23 sing N N 302 
THR OXT HXT  sing N N 303 
TRP N   CA   sing N N 304 
TRP N   H    sing N N 305 
TRP N   H2   sing N N 306 
TRP CA  C    sing N N 307 
TRP CA  CB   sing N N 308 
TRP CA  HA   sing N N 309 
TRP C   O    doub N N 310 
TRP C   OXT  sing N N 311 
TRP CB  CG   sing N N 312 
TRP CB  HB2  sing N N 313 
TRP CB  HB3  sing N N 314 
TRP CG  CD1  doub Y N 315 
TRP CG  CD2  sing Y N 316 
TRP CD1 NE1  sing Y N 317 
TRP CD1 HD1  sing N N 318 
TRP CD2 CE2  doub Y N 319 
TRP CD2 CE3  sing Y N 320 
TRP NE1 CE2  sing Y N 321 
TRP NE1 HE1  sing N N 322 
TRP CE2 CZ2  sing Y N 323 
TRP CE3 CZ3  doub Y N 324 
TRP CE3 HE3  sing N N 325 
TRP CZ2 CH2  doub Y N 326 
TRP CZ2 HZ2  sing N N 327 
TRP CZ3 CH2  sing Y N 328 
TRP CZ3 HZ3  sing N N 329 
TRP CH2 HH2  sing N N 330 
TRP OXT HXT  sing N N 331 
TYR N   CA   sing N N 332 
TYR N   H    sing N N 333 
TYR N   H2   sing N N 334 
TYR CA  C    sing N N 335 
TYR CA  CB   sing N N 336 
TYR CA  HA   sing N N 337 
TYR C   O    doub N N 338 
TYR C   OXT  sing N N 339 
TYR CB  CG   sing N N 340 
TYR CB  HB2  sing N N 341 
TYR CB  HB3  sing N N 342 
TYR CG  CD1  doub Y N 343 
TYR CG  CD2  sing Y N 344 
TYR CD1 CE1  sing Y N 345 
TYR CD1 HD1  sing N N 346 
TYR CD2 CE2  doub Y N 347 
TYR CD2 HD2  sing N N 348 
TYR CE1 CZ   doub Y N 349 
TYR CE1 HE1  sing N N 350 
TYR CE2 CZ   sing Y N 351 
TYR CE2 HE2  sing N N 352 
TYR CZ  OH   sing N N 353 
TYR OH  HH   sing N N 354 
TYR OXT HXT  sing N N 355 
VAL N   CA   sing N N 356 
VAL N   H    sing N N 357 
VAL N   H2   sing N N 358 
VAL CA  C    sing N N 359 
VAL CA  CB   sing N N 360 
VAL CA  HA   sing N N 361 
VAL C   O    doub N N 362 
VAL C   OXT  sing N N 363 
VAL CB  CG1  sing N N 364 
VAL CB  CG2  sing N N 365 
VAL CB  HB   sing N N 366 
VAL CG1 HG11 sing N N 367 
VAL CG1 HG12 sing N N 368 
VAL CG1 HG13 sing N N 369 
VAL CG2 HG21 sing N N 370 
VAL CG2 HG22 sing N N 371 
VAL CG2 HG23 sing N N 372 
VAL OXT HXT  sing N N 373 
# 
_pdbx_nmr_spectrometer.spectrometer_id   1 
_pdbx_nmr_spectrometer.type              ? 
_pdbx_nmr_spectrometer.manufacturer      Varian 
_pdbx_nmr_spectrometer.model             UNITYPLUS 
_pdbx_nmr_spectrometer.field_strength    400 
# 
_atom_sites.entry_id                    1K76 
_atom_sites.fract_transf_matrix[1][1]   1.000000 
_atom_sites.fract_transf_matrix[1][2]   0.000000 
_atom_sites.fract_transf_matrix[1][3]   0.000000 
_atom_sites.fract_transf_matrix[2][1]   0.000000 
_atom_sites.fract_transf_matrix[2][2]   1.000000 
_atom_sites.fract_transf_matrix[2][3]   0.000000 
_atom_sites.fract_transf_matrix[3][1]   0.000000 
_atom_sites.fract_transf_matrix[3][2]   0.000000 
_atom_sites.fract_transf_matrix[3][3]   1.000000 
_atom_sites.fract_transf_vector[1]      0.00000 
_atom_sites.fract_transf_vector[2]      0.00000 
_atom_sites.fract_transf_vector[3]      0.00000 
# 
loop_
_atom_type.symbol 
C 
H 
N 
O 
# 
loop_
_atom_site.group_PDB 
_atom_site.id 
_atom_site.type_symbol 
_atom_site.label_atom_id 
_atom_site.label_alt_id 
_atom_site.label_comp_id 
_atom_site.label_asym_id 
_atom_site.label_entity_id 
_atom_site.label_seq_id 
_atom_site.pdbx_PDB_ins_code 
_atom_site.Cartn_x 
_atom_site.Cartn_y 
_atom_site.Cartn_z 
_atom_site.occupancy 
_atom_site.B_iso_or_equiv 
_atom_site.pdbx_formal_charge 
_atom_site.auth_seq_id 
_atom_site.auth_comp_id 
_atom_site.auth_asym_id 
_atom_site.auth_atom_id 
_atom_site.pdbx_PDB_model_num 
ATOM 1   N N    . GLU A 1 3  ? -8.651  8.511   9.672   1.00 3.39 ? 3  GLU A N    1 
ATOM 2   C CA   . GLU A 1 3  ? -8.724  7.375   9.374   1.00 3.13 ? 3  GLU A CA   1 
ATOM 3   C C    . GLU A 1 3  ? -7.671  6.875   8.916   1.00 2.61 ? 3  GLU A C    1 
ATOM 4   O O    . GLU A 1 3  ? -7.114  7.233   7.894   1.00 2.64 ? 3  GLU A O    1 
ATOM 5   C CB   . GLU A 1 3  ? -9.647  7.218   8.337   1.00 3.58 ? 3  GLU A CB   1 
ATOM 6   C CG   . GLU A 1 3  ? -11.019 7.008   8.879   1.00 3.59 ? 3  GLU A CG   1 
ATOM 7   C CD   . GLU A 1 3  ? -11.880 8.248   8.535   1.00 4.30 ? 3  GLU A CD   1 
ATOM 8   O OE1  . GLU A 1 3  ? -12.232 8.408   7.391   1.00 4.55 ? 3  GLU A OE1  1 
ATOM 9   O OE2  . GLU A 1 3  ? -12.129 9.122   9.356   1.00 4.94 ? 3  GLU A OE2  1 
ATOM 10  H H    . GLU A 1 3  ? -8.469  9.184   9.049   1.00 3.56 ? 3  GLU A H    1 
ATOM 11  H HA   . GLU A 1 3  ? -9.074  6.868   10.187  1.00 3.32 ? 3  GLU A HA   1 
ATOM 12  H HB2  . GLU A 1 3  ? -9.600  8.095   7.736   1.00 4.08 ? 3  GLU A HB2  1 
ATOM 13  H HB3  . GLU A 1 3  ? -9.310  6.382   7.780   1.00 3.92 ? 3  GLU A HB3  1 
ATOM 14  H HG2  . GLU A 1 3  ? -11.435 6.109   8.481   1.00 3.69 ? 3  GLU A HG2  1 
ATOM 15  H HG3  . GLU A 1 3  ? -10.930 6.875   9.935   1.00 3.55 ? 3  GLU A HG3  1 
ATOM 16  N N    . THR A 1 4  ? -7.497  5.951   9.581   1.00 2.45 ? 4  THR A N    1 
ATOM 17  C CA   . THR A 1 4  ? -6.550  5.207   9.282   1.00 2.16 ? 4  THR A CA   1 
ATOM 18  C C    . THR A 1 4  ? -7.060  3.923   8.704   1.00 1.88 ? 4  THR A C    1 
ATOM 19  O O    . THR A 1 4  ? -8.080  3.322   9.097   1.00 2.07 ? 4  THR A O    1 
ATOM 20  C CB   . THR A 1 4  ? -5.797  5.123   10.503  1.00 2.57 ? 4  THR A CB   1 
ATOM 21  O OG1  . THR A 1 4  ? -4.458  4.869   10.222  1.00 2.91 ? 4  THR A OG1  1 
ATOM 22  C CG2  . THR A 1 4  ? -6.466  4.109   11.469  1.00 3.02 ? 4  THR A CG2  1 
ATOM 23  H H    . THR A 1 4  ? -8.067  5.762   10.341  1.00 2.75 ? 4  THR A H    1 
ATOM 24  H HA   . THR A 1 4  ? -6.021  5.719   8.524   1.00 2.19 ? 4  THR A HA   1 
ATOM 25  H HB   . THR A 1 4  ? -5.835  6.095   10.933  1.00 3.05 ? 4  THR A HB   1 
ATOM 26  H HG1  . THR A 1 4  ? -4.085  5.676   9.799   1.00 3.17 ? 4  THR A HG1  1 
ATOM 27  H HG21 . THR A 1 4  ? -7.494  4.062   11.223  1.00 3.18 ? 4  THR A HG21 1 
ATOM 28  H HG22 . THR A 1 4  ? -6.389  4.319   12.498  1.00 3.44 ? 4  THR A HG22 1 
ATOM 29  H HG23 . THR A 1 4  ? -6.064  3.182   11.319  1.00 3.45 ? 4  THR A HG23 1 
ATOM 30  N N    . LYS A 1 5  ? -6.314  3.577   7.720   1.00 1.62 ? 5  LYS A N    1 
ATOM 31  C CA   . LYS A 1 5  ? -6.515  2.431   6.966   1.00 1.45 ? 5  LYS A CA   1 
ATOM 32  C C    . LYS A 1 5  ? -5.316  1.684   6.759   1.00 1.31 ? 5  LYS A C    1 
ATOM 33  O O    . LYS A 1 5  ? -4.335  2.204   6.255   1.00 1.30 ? 5  LYS A O    1 
ATOM 34  C CB   . LYS A 1 5  ? -6.955  2.830   5.675   1.00 1.48 ? 5  LYS A CB   1 
ATOM 35  C CG   . LYS A 1 5  ? -8.269  2.976   5.813   1.00 1.96 ? 5  LYS A CG   1 
ATOM 36  C CD   . LYS A 1 5  ? -8.935  3.345   4.663   1.00 2.12 ? 5  LYS A CD   1 
ATOM 37  C CE   . LYS A 1 5  ? -10.238 3.056   5.207   1.00 2.71 ? 5  LYS A CE   1 
ATOM 38  N NZ   . LYS A 1 5  ? -11.326 3.103   4.302   1.00 3.03 ? 5  LYS A NZ   1 
ATOM 39  H H    . LYS A 1 5  ? -5.603  4.171   7.461   1.00 1.69 ? 5  LYS A H    1 
ATOM 40  H HA   . LYS A 1 5  ? -7.268  1.823   7.425   1.00 1.60 ? 5  LYS A HA   1 
ATOM 41  H HB2  . LYS A 1 5  ? -6.531  3.748   5.397   1.00 1.60 ? 5  LYS A HB2  1 
ATOM 42  H HB3  . LYS A 1 5  ? -6.778  2.081   4.969   1.00 1.63 ? 5  LYS A HB3  1 
ATOM 43  H HG2  . LYS A 1 5  ? -8.621  2.043   6.105   1.00 2.51 ? 5  LYS A HG2  1 
ATOM 44  H HG3  . LYS A 1 5  ? -8.483  3.662   6.557   1.00 2.42 ? 5  LYS A HG3  1 
ATOM 45  H HD2  . LYS A 1 5  ? -8.753  4.380   4.491   1.00 2.54 ? 5  LYS A HD2  1 
ATOM 46  H HD3  . LYS A 1 5  ? -8.661  2.743   3.852   1.00 2.30 ? 5  LYS A HD3  1 
ATOM 47  H HE2  . LYS A 1 5  ? -10.158 2.065   5.704   1.00 3.25 ? 5  LYS A HE2  1 
ATOM 48  H HE3  . LYS A 1 5  ? -10.399 3.832   5.927   1.00 3.12 ? 5  LYS A HE3  1 
ATOM 49  H HZ1  . LYS A 1 5  ? -12.223 3.170   4.786   1.00 3.24 ? 5  LYS A HZ1  1 
ATOM 50  H HZ2  . LYS A 1 5  ? -11.355 2.317   3.726   1.00 3.36 ? 5  LYS A HZ2  1 
ATOM 51  H HZ3  . LYS A 1 5  ? -11.207 3.912   3.760   1.00 3.34 ? 5  LYS A HZ3  1 
ATOM 52  N N    . PHE A 1 6  ? -5.410  0.451   7.096   1.00 1.44 ? 6  PHE A N    1 
ATOM 53  C CA   . PHE A 1 6  ? -4.314  -0.412  6.916   1.00 1.38 ? 6  PHE A CA   1 
ATOM 54  C C    . PHE A 1 6  ? -4.643  -1.529  5.998   1.00 1.39 ? 6  PHE A C    1 
ATOM 55  O O    . PHE A 1 6  ? -5.711  -2.121  6.081   1.00 1.67 ? 6  PHE A O    1 
ATOM 56  C CB   . PHE A 1 6  ? -3.884  -0.948  8.234   1.00 1.68 ? 6  PHE A CB   1 
ATOM 57  C CG   . PHE A 1 6  ? -3.440  0.140   9.097   1.00 1.96 ? 6  PHE A CG   1 
ATOM 58  C CD1  . PHE A 1 6  ? -2.093  0.572   9.050   1.00 2.42 ? 6  PHE A CD1  1 
ATOM 59  C CD2  . PHE A 1 6  ? -4.379  0.741   9.981   1.00 2.38 ? 6  PHE A CD2  1 
ATOM 60  C CE1  . PHE A 1 6  ? -1.673  1.614   9.867   1.00 2.72 ? 6  PHE A CE1  1 
ATOM 61  C CE2  . PHE A 1 6  ? -3.985  1.780   10.807  1.00 2.71 ? 6  PHE A CE2  1 
ATOM 62  C CZ   . PHE A 1 6  ? -2.620  2.227   10.771  1.00 2.65 ? 6  PHE A CZ   1 
ATOM 63  H H    . PHE A 1 6  ? -6.249  0.106   7.467   1.00 1.70 ? 6  PHE A H    1 
ATOM 64  H HA   . PHE A 1 6  ? -3.514  0.174   6.501   1.00 1.19 ? 6  PHE A HA   1 
ATOM 65  H HB2  . PHE A 1 6  ? -4.715  -1.440  8.709   1.00 1.86 ? 6  PHE A HB2  1 
ATOM 66  H HB3  . PHE A 1 6  ? -3.075  -1.645  8.097   1.00 1.62 ? 6  PHE A HB3  1 
ATOM 67  H HD1  . PHE A 1 6  ? -1.380  0.084   8.333   1.00 2.88 ? 6  PHE A HD1  1 
ATOM 68  H HD2  . PHE A 1 6  ? -5.442  0.382   9.988   1.00 2.80 ? 6  PHE A HD2  1 
ATOM 69  H HE1  . PHE A 1 6  ? -0.619  1.949   9.828   1.00 3.30 ? 6  PHE A HE1  1 
ATOM 70  H HE2  . PHE A 1 6  ? -4.720  2.241   11.494  1.00 3.30 ? 6  PHE A HE2  1 
ATOM 71  H HZ   . PHE A 1 6  ? -2.299  3.044   11.427  1.00 2.96 ? 6  PHE A HZ   1 
ATOM 72  N N    . VAL A 1 7  ? -3.710  -1.826  5.131   1.00 1.18 ? 7  VAL A N    1 
ATOM 73  C CA   . VAL A 1 7  ? -3.885  -2.899  4.194   1.00 1.18 ? 7  VAL A CA   1 
ATOM 74  C C    . VAL A 1 7  ? -2.726  -3.857  4.254   1.00 1.17 ? 7  VAL A C    1 
ATOM 75  O O    . VAL A 1 7  ? -1.611  -3.489  4.612   1.00 1.11 ? 7  VAL A O    1 
ATOM 76  C CB   . VAL A 1 7  ? -4.005  -2.381  2.766   1.00 0.99 ? 7  VAL A CB   1 
ATOM 77  C CG1  . VAL A 1 7  ? -5.327  -1.659  2.579   1.00 1.14 ? 7  VAL A CG1  1 
ATOM 78  C CG2  . VAL A 1 7  ? -2.832  -1.469  2.442   1.00 0.76 ? 7  VAL A CG2  1 
ATOM 79  H H    . VAL A 1 7  ? -2.878  -1.316  5.128   1.00 1.11 ? 7  VAL A H    1 
ATOM 80  H HA   . VAL A 1 7  ? -4.789  -3.424  4.450   1.00 1.39 ? 7  VAL A HA   1 
ATOM 81  H HB   . VAL A 1 7  ? -3.974  -3.232  2.102   1.00 1.00 ? 7  VAL A HB   1 
ATOM 82  H HG11 . VAL A 1 7  ? -6.084  -2.340  2.336   1.00 1.63 ? 7  VAL A HG11 1 
ATOM 83  H HG12 . VAL A 1 7  ? -5.249  -0.961  1.814   1.00 1.28 ? 7  VAL A HG12 1 
ATOM 84  H HG13 . VAL A 1 7  ? -5.589  -1.158  3.461   1.00 1.62 ? 7  VAL A HG13 1 
ATOM 85  H HG21 . VAL A 1 7  ? -2.597  -0.881  3.276   1.00 1.25 ? 7  VAL A HG21 1 
ATOM 86  H HG22 . VAL A 1 7  ? -3.073  -0.840  1.651   1.00 1.18 ? 7  VAL A HG22 1 
ATOM 87  H HG23 . VAL A 1 7  ? -1.991  -2.033  2.174   1.00 1.18 ? 7  VAL A HG23 1 
ATOM 88  N N    . GLN A 1 8  ? -2.994  -5.085  3.900   1.00 1.28 ? 8  GLN A N    1 
ATOM 89  C CA   . GLN A 1 8  ? -1.977  -6.093  3.914   1.00 1.33 ? 8  GLN A CA   1 
ATOM 90  C C    . GLN A 1 8  ? -1.684  -6.605  2.524   1.00 1.17 ? 8  GLN A C    1 
ATOM 91  O O    . GLN A 1 8  ? -2.552  -7.169  1.860   1.00 1.23 ? 8  GLN A O    1 
ATOM 92  C CB   . GLN A 1 8  ? -2.433  -7.219  4.766   1.00 1.62 ? 8  GLN A CB   1 
ATOM 93  C CG   . GLN A 1 8  ? -1.333  -7.911  5.488   1.00 1.76 ? 8  GLN A CG   1 
ATOM 94  C CD   . GLN A 1 8  ? -1.752  -9.318  5.802   1.00 2.06 ? 8  GLN A CD   1 
ATOM 95  O OE1  . GLN A 1 8  ? -2.735  -9.759  5.276   1.00 2.51 ? 8  GLN A OE1  1 
ATOM 96  N NE2  . GLN A 1 8  ? -1.035  -9.989  6.686   1.00 2.43 ? 8  GLN A NE2  1 
ATOM 97  H H    . GLN A 1 8  ? -3.904  -5.323  3.627   1.00 1.38 ? 8  GLN A H    1 
ATOM 98  H HA   . GLN A 1 8  ? -1.079  -5.668  4.334   1.00 1.29 ? 8  GLN A HA   1 
ATOM 99  H HB2  . GLN A 1 8  ? -3.139  -6.854  5.487   1.00 1.71 ? 8  GLN A HB2  1 
ATOM 100 H HB3  . GLN A 1 8  ? -2.912  -7.938  4.128   1.00 1.69 ? 8  GLN A HB3  1 
ATOM 101 H HG2  . GLN A 1 8  ? -0.462  -7.904  4.863   1.00 1.83 ? 8  GLN A HG2  1 
ATOM 102 H HG3  . GLN A 1 8  ? -1.135  -7.391  6.395   1.00 1.89 ? 8  GLN A HG3  1 
ATOM 103 H HE21 . GLN A 1 8  ? -0.304  -9.529  7.051   1.00 2.72 ? 8  GLN A HE21 1 
ATOM 104 H HE22 . GLN A 1 8  ? -1.286  -10.913 6.947   1.00 2.69 ? 8  GLN A HE22 1 
ATOM 105 N N    . ALA A 1 9  ? -0.460  -6.409  2.098   1.00 1.03 ? 9  ALA A N    1 
ATOM 106 C CA   . ALA A 1 9  ? -0.039  -6.839  0.784   1.00 0.90 ? 9  ALA A CA   1 
ATOM 107 C C    . ALA A 1 9  ? 0.017   -8.355  0.677   1.00 1.06 ? 9  ALA A C    1 
ATOM 108 O O    . ALA A 1 9  ? 0.196   -9.057  1.666   1.00 1.27 ? 9  ALA A O    1 
ATOM 109 C CB   . ALA A 1 9  ? 1.307   -6.223  0.456   1.00 0.80 ? 9  ALA A CB   1 
ATOM 110 H H    . ALA A 1 9  ? 0.182   -5.957  2.682   1.00 1.05 ? 9  ALA A H    1 
ATOM 111 H HA   . ALA A 1 9  ? -0.758  -6.464  0.076   1.00 0.82 ? 9  ALA A HA   1 
ATOM 112 H HB1  . ALA A 1 9  ? 1.205   -5.514  -0.306  1.00 1.28 ? 9  ALA A HB1  1 
ATOM 113 H HB2  . ALA A 1 9  ? 1.976   -6.954  0.140   1.00 1.18 ? 9  ALA A HB2  1 
ATOM 114 H HB3  . ALA A 1 9  ? 1.702   -5.755  1.307   1.00 1.28 ? 9  ALA A HB3  1 
ATOM 115 N N    . LEU A 1 10 ? -0.128  -8.852  -0.534  1.00 1.01 ? 10 LEU A N    1 
ATOM 116 C CA   . LEU A 1 10 ? -0.078  -10.287 -0.771  1.00 1.15 ? 10 LEU A CA   1 
ATOM 117 C C    . LEU A 1 10 ? 1.065   -10.622 -1.673  1.00 1.09 ? 10 LEU A C    1 
ATOM 118 O O    . LEU A 1 10 ? 1.197   -11.746 -2.170  1.00 1.23 ? 10 LEU A O    1 
ATOM 119 C CB   . LEU A 1 10 ? -1.375  -10.763 -1.408  1.00 1.27 ? 10 LEU A CB   1 
ATOM 120 C CG   . LEU A 1 10 ? -1.941  -9.845  -2.485  1.00 1.22 ? 10 LEU A CG   1 
ATOM 121 C CD1  . LEU A 1 10 ? -2.135  -10.610 -3.781  1.00 1.32 ? 10 LEU A CD1  1 
ATOM 122 C CD2  . LEU A 1 10 ? -3.249  -9.232  -2.016  1.00 1.34 ? 10 LEU A CD2  1 
ATOM 123 H H    . LEU A 1 10 ? -0.259  -8.242  -1.291  1.00 0.90 ? 10 LEU A H    1 
ATOM 124 H HA   . LEU A 1 10 ? 0.053   -10.781 0.169   1.00 1.28 ? 10 LEU A HA   1 
ATOM 125 H HB2  . LEU A 1 10 ? -1.201  -11.735 -1.846  1.00 1.34 ? 10 LEU A HB2  1 
ATOM 126 H HB3  . LEU A 1 10 ? -2.111  -10.858 -0.628  1.00 1.40 ? 10 LEU A HB3  1 
ATOM 127 H HG   . LEU A 1 10 ? -1.242  -9.047  -2.670  1.00 1.06 ? 10 LEU A HG   1 
ATOM 128 H HD11 . LEU A 1 10 ? -1.280  -10.532 -4.384  1.00 1.63 ? 10 LEU A HD11 1 
ATOM 129 H HD12 . LEU A 1 10 ? -2.948  -10.225 -4.310  1.00 1.56 ? 10 LEU A HD12 1 
ATOM 130 H HD13 . LEU A 1 10 ? -2.319  -11.619 -3.577  1.00 1.80 ? 10 LEU A HD13 1 
ATOM 131 H HD21 . LEU A 1 10 ? -3.175  -8.198  -2.013  1.00 1.60 ? 10 LEU A HD21 1 
ATOM 132 H HD22 . LEU A 1 10 ? -3.477  -9.548  -1.050  1.00 1.90 ? 10 LEU A HD22 1 
ATOM 133 H HD23 . LEU A 1 10 ? -4.029  -9.519  -2.651  1.00 1.54 ? 10 LEU A HD23 1 
ATOM 134 N N    . PHE A 1 11 ? 1.867   -9.625  -1.932  1.00 1.02 ? 11 PHE A N    1 
ATOM 135 C CA   . PHE A 1 11 ? 2.969   -9.771  -2.820  1.00 1.02 ? 11 PHE A CA   1 
ATOM 136 C C    . PHE A 1 11 ? 3.984   -8.714  -2.604  1.00 1.02 ? 11 PHE A C    1 
ATOM 137 O O    . PHE A 1 11 ? 3.669   -7.608  -2.210  1.00 1.13 ? 11 PHE A O    1 
ATOM 138 C CB   . PHE A 1 11 ? 2.449   -9.634  -4.171  1.00 1.00 ? 11 PHE A CB   1 
ATOM 139 C CG   . PHE A 1 11 ? 2.989   -10.718 -5.089  1.00 1.26 ? 11 PHE A CG   1 
ATOM 140 C CD1  . PHE A 1 11 ? 3.426   -11.915 -4.543  1.00 2.00 ? 11 PHE A CD1  1 
ATOM 141 C CD2  . PHE A 1 11 ? 3.012   -10.432 -6.405  1.00 1.88 ? 11 PHE A CD2  1 
ATOM 142 C CE1  . PHE A 1 11 ? 3.887   -12.939 -5.431  1.00 2.57 ? 11 PHE A CE1  1 
ATOM 143 C CE2  . PHE A 1 11 ? 3.444   -11.431 -7.313  1.00 2.47 ? 11 PHE A CE2  1 
ATOM 144 C CZ   . PHE A 1 11 ? 3.910   -12.647 -6.794  1.00 2.60 ? 11 PHE A CZ   1 
ATOM 145 H H    . PHE A 1 11 ? 1.696   -8.747  -1.543  1.00 1.06 ? 11 PHE A H    1 
ATOM 146 H HA   . PHE A 1 11 ? 3.391   -10.737 -2.687  1.00 1.13 ? 11 PHE A HA   1 
ATOM 147 H HB2  . PHE A 1 11 ? 1.353   -9.736  -4.155  1.00 1.38 ? 11 PHE A HB2  1 
ATOM 148 H HB3  . PHE A 1 11 ? 2.685   -8.690  -4.586  1.00 1.10 ? 11 PHE A HB3  1 
ATOM 149 H HD1  . PHE A 1 11 ? 3.430   -12.119 -3.477  1.00 2.55 ? 11 PHE A HD1  1 
ATOM 150 H HD2  . PHE A 1 11 ? 2.702   -9.483  -6.789  1.00 2.39 ? 11 PHE A HD2  1 
ATOM 151 H HE1  . PHE A 1 11 ? 4.247   -13.894 -5.006  1.00 3.34 ? 11 PHE A HE1  1 
ATOM 152 H HE2  . PHE A 1 11 ? 3.417   -11.199 -8.385  1.00 3.19 ? 11 PHE A HE2  1 
ATOM 153 H HZ   . PHE A 1 11 ? 4.274   -13.417 -7.499  1.00 3.19 ? 11 PHE A HZ   1 
ATOM 154 N N    . ASP A 1 12 ? 5.230   -9.048  -2.897  1.00 1.15 ? 12 ASP A N    1 
ATOM 155 C CA   . ASP A 1 12 ? 6.291   -8.090  -2.753  1.00 1.26 ? 12 ASP A CA   1 
ATOM 156 C C    . ASP A 1 12 ? 6.303   -7.138  -3.929  1.00 1.23 ? 12 ASP A C    1 
ATOM 157 O O    . ASP A 1 12 ? 6.058   -7.533  -5.072  1.00 1.22 ? 12 ASP A O    1 
ATOM 158 C CB   . ASP A 1 12 ? 7.631   -8.778  -2.647  1.00 1.49 ? 12 ASP A CB   1 
ATOM 159 C CG   . ASP A 1 12 ? 7.695   -9.724  -1.454  1.00 1.57 ? 12 ASP A CG   1 
ATOM 160 O OD1  . ASP A 1 12 ? 7.300   -9.332  -0.370  1.00 1.68 ? 12 ASP A OD1  1 
ATOM 161 O OD2  . ASP A 1 12 ? 8.141   -10.849 -1.600  1.00 2.08 ? 12 ASP A OD2  1 
ATOM 162 H H    . ASP A 1 12 ? 5.439   -9.943  -3.230  1.00 1.33 ? 12 ASP A H    1 
ATOM 163 H HA   . ASP A 1 12 ? 6.097   -7.533  -1.849  1.00 1.25 ? 12 ASP A HA   1 
ATOM 164 H HB2  . ASP A 1 12 ? 7.815   -9.330  -3.559  1.00 1.56 ? 12 ASP A HB2  1 
ATOM 165 H HB3  . ASP A 1 12 ? 8.391   -8.028  -2.531  1.00 1.68 ? 12 ASP A HB3  1 
ATOM 166 N N    . PHE A 1 13 ? 6.591   -5.888  -3.639  1.00 1.26 ? 13 PHE A N    1 
ATOM 167 C CA   . PHE A 1 13 ? 6.641   -4.874  -4.656  1.00 1.32 ? 13 PHE A CA   1 
ATOM 168 C C    . PHE A 1 13 ? 7.890   -4.039  -4.554  1.00 1.53 ? 13 PHE A C    1 
ATOM 169 O O    . PHE A 1 13 ? 8.088   -3.296  -3.594  1.00 1.54 ? 13 PHE A O    1 
ATOM 170 C CB   . PHE A 1 13 ? 5.453   -3.972  -4.554  1.00 1.17 ? 13 PHE A CB   1 
ATOM 171 C CG   . PHE A 1 13 ? 5.183   -3.280  -5.824  1.00 1.26 ? 13 PHE A CG   1 
ATOM 172 C CD1  . PHE A 1 13 ? 4.896   -4.057  -6.985  1.00 1.73 ? 13 PHE A CD1  1 
ATOM 173 C CD2  . PHE A 1 13 ? 5.219   -1.866  -5.894  1.00 1.80 ? 13 PHE A CD2  1 
ATOM 174 C CE1  . PHE A 1 13 ? 4.618   -3.433  -8.191  1.00 1.91 ? 13 PHE A CE1  1 
ATOM 175 C CE2  . PHE A 1 13 ? 4.948   -1.221  -7.097  1.00 1.93 ? 13 PHE A CE2  1 
ATOM 176 C CZ   . PHE A 1 13 ? 4.648   -2.005  -8.270  1.00 1.65 ? 13 PHE A CZ   1 
ATOM 177 H H    . PHE A 1 13 ? 6.773   -5.643  -2.711  1.00 1.29 ? 13 PHE A H    1 
ATOM 178 H HA   . PHE A 1 13 ? 6.628   -5.362  -5.621  1.00 1.36 ? 13 PHE A HA   1 
ATOM 179 H HB2  . PHE A 1 13 ? 4.582   -4.555  -4.294  1.00 1.08 ? 13 PHE A HB2  1 
ATOM 180 H HB3  . PHE A 1 13 ? 5.637   -3.229  -3.791  1.00 1.20 ? 13 PHE A HB3  1 
ATOM 181 H HD1  . PHE A 1 13 ? 4.884   -5.170  -6.909  1.00 2.37 ? 13 PHE A HD1  1 
ATOM 182 H HD2  . PHE A 1 13 ? 5.463   -1.277  -4.972  1.00 2.48 ? 13 PHE A HD2  1 
ATOM 183 H HE1  . PHE A 1 13 ? 4.391   -4.047  -9.086  1.00 2.63 ? 13 PHE A HE1  1 
ATOM 184 H HE2  . PHE A 1 13 ? 4.971   -0.123  -7.145  1.00 2.63 ? 13 PHE A HE2  1 
ATOM 185 H HZ   . PHE A 1 13 ? 4.427   -1.506  -9.218  1.00 1.85 ? 13 PHE A HZ   1 
ATOM 186 N N    . ASN A 1 14 ? 8.717   -4.170  -5.556  1.00 1.71 ? 14 ASN A N    1 
ATOM 187 C CA   . ASN A 1 14 ? 9.968   -3.459  -5.626  1.00 1.94 ? 14 ASN A CA   1 
ATOM 188 C C    . ASN A 1 14 ? 9.955   -2.408  -6.676  1.00 2.04 ? 14 ASN A C    1 
ATOM 189 O O    . ASN A 1 14 ? 10.481  -2.610  -7.771  1.00 2.17 ? 14 ASN A O    1 
ATOM 190 C CB   . ASN A 1 14 ? 10.997  -4.411  -6.034  1.00 2.10 ? 14 ASN A CB   1 
ATOM 191 C CG   . ASN A 1 14 ? 12.194  -4.454  -5.131  1.00 2.66 ? 14 ASN A CG   1 
ATOM 192 O OD1  . ASN A 1 14 ? 12.764  -3.423  -4.768  1.00 3.18 ? 14 ASN A OD1  1 
ATOM 193 N ND2  . ASN A 1 14 ? 12.399  -5.667  -4.618  1.00 3.20 ? 14 ASN A ND2  1 
ATOM 194 H H    . ASN A 1 14 ? 8.483   -4.780  -6.285  1.00 1.70 ? 14 ASN A H    1 
ATOM 195 H HA   . ASN A 1 14 ? 10.210  -3.046  -4.665  1.00 1.94 ? 14 ASN A HA   1 
ATOM 196 H HB2  . ASN A 1 14 ? 10.563  -5.351  -6.004  1.00 2.20 ? 14 ASN A HB2  1 
ATOM 197 H HB3  . ASN A 1 14 ? 11.261  -4.209  -7.035  1.00 2.34 ? 14 ASN A HB3  1 
ATOM 198 H HD21 . ASN A 1 14 ? 11.770  -6.331  -4.858  1.00 3.25 ? 14 ASN A HD21 1 
ATOM 199 H HD22 . ASN A 1 14 ? 13.135  -5.843  -4.010  1.00 3.82 ? 14 ASN A HD22 1 
ATOM 200 N N    . PRO A 1 15 ? 9.405   -1.284  -6.380  1.00 2.00 ? 15 PRO A N    1 
ATOM 201 C CA   . PRO A 1 15 ? 9.384   -0.221  -7.319  1.00 2.12 ? 15 PRO A CA   1 
ATOM 202 C C    . PRO A 1 15 ? 10.691  0.504   -7.338  1.00 2.38 ? 15 PRO A C    1 
ATOM 203 O O    . PRO A 1 15 ? 11.153  1.054   -6.346  1.00 2.42 ? 15 PRO A O    1 
ATOM 204 C CB   . PRO A 1 15 ? 8.315   0.688   -6.810  1.00 2.00 ? 15 PRO A CB   1 
ATOM 205 C CG   . PRO A 1 15 ? 8.369   0.489   -5.336  1.00 1.90 ? 15 PRO A CG   1 
ATOM 206 C CD   . PRO A 1 15 ? 8.787   -0.933  -5.114  1.00 1.85 ? 15 PRO A CD   1 
ATOM 207 H HA   . PRO A 1 15 ? 9.134   -0.571  -8.321  1.00 2.13 ? 15 PRO A HA   1 
ATOM 208 H HB2  . PRO A 1 15 ? 8.559   1.702   -7.098  1.00 2.13 ? 15 PRO A HB2  1 
ATOM 209 H HB3  . PRO A 1 15 ? 7.366   0.399   -7.229  1.00 1.89 ? 15 PRO A HB3  1 
ATOM 210 H HG2  . PRO A 1 15 ? 9.101   1.148   -4.906  1.00 2.03 ? 15 PRO A HG2  1 
ATOM 211 H HG3  . PRO A 1 15 ? 7.400   0.662   -4.910  1.00 1.75 ? 15 PRO A HG3  1 
ATOM 212 H HD2  . PRO A 1 15 ? 9.508   -1.003  -4.310  1.00 1.93 ? 15 PRO A HD2  1 
ATOM 213 H HD3  . PRO A 1 15 ? 7.932   -1.550  -4.918  1.00 1.67 ? 15 PRO A HD3  1 
ATOM 214 N N    . GLN A 1 16 ? 11.258  0.488   -8.462  1.00 2.55 ? 16 GLN A N    1 
ATOM 215 C CA   . GLN A 1 16 ? 12.519  1.104   -8.792  1.00 2.81 ? 16 GLN A CA   1 
ATOM 216 C C    . GLN A 1 16 ? 12.369  2.585   -9.057  1.00 2.92 ? 16 GLN A C    1 
ATOM 217 O O    . GLN A 1 16 ? 13.344  3.294   -9.230  1.00 3.18 ? 16 GLN A O    1 
ATOM 218 C CB   . GLN A 1 16 ? 12.727  0.597   -10.196 1.00 2.94 ? 16 GLN A CB   1 
ATOM 219 C CG   . GLN A 1 16 ? 14.198  0.558   -10.733 1.00 3.78 ? 16 GLN A CG   1 
ATOM 220 C CD   . GLN A 1 16 ? 14.819  -0.870  -10.898 1.00 4.22 ? 16 GLN A CD   1 
ATOM 221 O OE1  . GLN A 1 16 ? 15.160  -1.304  -12.055 1.00 4.47 ? 16 GLN A OE1  1 
ATOM 222 N NE2  . GLN A 1 16 ? 14.921  -1.717  -9.793  1.00 4.75 ? 16 GLN A NE2  1 
ATOM 223 H H    . GLN A 1 16 ? 10.788  0.023   -9.189  1.00 2.52 ? 16 GLN A H    1 
ATOM 224 H HA   . GLN A 1 16 ? 13.337  0.826   -8.110  1.00 2.84 ? 16 GLN A HA   1 
ATOM 225 H HB2  . GLN A 1 16 ? 12.261  -0.343  -10.263 1.00 2.86 ? 16 GLN A HB2  1 
ATOM 226 H HB3  . GLN A 1 16 ? 12.141  1.290   -10.762 1.00 3.00 ? 16 GLN A HB3  1 
ATOM 227 H HG2  . GLN A 1 16 ? 14.237  1.065   -11.764 1.00 4.18 ? 16 GLN A HG2  1 
ATOM 228 H HG3  . GLN A 1 16 ? 14.789  1.135   -9.999  1.00 4.18 ? 16 GLN A HG3  1 
ATOM 229 H HE21 . GLN A 1 16 ? 14.607  -1.477  -8.871  1.00 4.87 ? 16 GLN A HE21 1 
ATOM 230 H HE22 . GLN A 1 16 ? 15.354  -2.601  -9.967  1.00 5.22 ? 16 GLN A HE22 1 
ATOM 231 N N    . GLU A 1 17 ? 11.141  2.973   -9.297  1.00 2.79 ? 17 GLU A N    1 
ATOM 232 C CA   . GLU A 1 17 ? 10.871  4.295   -9.752  1.00 2.90 ? 17 GLU A CA   1 
ATOM 233 C C    . GLU A 1 17 ? 10.180  5.040   -8.676  1.00 2.77 ? 17 GLU A C    1 
ATOM 234 O O    . GLU A 1 17 ? 9.813   4.446   -7.676  1.00 2.61 ? 17 GLU A O    1 
ATOM 235 C CB   . GLU A 1 17 ? 10.010  4.230   -11.004 1.00 2.91 ? 17 GLU A CB   1 
ATOM 236 C CG   . GLU A 1 17 ? 10.612  3.359   -12.071 1.00 3.02 ? 17 GLU A CG   1 
ATOM 237 C CD   . GLU A 1 17 ? 10.094  3.716   -13.474 1.00 3.24 ? 17 GLU A CD   1 
ATOM 238 O OE1  . GLU A 1 17 ? 9.380   4.684   -13.593 1.00 3.70 ? 17 GLU A OE1  1 
ATOM 239 O OE2  . GLU A 1 17 ? 10.379  3.029   -14.448 1.00 3.46 ? 17 GLU A OE2  1 
ATOM 240 H H    . GLU A 1 17 ? 10.407  2.329   -9.258  1.00 2.68 ? 17 GLU A H    1 
ATOM 241 H HA   . GLU A 1 17 ? 11.810  4.770   -9.993  1.00 3.09 ? 17 GLU A HA   1 
ATOM 242 H HB2  . GLU A 1 17 ? 9.043   3.841   -10.757 1.00 2.73 ? 17 GLU A HB2  1 
ATOM 243 H HB3  . GLU A 1 17 ? 9.912   5.213   -11.415 1.00 3.02 ? 17 GLU A HB3  1 
ATOM 244 H HG2  . GLU A 1 17 ? 11.666  3.486   -12.020 1.00 3.27 ? 17 GLU A HG2  1 
ATOM 245 H HG3  . GLU A 1 17 ? 10.380  2.353   -11.851 1.00 3.07 ? 17 GLU A HG3  1 
ATOM 246 N N    . SER A 1 18 ? 9.996   6.324   -8.864  1.00 2.86 ? 18 SER A N    1 
ATOM 247 C CA   . SER A 1 18 ? 9.337   7.102   -7.847  1.00 2.76 ? 18 SER A CA   1 
ATOM 248 C C    . SER A 1 18 ? 7.848   7.136   -8.063  1.00 2.59 ? 18 SER A C    1 
ATOM 249 O O    . SER A 1 18 ? 7.370   7.079   -9.194  1.00 2.65 ? 18 SER A O    1 
ATOM 250 C CB   . SER A 1 18 ? 9.860   8.538   -7.803  1.00 2.96 ? 18 SER A CB   1 
ATOM 251 O OG   . SER A 1 18 ? 10.759  8.799   -8.902  1.00 3.33 ? 18 SER A OG   1 
ATOM 252 H H    . SER A 1 18 ? 10.306  6.751   -9.689  1.00 3.00 ? 18 SER A H    1 
ATOM 253 H HA   . SER A 1 18 ? 9.535   6.621   -6.901  1.00 2.67 ? 18 SER A HA   1 
ATOM 254 H HB2  . SER A 1 18 ? 9.028   9.209   -7.835  1.00 3.22 ? 18 SER A HB2  1 
ATOM 255 H HB3  . SER A 1 18 ? 10.359  8.711   -6.890  1.00 3.00 ? 18 SER A HB3  1 
ATOM 256 H HG   . SER A 1 18 ? 10.945  9.741   -8.985  1.00 3.67 ? 18 SER A HG   1 
ATOM 257 N N    . GLY A 1 19 ? 7.127   7.248   -6.971  1.00 2.42 ? 19 GLY A N    1 
ATOM 258 C CA   . GLY A 1 19 ? 5.696   7.309   -7.047  1.00 2.28 ? 19 GLY A CA   1 
ATOM 259 C C    . GLY A 1 19 ? 5.077   6.065   -6.483  1.00 2.03 ? 19 GLY A C    1 
ATOM 260 O O    . GLY A 1 19 ? 4.017   6.112   -5.869  1.00 1.90 ? 19 GLY A O    1 
ATOM 261 H H    . GLY A 1 19 ? 7.576   7.294   -6.101  1.00 2.41 ? 19 GLY A H    1 
ATOM 262 H HA2  . GLY A 1 19 ? 5.353   8.170   -6.489  1.00 2.27 ? 19 GLY A HA2  1 
ATOM 263 H HA3  . GLY A 1 19 ? 5.405   7.413   -8.082  1.00 2.39 ? 19 GLY A HA3  1 
ATOM 264 N N    . GLU A 1 20 ? 5.755   4.946   -6.676  1.00 1.98 ? 20 GLU A N    1 
ATOM 265 C CA   . GLU A 1 20 ? 5.267   3.681   -6.169  1.00 1.75 ? 20 GLU A CA   1 
ATOM 266 C C    . GLU A 1 20 ? 5.870   3.372   -4.826  1.00 1.67 ? 20 GLU A C    1 
ATOM 267 O O    . GLU A 1 20 ? 7.075   3.507   -4.621  1.00 1.84 ? 20 GLU A O    1 
ATOM 268 C CB   . GLU A 1 20 ? 5.578   2.562   -7.142  1.00 1.82 ? 20 GLU A CB   1 
ATOM 269 C CG   . GLU A 1 20 ? 4.942   2.778   -8.495  1.00 1.98 ? 20 GLU A CG   1 
ATOM 270 C CD   . GLU A 1 20 ? 5.625   1.980   -9.590  1.00 2.17 ? 20 GLU A CD   1 
ATOM 271 O OE1  . GLU A 1 20 ? 6.590   2.456   -10.151 1.00 2.14 ? 20 GLU A OE1  1 
ATOM 272 O OE2  . GLU A 1 20 ? 5.207   0.876   -9.877  1.00 2.82 ? 20 GLU A OE2  1 
ATOM 273 H H    . GLU A 1 20 ? 6.606   4.973   -7.161  1.00 2.11 ? 20 GLU A H    1 
ATOM 274 H HA   . GLU A 1 20 ? 4.202   3.762   -6.060  1.00 1.63 ? 20 GLU A HA   1 
ATOM 275 H HB2  . GLU A 1 20 ? 6.645   2.495   -7.269  1.00 1.99 ? 20 GLU A HB2  1 
ATOM 276 H HB3  . GLU A 1 20 ? 5.209   1.640   -6.732  1.00 1.63 ? 20 GLU A HB3  1 
ATOM 277 H HG2  . GLU A 1 20 ? 3.904   2.497   -8.438  1.00 1.89 ? 20 GLU A HG2  1 
ATOM 278 H HG3  . GLU A 1 20 ? 5.006   3.824   -8.737  1.00 2.20 ? 20 GLU A HG3  1 
ATOM 279 N N    . LEU A 1 21 ? 5.027   2.958   -3.911  1.00 1.43 ? 21 LEU A N    1 
ATOM 280 C CA   . LEU A 1 21 ? 5.478   2.634   -2.586  1.00 1.38 ? 21 LEU A CA   1 
ATOM 281 C C    . LEU A 1 21 ? 6.125   1.260   -2.574  1.00 1.40 ? 21 LEU A C    1 
ATOM 282 O O    . LEU A 1 21 ? 5.718   0.364   -3.314  1.00 1.35 ? 21 LEU A O    1 
ATOM 283 C CB   . LEU A 1 21 ? 4.311   2.713   -1.600  1.00 1.14 ? 21 LEU A CB   1 
ATOM 284 C CG   . LEU A 1 21 ? 4.108   1.500   -0.710  1.00 1.02 ? 21 LEU A CG   1 
ATOM 285 C CD1  . LEU A 1 21 ? 5.083   1.534   0.450   1.00 1.17 ? 21 LEU A CD1  1 
ATOM 286 C CD2  . LEU A 1 21 ? 2.679   1.459   -0.211  1.00 0.79 ? 21 LEU A CD2  1 
ATOM 287 H H    . LEU A 1 21 ? 4.075   2.871   -4.131  1.00 1.32 ? 21 LEU A H    1 
ATOM 288 H HA   . LEU A 1 21 ? 6.213   3.374   -2.308  1.00 1.52 ? 21 LEU A HA   1 
ATOM 289 H HB2  . LEU A 1 21 ? 4.480   3.567   -0.964  1.00 1.19 ? 21 LEU A HB2  1 
ATOM 290 H HB3  . LEU A 1 21 ? 3.411   2.878   -2.164  1.00 1.06 ? 21 LEU A HB3  1 
ATOM 291 H HG   . LEU A 1 21 ? 4.292   0.609   -1.280  1.00 1.02 ? 21 LEU A HG   1 
ATOM 292 H HD11 . LEU A 1 21 ? 5.697   0.686   0.429   1.00 1.44 ? 21 LEU A HD11 1 
ATOM 293 H HD12 . LEU A 1 21 ? 4.573   1.552   1.355   1.00 1.46 ? 21 LEU A HD12 1 
ATOM 294 H HD13 . LEU A 1 21 ? 5.686   2.391   0.392   1.00 1.70 ? 21 LEU A HD13 1 
ATOM 295 H HD21 . LEU A 1 21 ? 2.656   1.740   0.827   1.00 1.22 ? 21 LEU A HD21 1 
ATOM 296 H HD22 . LEU A 1 21 ? 2.281   0.466   -0.321  1.00 1.31 ? 21 LEU A HD22 1 
ATOM 297 H HD23 . LEU A 1 21 ? 2.072   2.143   -0.780  1.00 1.24 ? 21 LEU A HD23 1 
ATOM 298 N N    . ALA A 1 22 ? 7.126   1.100   -1.730  1.00 1.51 ? 22 ALA A N    1 
ATOM 299 C CA   . ALA A 1 22 ? 7.822   -0.166  -1.620  1.00 1.57 ? 22 ALA A CA   1 
ATOM 300 C C    . ALA A 1 22 ? 7.275   -0.966  -0.463  1.00 1.45 ? 22 ALA A C    1 
ATOM 301 O O    . ALA A 1 22 ? 7.431   -0.589  0.698   1.00 1.50 ? 22 ALA A O    1 
ATOM 302 C CB   . ALA A 1 22 ? 9.306   0.056   -1.443  1.00 1.84 ? 22 ALA A CB   1 
ATOM 303 H H    . ALA A 1 22 ? 7.401   1.850   -1.164  1.00 1.56 ? 22 ALA A H    1 
ATOM 304 H HA   . ALA A 1 22 ? 7.664   -0.715  -2.535  1.00 1.55 ? 22 ALA A HA   1 
ATOM 305 H HB1  . ALA A 1 22 ? 9.480   0.621   -0.580  1.00 2.08 ? 22 ALA A HB1  1 
ATOM 306 H HB2  . ALA A 1 22 ? 9.698   0.569   -2.259  1.00 2.16 ? 22 ALA A HB2  1 
ATOM 307 H HB3  . ALA A 1 22 ? 9.797   -0.862  -1.357  1.00 2.13 ? 22 ALA A HB3  1 
ATOM 308 N N    . PHE A 1 23 ? 6.625   -2.061  -0.777  1.00 1.32 ? 23 PHE A N    1 
ATOM 309 C CA   . PHE A 1 23 ? 6.047   -2.897  0.254   1.00 1.24 ? 23 PHE A CA   1 
ATOM 310 C C    . PHE A 1 23 ? 6.309   -4.364  -0.030  1.00 1.28 ? 23 PHE A C    1 
ATOM 311 O O    . PHE A 1 23 ? 6.723   -4.742  -1.118  1.00 1.33 ? 23 PHE A O    1 
ATOM 312 C CB   . PHE A 1 23 ? 4.544   -2.668  0.297   1.00 1.03 ? 23 PHE A CB   1 
ATOM 313 C CG   . PHE A 1 23 ? 3.895   -2.855  -1.026  1.00 0.89 ? 23 PHE A CG   1 
ATOM 314 C CD1  . PHE A 1 23 ? 3.996   -1.857  -2.035  1.00 1.52 ? 23 PHE A CD1  1 
ATOM 315 C CD2  . PHE A 1 23 ? 3.159   -4.046  -1.269  1.00 1.12 ? 23 PHE A CD2  1 
ATOM 316 C CE1  . PHE A 1 23 ? 3.372   -2.048  -3.262  1.00 1.46 ? 23 PHE A CE1  1 
ATOM 317 C CE2  . PHE A 1 23 ? 2.537   -4.252  -2.486  1.00 1.17 ? 23 PHE A CE2  1 
ATOM 318 C CZ   . PHE A 1 23 ? 2.632   -3.254  -3.498  1.00 0.84 ? 23 PHE A CZ   1 
ATOM 319 H H    . PHE A 1 23 ? 6.522   -2.308  -1.719  1.00 1.30 ? 23 PHE A H    1 
ATOM 320 H HA   . PHE A 1 23 ? 6.479   -2.617  1.201   1.00 1.36 ? 23 PHE A HA   1 
ATOM 321 H HB2  . PHE A 1 23 ? 4.099   -3.379  0.975   1.00 1.02 ? 23 PHE A HB2  1 
ATOM 322 H HB3  . PHE A 1 23 ? 4.339   -1.666  0.639   1.00 1.03 ? 23 PHE A HB3  1 
ATOM 323 H HD1  . PHE A 1 23 ? 4.580   -0.929  -1.843  1.00 2.29 ? 23 PHE A HD1  1 
ATOM 324 H HD2  . PHE A 1 23 ? 3.093   -4.819  -0.477  1.00 1.77 ? 23 PHE A HD2  1 
ATOM 325 H HE1  . PHE A 1 23 ? 3.449   -1.269  -4.039  1.00 2.17 ? 23 PHE A HE1  1 
ATOM 326 H HE2  . PHE A 1 23 ? 1.968   -5.184  -2.656  1.00 1.88 ? 23 PHE A HE2  1 
ATOM 327 H HZ   . PHE A 1 23 ? 2.136   -3.412  -4.456  1.00 0.90 ? 23 PHE A HZ   1 
ATOM 328 N N    . LYS A 1 24 ? 6.065   -5.193  0.935   1.00 1.34 ? 24 LYS A N    1 
ATOM 329 C CA   . LYS A 1 24 ? 6.271   -6.576  0.767   1.00 1.42 ? 24 LYS A CA   1 
ATOM 330 C C    . LYS A 1 24 ? 5.046   -7.378  1.032   1.00 1.29 ? 24 LYS A C    1 
ATOM 331 O O    . LYS A 1 24 ? 3.953   -6.833  1.125   1.00 1.16 ? 24 LYS A O    1 
ATOM 332 C CB   . LYS A 1 24 ? 7.206   -6.964  1.726   1.00 1.71 ? 24 LYS A CB   1 
ATOM 333 C CG   . LYS A 1 24 ? 8.334   -6.103  2.061   1.00 1.94 ? 24 LYS A CG   1 
ATOM 334 C CD   . LYS A 1 24 ? 8.560   -7.176  3.100   1.00 2.23 ? 24 LYS A CD   1 
ATOM 335 C CE   . LYS A 1 24 ? 9.731   -7.114  4.078   1.00 2.57 ? 24 LYS A CE   1 
ATOM 336 N NZ   . LYS A 1 24 ? 10.974  -7.459  3.240   1.00 3.29 ? 24 LYS A NZ   1 
ATOM 337 H H    . LYS A 1 24 ? 5.747   -4.867  1.821   1.00 1.38 ? 24 LYS A H    1 
ATOM 338 H HA   . LYS A 1 24 ? 6.659   -6.819  -0.201  1.00 1.41 ? 24 LYS A HA   1 
ATOM 339 H HB2  . LYS A 1 24 ? 6.680   -7.151  2.612   1.00 1.98 ? 24 LYS A HB2  1 
ATOM 340 H HB3  . LYS A 1 24 ? 7.644   -7.874  1.420   1.00 2.24 ? 24 LYS A HB3  1 
ATOM 341 H HG2  . LYS A 1 24 ? 9.058   -6.089  1.273   1.00 2.50 ? 24 LYS A HG2  1 
ATOM 342 H HG3  . LYS A 1 24 ? 8.083   -5.127  2.461   1.00 2.16 ? 24 LYS A HG3  1 
ATOM 343 H HD2  . LYS A 1 24 ? 7.599   -7.293  3.625   1.00 2.46 ? 24 LYS A HD2  1 
ATOM 344 H HD3  . LYS A 1 24 ? 8.688   -8.095  2.512   1.00 2.77 ? 24 LYS A HD3  1 
ATOM 345 H HE2  . LYS A 1 24 ? 9.752   -6.144  4.593   1.00 2.69 ? 24 LYS A HE2  1 
ATOM 346 H HE3  . LYS A 1 24 ? 9.616   -7.902  4.843   1.00 2.95 ? 24 LYS A HE3  1 
ATOM 347 H HZ1  . LYS A 1 24 ? 11.600  -8.160  3.641   1.00 3.58 ? 24 LYS A HZ1  1 
ATOM 348 H HZ2  . LYS A 1 24 ? 11.563  -6.641  3.094   1.00 3.59 ? 24 LYS A HZ2  1 
ATOM 349 H HZ3  . LYS A 1 24 ? 10.665  -7.815  2.311   1.00 3.77 ? 24 LYS A HZ3  1 
ATOM 350 N N    . ARG A 1 25 ? 5.222   -8.656  1.170   1.00 1.39 ? 25 ARG A N    1 
ATOM 351 C CA   . ARG A 1 25 ? 4.123   -9.490  1.415   1.00 1.37 ? 25 ARG A CA   1 
ATOM 352 C C    . ARG A 1 25 ? 3.617   -9.388  2.825   1.00 1.51 ? 25 ARG A C    1 
ATOM 353 O O    . ARG A 1 25 ? 4.397   -9.371  3.776   1.00 1.69 ? 25 ARG A O    1 
ATOM 354 C CB   . ARG A 1 25 ? 4.494   -10.874 1.095   1.00 1.48 ? 25 ARG A CB   1 
ATOM 355 C CG   . ARG A 1 25 ? 3.726   -11.364 -0.058  1.00 1.39 ? 25 ARG A CG   1 
ATOM 356 C CD   . ARG A 1 25 ? 4.360   -12.607 -0.341  1.00 1.60 ? 25 ARG A CD   1 
ATOM 357 N NE   . ARG A 1 25 ? 3.586   -13.473 -0.976  1.00 2.00 ? 25 ARG A NE   1 
ATOM 358 C CZ   . ARG A 1 25 ? 3.669   -14.642 -0.631  1.00 2.46 ? 25 ARG A CZ   1 
ATOM 359 N NH1  . ARG A 1 25 ? 4.516   -14.821 0.452   1.00 2.82 ? 25 ARG A NH1  1 
ATOM 360 N NH2  . ARG A 1 25 ? 2.924   -15.667 -1.200  1.00 3.20 ? 25 ARG A NH2  1 
ATOM 361 H H    . ARG A 1 25 ? 6.120   -9.053  1.091   1.00 1.51 ? 25 ARG A H    1 
ATOM 362 H HA   . ARG A 1 25 ? 3.334   -9.192  0.736   1.00 1.21 ? 25 ARG A HA   1 
ATOM 363 H HB2  . ARG A 1 25 ? 5.547   -10.910 0.867   1.00 1.54 ? 25 ARG A HB2  1 
ATOM 364 H HB3  . ARG A 1 25 ? 4.281   -11.511 1.944   1.00 1.64 ? 25 ARG A HB3  1 
ATOM 365 H HG2  . ARG A 1 25 ? 2.714   -11.548 0.213   1.00 1.43 ? 25 ARG A HG2  1 
ATOM 366 H HG3  . ARG A 1 25 ? 3.814   -10.670 -0.870  1.00 1.42 ? 25 ARG A HG3  1 
ATOM 367 H HD2  . ARG A 1 25 ? 5.327   -12.521 -0.772  1.00 2.01 ? 25 ARG A HD2  1 
ATOM 368 H HD3  . ARG A 1 25 ? 4.502   -13.028 0.555   1.00 1.92 ? 25 ARG A HD3  1 
ATOM 369 H HE   . ARG A 1 25 ? 2.999   -13.247 -1.687  1.00 2.48 ? 25 ARG A HE   1 
ATOM 370 H HH11 . ARG A 1 25 ? 4.979   -13.994 0.905   1.00 2.70 ? 25 ARG A HH11 1 
ATOM 371 H HH12 . ARG A 1 25 ? 4.852   -15.660 0.582   1.00 3.56 ? 25 ARG A HH12 1 
ATOM 372 H HH21 . ARG A 1 25 ? 2.195   -15.496 -1.903  1.00 3.47 ? 25 ARG A HH21 1 
ATOM 373 H HH22 . ARG A 1 25 ? 3.173   -16.595 -1.028  1.00 3.74 ? 25 ARG A HH22 1 
ATOM 374 N N    . GLY A 1 26 ? 2.309   -9.333  2.934   1.00 1.47 ? 26 GLY A N    1 
ATOM 375 C CA   . GLY A 1 26 ? 1.670   -9.241  4.224   1.00 1.64 ? 26 GLY A CA   1 
ATOM 376 C C    . GLY A 1 26 ? 2.097   -8.008  4.990   1.00 1.64 ? 26 GLY A C    1 
ATOM 377 O O    . GLY A 1 26 ? 1.980   -7.945  6.210   1.00 1.83 ? 26 GLY A O    1 
ATOM 378 H H    . GLY A 1 26 ? 1.766   -9.361  2.120   1.00 1.35 ? 26 GLY A H    1 
ATOM 379 H HA2  . GLY A 1 26 ? 0.600   -9.215  4.081   1.00 1.61 ? 26 GLY A HA2  1 
ATOM 380 H HA3  . GLY A 1 26 ? 1.931   -10.111 4.800   1.00 1.83 ? 26 GLY A HA3  1 
ATOM 381 N N    . ASP A 1 27 ? 2.613   -7.044  4.266   1.00 1.47 ? 27 ASP A N    1 
ATOM 382 C CA   . ASP A 1 27 ? 3.094   -5.822  4.842   1.00 1.51 ? 27 ASP A CA   1 
ATOM 383 C C    . ASP A 1 27 ? 1.945   -4.842  5.078   1.00 1.39 ? 27 ASP A C    1 
ATOM 384 O O    . ASP A 1 27 ? 1.263   -4.419  4.145   1.00 1.20 ? 27 ASP A O    1 
ATOM 385 C CB   . ASP A 1 27 ? 4.155   -5.289  3.890   1.00 1.43 ? 27 ASP A CB   1 
ATOM 386 C CG   . ASP A 1 27 ? 4.442   -3.813  4.036   1.00 1.75 ? 27 ASP A CG   1 
ATOM 387 O OD1  . ASP A 1 27 ? 3.954   -3.219  4.983   1.00 1.86 ? 27 ASP A OD1  1 
ATOM 388 O OD2  . ASP A 1 27 ? 5.141   -3.254  3.191   1.00 2.33 ? 27 ASP A OD2  1 
ATOM 389 H H    . ASP A 1 27 ? 2.693   -7.163  3.303   1.00 1.34 ? 27 ASP A H    1 
ATOM 390 H HA   . ASP A 1 27 ? 3.556   -6.057  5.784   1.00 1.73 ? 27 ASP A HA   1 
ATOM 391 H HB2  . ASP A 1 27 ? 5.060   -5.839  4.049   1.00 1.69 ? 27 ASP A HB2  1 
ATOM 392 H HB3  . ASP A 1 27 ? 3.831   -5.474  2.893   1.00 1.48 ? 27 ASP A HB3  1 
ATOM 393 N N    . VAL A 1 28 ? 1.730   -4.501  6.346   1.00 1.52 ? 28 VAL A N    1 
ATOM 394 C CA   . VAL A 1 28 ? 0.664   -3.593  6.723   1.00 1.46 ? 28 VAL A CA   1 
ATOM 395 C C    . VAL A 1 28 ? 0.976   -2.182  6.294   1.00 1.29 ? 28 VAL A C    1 
ATOM 396 O O    . VAL A 1 28 ? 1.768   -1.486  6.929   1.00 1.39 ? 28 VAL A O    1 
ATOM 397 C CB   . VAL A 1 28 ? 0.431   -3.603  8.234   1.00 1.69 ? 28 VAL A CB   1 
ATOM 398 C CG1  . VAL A 1 28 ? -0.799  -2.775  8.584   1.00 1.67 ? 28 VAL A CG1  1 
ATOM 399 C CG2  . VAL A 1 28 ? 0.293   -5.031  8.731   1.00 1.90 ? 28 VAL A CG2  1 
ATOM 400 H H    . VAL A 1 28 ? 2.296   -4.881  7.046   1.00 1.67 ? 28 VAL A H    1 
ATOM 401 H HA   . VAL A 1 28 ? -0.245  -3.916  6.240   1.00 1.39 ? 28 VAL A HA   1 
ATOM 402 H HB   . VAL A 1 28 ? 1.288   -3.159  8.712   1.00 1.76 ? 28 VAL A HB   1 
ATOM 403 H HG11 . VAL A 1 28 ? -1.451  -2.733  7.760   1.00 2.01 ? 28 VAL A HG11 1 
ATOM 404 H HG12 . VAL A 1 28 ? -0.523  -1.798  8.837   1.00 1.93 ? 28 VAL A HG12 1 
ATOM 405 H HG13 . VAL A 1 28 ? -1.303  -3.205  9.400   1.00 1.90 ? 28 VAL A HG13 1 
ATOM 406 H HG21 . VAL A 1 28 ? -0.535  -5.115  9.364   1.00 2.09 ? 28 VAL A HG21 1 
ATOM 407 H HG22 . VAL A 1 28 ? 1.144   -5.317  9.258   1.00 2.10 ? 28 VAL A HG22 1 
ATOM 408 H HG23 . VAL A 1 28 ? 0.171   -5.684  7.920   1.00 2.31 ? 28 VAL A HG23 1 
ATOM 409 N N    . ILE A 1 29 ? 0.361   -1.765  5.214   1.00 1.07 ? 29 ILE A N    1 
ATOM 410 C CA   . ILE A 1 29 ? 0.578   -0.442  4.689   1.00 0.91 ? 29 ILE A CA   1 
ATOM 411 C C    . ILE A 1 29 ? -0.551  0.494   5.076   1.00 0.85 ? 29 ILE A C    1 
ATOM 412 O O    . ILE A 1 29 ? -1.724  0.148   4.974   1.00 0.89 ? 29 ILE A O    1 
ATOM 413 C CB   . ILE A 1 29 ? 0.710   -0.482  3.168   1.00 0.72 ? 29 ILE A CB   1 
ATOM 414 C CG1  . ILE A 1 29 ? 1.738   -1.523  2.763   1.00 0.83 ? 29 ILE A CG1  1 
ATOM 415 C CG2  . ILE A 1 29 ? 1.099   0.884   2.642   1.00 0.66 ? 29 ILE A CG2  1 
ATOM 416 C CD1  . ILE A 1 29 ? 1.455   -2.133  1.408   1.00 0.71 ? 29 ILE A CD1  1 
ATOM 417 H H    . ILE A 1 29 ? -0.255  -2.371  4.747   1.00 1.05 ? 29 ILE A H    1 
ATOM 418 H HA   . ILE A 1 29 ? 1.504   -0.068  5.101   1.00 1.03 ? 29 ILE A HA   1 
ATOM 419 H HB   . ILE A 1 29 ? -0.241  -0.747  2.753   1.00 0.62 ? 29 ILE A HB   1 
ATOM 420 H HG12 . ILE A 1 29 ? 2.712   -1.072  2.731   1.00 0.97 ? 29 ILE A HG12 1 
ATOM 421 H HG13 . ILE A 1 29 ? 1.735   -2.320  3.487   1.00 1.05 ? 29 ILE A HG13 1 
ATOM 422 H HG21 . ILE A 1 29 ? 2.044   1.181   3.063   1.00 1.18 ? 29 ILE A HG21 1 
ATOM 423 H HG22 . ILE A 1 29 ? 0.357   1.605   2.916   1.00 1.21 ? 29 ILE A HG22 1 
ATOM 424 H HG23 . ILE A 1 29 ? 1.181   0.848   1.577   1.00 1.23 ? 29 ILE A HG23 1 
ATOM 425 H HD11 . ILE A 1 29 ? 0.649   -1.617  0.945   1.00 1.16 ? 29 ILE A HD11 1 
ATOM 426 H HD12 . ILE A 1 29 ? 1.191   -3.156  1.512   1.00 1.25 ? 29 ILE A HD12 1 
ATOM 427 H HD13 . ILE A 1 29 ? 2.311   -2.069  0.789   1.00 1.28 ? 29 ILE A HD13 1 
ATOM 428 N N    . THR A 1 30 ? -0.190  1.682   5.517   1.00 0.85 ? 30 THR A N    1 
ATOM 429 C CA   . THR A 1 30 ? -1.166  2.665   5.916   1.00 0.83 ? 30 THR A CA   1 
ATOM 430 C C    . THR A 1 30 ? -1.643  3.440   4.718   1.00 0.60 ? 30 THR A C    1 
ATOM 431 O O    . THR A 1 30 ? -0.965  4.338   4.216   1.00 0.52 ? 30 THR A O    1 
ATOM 432 C CB   . THR A 1 30 ? -0.565  3.594   6.962   1.00 0.97 ? 30 THR A CB   1 
ATOM 433 O OG1  . THR A 1 30 ? 0.189   2.852   7.904   1.00 1.14 ? 30 THR A OG1  1 
ATOM 434 C CG2  . THR A 1 30 ? -1.599  4.390   7.729   1.00 1.05 ? 30 THR A CG2  1 
ATOM 435 H H    . THR A 1 30 ? 0.760   1.903   5.574   1.00 0.92 ? 30 THR A H    1 
ATOM 436 H HA   . THR A 1 30 ? -2.006  2.144   6.347   1.00 0.93 ? 30 THR A HA   1 
ATOM 437 H HB   . THR A 1 30 ? 0.090   4.291   6.467   1.00 0.93 ? 30 THR A HB   1 
ATOM 438 H HG1  . THR A 1 30 ? 1.052   3.259   8.019   1.00 1.78 ? 30 THR A HG1  1 
ATOM 439 H HG21 . THR A 1 30 ? -1.289  5.383   7.821   1.00 1.38 ? 30 THR A HG21 1 
ATOM 440 H HG22 . THR A 1 30 ? -1.729  3.995   8.683   1.00 1.27 ? 30 THR A HG22 1 
ATOM 441 H HG23 . THR A 1 30 ? -2.520  4.361   7.228   1.00 1.62 ? 30 THR A HG23 1 
ATOM 442 N N    . LEU A 1 31 ? -2.813  3.077   4.257   1.00 0.59 ? 31 LEU A N    1 
ATOM 443 C CA   . LEU A 1 31 ? -3.400  3.716   3.111   1.00 0.51 ? 31 LEU A CA   1 
ATOM 444 C C    . LEU A 1 31 ? -3.377  5.226   3.255   1.00 0.50 ? 31 LEU A C    1 
ATOM 445 O O    . LEU A 1 31 ? -3.894  5.778   4.225   1.00 0.60 ? 31 LEU A O    1 
ATOM 446 C CB   . LEU A 1 31 ? -4.822  3.245   2.928   1.00 0.72 ? 31 LEU A CB   1 
ATOM 447 C CG   . LEU A 1 31 ? -5.446  3.690   1.624   1.00 0.80 ? 31 LEU A CG   1 
ATOM 448 C CD1  . LEU A 1 31 ? -4.825  2.940   0.456   1.00 0.89 ? 31 LEU A CD1  1 
ATOM 449 C CD2  . LEU A 1 31 ? -6.936  3.459   1.656   1.00 1.13 ? 31 LEU A CD2  1 
ATOM 450 H H    . LEU A 1 31 ? -3.302  2.350   4.696   1.00 0.74 ? 31 LEU A H    1 
ATOM 451 H HA   . LEU A 1 31 ? -2.826  3.435   2.243   1.00 0.39 ? 31 LEU A HA   1 
ATOM 452 H HB2  . LEU A 1 31 ? -4.829  2.164   2.963   1.00 0.78 ? 31 LEU A HB2  1 
ATOM 453 H HB3  . LEU A 1 31 ? -5.414  3.627   3.741   1.00 0.84 ? 31 LEU A HB3  1 
ATOM 454 H HG   . LEU A 1 31 ? -5.265  4.746   1.492   1.00 0.87 ? 31 LEU A HG   1 
ATOM 455 H HD11 . LEU A 1 31 ? -4.107  3.534   -0.027  1.00 1.33 ? 31 LEU A HD11 1 
ATOM 456 H HD12 . LEU A 1 31 ? -5.556  2.689   -0.230  1.00 1.45 ? 31 LEU A HD12 1 
ATOM 457 H HD13 . LEU A 1 31 ? -4.368  2.060   0.791   1.00 1.27 ? 31 LEU A HD13 1 
ATOM 458 H HD21 . LEU A 1 31 ? -7.133  2.425   1.546   1.00 1.59 ? 31 LEU A HD21 1 
ATOM 459 H HD22 . LEU A 1 31 ? -7.406  3.976   0.868   1.00 1.53 ? 31 LEU A HD22 1 
ATOM 460 H HD23 . LEU A 1 31 ? -7.345  3.792   2.576   1.00 1.63 ? 31 LEU A HD23 1 
ATOM 461 N N    . ILE A 1 32 ? -2.779  5.883   2.278   1.00 0.47 ? 32 ILE A N    1 
ATOM 462 C CA   . ILE A 1 32 ? -2.683  7.334   2.274   1.00 0.58 ? 32 ILE A CA   1 
ATOM 463 C C    . ILE A 1 32 ? -3.874  7.935   1.576   1.00 0.75 ? 32 ILE A C    1 
ATOM 464 O O    . ILE A 1 32 ? -4.500  8.870   2.067   1.00 0.81 ? 32 ILE A O    1 
ATOM 465 C CB   . ILE A 1 32 ? -1.428  7.797   1.568   1.00 0.67 ? 32 ILE A CB   1 
ATOM 466 C CG1  . ILE A 1 32 ? -0.223  7.100   2.163   1.00 0.64 ? 32 ILE A CG1  1 
ATOM 467 C CG2  . ILE A 1 32 ? -1.299  9.305   1.678   1.00 0.82 ? 32 ILE A CG2  1 
ATOM 468 C CD1  . ILE A 1 32 ? 0.976   7.141   1.262   1.00 0.81 ? 32 ILE A CD1  1 
ATOM 469 H H    . ILE A 1 32 ? -2.392  5.377   1.534   1.00 0.45 ? 32 ILE A H    1 
ATOM 470 H HA   . ILE A 1 32 ? -2.654  7.674   3.301   1.00 0.56 ? 32 ILE A HA   1 
ATOM 471 H HB   . ILE A 1 32 ? -1.511  7.534   0.530   1.00 0.73 ? 32 ILE A HB   1 
ATOM 472 H HG12 . ILE A 1 32 ? 0.041   7.581   3.094   1.00 0.68 ? 32 ILE A HG12 1 
ATOM 473 H HG13 . ILE A 1 32 ? -0.464  6.067   2.351   1.00 0.53 ? 32 ILE A HG13 1 
ATOM 474 H HG21 . ILE A 1 32 ? -0.978  9.567   2.638   1.00 1.36 ? 32 ILE A HG21 1 
ATOM 475 H HG22 . ILE A 1 32 ? -2.225  9.761   1.506   1.00 1.26 ? 32 ILE A HG22 1 
ATOM 476 H HG23 . ILE A 1 32 ? -0.616  9.660   0.974   1.00 1.25 ? 32 ILE A HG23 1 
ATOM 477 H HD11 . ILE A 1 32 ? 1.791   7.463   1.796   1.00 1.41 ? 32 ILE A HD11 1 
ATOM 478 H HD12 . ILE A 1 32 ? 0.819   7.793   0.472   1.00 1.27 ? 32 ILE A HD12 1 
ATOM 479 H HD13 . ILE A 1 32 ? 1.175   6.192   0.873   1.00 1.17 ? 32 ILE A HD13 1 
ATOM 480 N N    . ASN A 1 33 ? -4.225  7.331   0.463   1.00 0.88 ? 33 ASN A N    1 
ATOM 481 C CA   . ASN A 1 33 ? -5.412  7.733   -0.263  1.00 1.11 ? 33 ASN A CA   1 
ATOM 482 C C    . ASN A 1 33 ? -5.746  6.748   -1.353  1.00 1.17 ? 33 ASN A C    1 
ATOM 483 O O    . ASN A 1 33 ? -5.007  5.810   -1.628  1.00 1.09 ? 33 ASN A O    1 
ATOM 484 C CB   . ASN A 1 33 ? -5.446  9.192   -0.839  1.00 1.31 ? 33 ASN A CB   1 
ATOM 485 C CG   . ASN A 1 33 ? -4.089  9.853   -1.350  1.00 1.43 ? 33 ASN A CG   1 
ATOM 486 O OD1  . ASN A 1 33 ? -4.082  11.036  -1.631  1.00 2.19 ? 33 ASN A OD1  1 
ATOM 487 N ND2  . ASN A 1 33 ? -2.975  9.087   -1.494  1.00 1.64 ? 33 ASN A ND2  1 
ATOM 488 H H    . ASN A 1 33 ? -3.715  6.546   0.165   1.00 0.86 ? 33 ASN A H    1 
ATOM 489 H HA   . ASN A 1 33 ? -6.205  7.637   0.464   1.00 1.18 ? 33 ASN A HA   1 
ATOM 490 H HB2  . ASN A 1 33 ? -6.143  9.185   -1.663  1.00 1.83 ? 33 ASN A HB2  1 
ATOM 491 H HB3  . ASN A 1 33 ? -5.891  9.837   -0.098  1.00 1.55 ? 33 ASN A HB3  1 
ATOM 492 H HD21 . ASN A 1 33 ? -3.078  8.202   -1.276  1.00 1.91 ? 33 ASN A HD21 1 
ATOM 493 H HD22 . ASN A 1 33 ? -2.097  9.468   -1.837  1.00 2.02 ? 33 ASN A HD22 1 
ATOM 494 N N    . LYS A 1 34 ? -6.908  6.966   -1.934  1.00 1.41 ? 34 LYS A N    1 
ATOM 495 C CA   . LYS A 1 34 ? -7.410  6.105   -2.971  1.00 1.55 ? 34 LYS A CA   1 
ATOM 496 C C    . LYS A 1 34 ? -7.781  6.888   -4.195  1.00 1.76 ? 34 LYS A C    1 
ATOM 497 O O    . LYS A 1 34 ? -8.879  6.753   -4.737  1.00 1.94 ? 34 LYS A O    1 
ATOM 498 C CB   . LYS A 1 34 ? -8.609  5.349   -2.504  1.00 1.67 ? 34 LYS A CB   1 
ATOM 499 C CG   . LYS A 1 34 ? -8.259  4.147   -1.689  1.00 1.54 ? 34 LYS A CG   1 
ATOM 500 C CD   . LYS A 1 34 ? -9.506  3.511   -1.168  1.00 1.73 ? 34 LYS A CD   1 
ATOM 501 C CE   . LYS A 1 34 ? -10.089 4.327   -0.047  1.00 1.99 ? 34 LYS A CE   1 
ATOM 502 N NZ   . LYS A 1 34 ? -11.070 3.530   0.712   1.00 2.19 ? 34 LYS A NZ   1 
ATOM 503 H H    . LYS A 1 34 ? -7.451  7.726   -1.638  1.00 1.52 ? 34 LYS A H    1 
ATOM 504 H HA   . LYS A 1 34 ? -6.627  5.398   -3.224  1.00 1.46 ? 34 LYS A HA   1 
ATOM 505 H HB2  . LYS A 1 34 ? -9.218  6.010   -1.892  1.00 1.74 ? 34 LYS A HB2  1 
ATOM 506 H HB3  . LYS A 1 34 ? -9.182  5.030   -3.357  1.00 1.84 ? 34 LYS A HB3  1 
ATOM 507 H HG2  . LYS A 1 34 ? -7.721  3.447   -2.305  1.00 1.49 ? 34 LYS A HG2  1 
ATOM 508 H HG3  . LYS A 1 34 ? -7.648  4.454   -0.858  1.00 1.41 ? 34 LYS A HG3  1 
ATOM 509 H HD2  . LYS A 1 34 ? -10.217 3.446   -1.970  1.00 1.98 ? 34 LYS A HD2  1 
ATOM 510 H HD3  . LYS A 1 34 ? -9.270  2.529   -0.814  1.00 1.62 ? 34 LYS A HD3  1 
ATOM 511 H HE2  . LYS A 1 34 ? -9.297  4.645   0.606   1.00 1.97 ? 34 LYS A HE2  1 
ATOM 512 H HE3  . LYS A 1 34 ? -10.585 5.182   -0.461  1.00 2.26 ? 34 LYS A HE3  1 
ATOM 513 H HZ1  . LYS A 1 34 ? -10.774 2.541   0.711   1.00 2.60 ? 34 LYS A HZ1  1 
ATOM 514 H HZ2  . LYS A 1 34 ? -11.992 3.611   0.279   1.00 2.50 ? 34 LYS A HZ2  1 
ATOM 515 H HZ3  . LYS A 1 34 ? -11.153 3.848   1.676   1.00 2.22 ? 34 LYS A HZ3  1 
ATOM 516 N N    . ASP A 1 35 ? -6.856  7.686   -4.625  1.00 1.79 ? 35 ASP A N    1 
ATOM 517 C CA   . ASP A 1 35 ? -7.006  8.502   -5.801  1.00 2.02 ? 35 ASP A CA   1 
ATOM 518 C C    . ASP A 1 35 ? -7.442  7.662   -6.984  1.00 2.17 ? 35 ASP A C    1 
ATOM 519 O O    . ASP A 1 35 ? -8.074  8.132   -7.929  1.00 2.40 ? 35 ASP A O    1 
ATOM 520 C CB   . ASP A 1 35 ? -5.638  9.056   -6.103  1.00 2.05 ? 35 ASP A CB   1 
ATOM 521 C CG   . ASP A 1 35 ? -5.604  10.635  -6.086  1.00 2.33 ? 35 ASP A CG   1 
ATOM 522 O OD1  . ASP A 1 35 ? -5.859  11.284  -7.109  1.00 2.76 ? 35 ASP A OD1  1 
ATOM 523 O OD2  . ASP A 1 35 ? -5.394  11.243  -5.020  1.00 2.89 ? 35 ASP A OD2  1 
ATOM 524 H H    . ASP A 1 35 ? -6.017  7.706   -4.139  1.00 1.67 ? 35 ASP A H    1 
ATOM 525 H HA   . ASP A 1 35 ? -7.698  9.306   -5.604  1.00 2.11 ? 35 ASP A HA   1 
ATOM 526 H HB2  . ASP A 1 35 ? -4.921  8.649   -5.421  1.00 2.27 ? 35 ASP A HB2  1 
ATOM 527 H HB3  . ASP A 1 35 ? -5.342  8.695   -7.069  1.00 2.32 ? 35 ASP A HB3  1 
ATOM 528 N N    . ASP A 1 36 ? -7.015  6.424   -6.944  1.00 2.06 ? 36 ASP A N    1 
ATOM 529 C CA   . ASP A 1 36 ? -7.259  5.519   -8.026  1.00 2.19 ? 36 ASP A CA   1 
ATOM 530 C C    . ASP A 1 36 ? -7.863  4.230   -7.525  1.00 2.11 ? 36 ASP A C    1 
ATOM 531 O O    . ASP A 1 36 ? -7.270  3.545   -6.695  1.00 1.89 ? 36 ASP A O    1 
ATOM 532 C CB   . ASP A 1 36 ? -5.937  5.249   -8.736  1.00 2.18 ? 36 ASP A CB   1 
ATOM 533 C CG   . ASP A 1 36 ? -6.150  4.692   -10.149 1.00 2.54 ? 36 ASP A CG   1 
ATOM 534 O OD1  . ASP A 1 36 ? -6.651  5.432   -11.010 1.00 2.98 ? 36 ASP A OD1  1 
ATOM 535 O OD2  . ASP A 1 36 ? -5.860  3.502   -10.381 1.00 2.63 ? 36 ASP A OD2  1 
ATOM 536 H H    . ASP A 1 36 ? -6.485  6.120   -6.192  1.00 1.90 ? 36 ASP A H    1 
ATOM 537 H HA   . ASP A 1 36 ? -7.925  5.991   -8.723  1.00 2.39 ? 36 ASP A HA   1 
ATOM 538 H HB2  . ASP A 1 36 ? -5.372  6.169   -8.771  1.00 2.31 ? 36 ASP A HB2  1 
ATOM 539 H HB3  . ASP A 1 36 ? -5.381  4.545   -8.168  1.00 2.15 ? 36 ASP A HB3  1 
ATOM 540 N N    . PRO A 1 37 ? -9.060  3.893   -8.005  1.00 2.32 ? 37 PRO A N    1 
ATOM 541 C CA   . PRO A 1 37 ? -9.752  2.684   -7.583  1.00 2.33 ? 37 PRO A CA   1 
ATOM 542 C C    . PRO A 1 37 ? -8.854  1.458   -7.634  1.00 2.16 ? 37 PRO A C    1 
ATOM 543 O O    . PRO A 1 37 ? -9.080  0.484   -6.920  1.00 2.10 ? 37 PRO A O    1 
ATOM 544 C CB   . PRO A 1 37 ? -10.890 2.510   -8.591  1.00 2.62 ? 37 PRO A CB   1 
ATOM 545 C CG   . PRO A 1 37 ? -10.945 3.765   -9.428  1.00 2.77 ? 37 PRO A CG   1 
ATOM 546 C CD   . PRO A 1 37 ? -9.826  4.680   -8.984  1.00 2.61 ? 37 PRO A CD   1 
ATOM 547 H HA   . PRO A 1 37 ? -10.156 2.785   -6.589  1.00 2.29 ? 37 PRO A HA   1 
ATOM 548 H HB2  . PRO A 1 37 ? -10.684 1.641   -9.201  1.00 2.74 ? 37 PRO A HB2  1 
ATOM 549 H HB3  . PRO A 1 37 ? -11.813 2.352   -8.055  1.00 2.68 ? 37 PRO A HB3  1 
ATOM 550 H HG2  . PRO A 1 37 ? -10.824 3.514   -10.467 1.00 2.98 ? 37 PRO A HG2  1 
ATOM 551 H HG3  . PRO A 1 37 ? -11.897 4.253   -9.289  1.00 2.94 ? 37 PRO A HG3  1 
ATOM 552 H HD2  . PRO A 1 37 ? -9.196  4.941   -9.824  1.00 2.64 ? 37 PRO A HD2  1 
ATOM 553 H HD3  . PRO A 1 37 ? -10.224 5.577   -8.529  1.00 2.71 ? 37 PRO A HD3  1 
ATOM 554 N N    . ASN A 1 38 ? -7.848  1.498   -8.491  1.00 2.13 ? 38 ASN A N    1 
ATOM 555 C CA   . ASN A 1 38 ? -6.945  0.375   -8.633  1.00 1.99 ? 38 ASN A CA   1 
ATOM 556 C C    . ASN A 1 38 ? -5.648  0.641   -7.915  1.00 1.75 ? 38 ASN A C    1 
ATOM 557 O O    . ASN A 1 38 ? -5.093  -0.236  -7.258  1.00 1.57 ? 38 ASN A O    1 
ATOM 558 C CB   . ASN A 1 38 ? -6.663  0.101   -10.105 1.00 2.17 ? 38 ASN A CB   1 
ATOM 559 C CG   . ASN A 1 38 ? -7.711  -0.797  -10.720 1.00 2.36 ? 38 ASN A CG   1 
ATOM 560 O OD1  . ASN A 1 38 ? -8.492  -0.371  -11.570 1.00 2.59 ? 38 ASN A OD1  1 
ATOM 561 N ND2  . ASN A 1 38 ? -7.733  -2.048  -10.281 1.00 2.28 ? 38 ASN A ND2  1 
ATOM 562 H H    . ASN A 1 38 ? -7.715  2.296   -9.045  1.00 2.22 ? 38 ASN A H    1 
ATOM 563 H HA   . ASN A 1 38 ? -7.419  -0.489  -8.199  1.00 1.98 ? 38 ASN A HA   1 
ATOM 564 H HB2  . ASN A 1 38 ? -6.644  1.035   -10.647 1.00 2.28 ? 38 ASN A HB2  1 
ATOM 565 H HB3  . ASN A 1 38 ? -5.703  -0.387  -10.197 1.00 2.08 ? 38 ASN A HB3  1 
ATOM 566 H HD21 . ASN A 1 38 ? -7.082  -2.308  -9.597  1.00 2.10 ? 38 ASN A HD21 1 
ATOM 567 H HD22 . ASN A 1 38 ? -8.395  -2.658  -10.657 1.00 2.42 ? 38 ASN A HD22 1 
ATOM 568 N N    . TRP A 1 39 ? -5.166  1.857   -8.057  1.00 1.78 ? 39 TRP A N    1 
ATOM 569 C CA   . TRP A 1 39 ? -3.924  2.248   -7.440  1.00 1.59 ? 39 TRP A CA   1 
ATOM 570 C C    . TRP A 1 39 ? -4.160  3.034   -6.174  1.00 1.45 ? 39 TRP A C    1 
ATOM 571 O O    . TRP A 1 39 ? -4.625  4.171   -6.205  1.00 1.54 ? 39 TRP A O    1 
ATOM 572 C CB   . TRP A 1 39 ? -3.097  3.060   -8.417  1.00 1.75 ? 39 TRP A CB   1 
ATOM 573 C CG   . TRP A 1 39 ? -2.354  2.201   -9.377  1.00 1.82 ? 39 TRP A CG   1 
ATOM 574 C CD1  . TRP A 1 39 ? -2.875  1.464   -10.401 1.00 1.97 ? 39 TRP A CD1  1 
ATOM 575 C CD2  . TRP A 1 39 ? -0.949  1.976   -9.386  1.00 1.77 ? 39 TRP A CD2  1 
ATOM 576 N NE1  . TRP A 1 39 ? -1.867  0.803   -11.058 1.00 1.99 ? 39 TRP A NE1  1 
ATOM 577 C CE2  . TRP A 1 39 ? -0.673  1.103   -10.452 1.00 1.88 ? 39 TRP A CE2  1 
ATOM 578 C CE3  . TRP A 1 39 ? 0.106   2.438   -8.596  1.00 1.68 ? 39 TRP A CE3  1 
ATOM 579 C CZ2  . TRP A 1 39 ? 0.618   0.680   -10.748 1.00 1.90 ? 39 TRP A CZ2  1 
ATOM 580 C CZ3  . TRP A 1 39 ? 1.387   2.019   -8.887  1.00 1.74 ? 39 TRP A CZ3  1 
ATOM 581 C CH2  . TRP A 1 39 ? 1.636   1.148   -9.957  1.00 1.85 ? 39 TRP A CH2  1 
ATOM 582 H H    . TRP A 1 39 ? -5.657  2.507   -8.602  1.00 1.95 ? 39 TRP A H    1 
ATOM 583 H HA   . TRP A 1 39 ? -3.384  1.348   -7.193  1.00 1.46 ? 39 TRP A HA   1 
ATOM 584 H HB2  . TRP A 1 39 ? -3.746  3.712   -8.978  1.00 1.92 ? 39 TRP A HB2  1 
ATOM 585 H HB3  . TRP A 1 39 ? -2.379  3.651   -7.870  1.00 1.67 ? 39 TRP A HB3  1 
ATOM 586 H HD1  . TRP A 1 39 ? -3.926  1.420   -10.650 1.00 2.07 ? 39 TRP A HD1  1 
ATOM 587 H HE1  . TRP A 1 39 ? -1.983  0.214   -11.833 1.00 2.09 ? 39 TRP A HE1  1 
ATOM 588 H HE3  . TRP A 1 39 ? -0.069  3.108   -7.766  1.00 1.61 ? 39 TRP A HE3  1 
ATOM 589 H HZ2  . TRP A 1 39 ? 0.824   0.010   -11.568 1.00 1.99 ? 39 TRP A HZ2  1 
ATOM 590 H HZ3  . TRP A 1 39 ? 2.212   2.363   -8.285  1.00 1.74 ? 39 TRP A HZ3  1 
ATOM 591 H HH2  . TRP A 1 39 ? 2.654   0.844   -10.151 1.00 1.91 ? 39 TRP A HH2  1 
ATOM 592 N N    . TRP A 1 40 ? -3.832  2.417   -5.058  1.00 1.24 ? 40 TRP A N    1 
ATOM 593 C CA   . TRP A 1 40 ? -4.000  3.052   -3.779  1.00 1.09 ? 40 TRP A CA   1 
ATOM 594 C C    . TRP A 1 40 ? -2.673  3.475   -3.213  1.00 0.92 ? 40 TRP A C    1 
ATOM 595 O O    . TRP A 1 40 ? -1.674  2.769   -3.334  1.00 0.85 ? 40 TRP A O    1 
ATOM 596 C CB   . TRP A 1 40 ? -4.682  2.103   -2.818  1.00 1.02 ? 40 TRP A CB   1 
ATOM 597 C CG   . TRP A 1 40 ? -6.100  1.857   -3.172  1.00 1.25 ? 40 TRP A CG   1 
ATOM 598 C CD1  . TRP A 1 40 ? -6.771  2.332   -4.259  1.00 1.49 ? 40 TRP A CD1  1 
ATOM 599 C CD2  . TRP A 1 40 ? -7.025  1.079   -2.429  1.00 1.31 ? 40 TRP A CD2  1 
ATOM 600 N NE1  . TRP A 1 40 ? -8.062  1.876   -4.242  1.00 1.67 ? 40 TRP A NE1  1 
ATOM 601 C CE2  . TRP A 1 40 ? -8.243  1.110   -3.123  1.00 1.58 ? 40 TRP A CE2  1 
ATOM 602 C CE3  . TRP A 1 40 ? -6.937  0.354   -1.242  1.00 1.22 ? 40 TRP A CE3  1 
ATOM 603 C CZ2  . TRP A 1 40 ? -9.371  0.444   -2.671  1.00 1.73 ? 40 TRP A CZ2  1 
ATOM 604 C CZ3  . TRP A 1 40 ? -8.057  -0.310  -0.788  1.00 1.42 ? 40 TRP A CZ3  1 
ATOM 605 C CH2  . TRP A 1 40 ? -9.264  -0.261  -1.502  1.00 1.66 ? 40 TRP A CH2  1 
ATOM 606 H H    . TRP A 1 40 ? -3.465  1.511   -5.100  1.00 1.18 ? 40 TRP A H    1 
ATOM 607 H HA   . TRP A 1 40 ? -4.623  3.923   -3.911  1.00 1.22 ? 40 TRP A HA   1 
ATOM 608 H HB2  . TRP A 1 40 ? -4.165  1.157   -2.824  1.00 0.93 ? 40 TRP A HB2  1 
ATOM 609 H HB3  . TRP A 1 40 ? -4.650  2.521   -1.831  1.00 0.92 ? 40 TRP A HB3  1 
ATOM 610 H HD1  . TRP A 1 40 ? -6.332  2.966   -5.015  1.00 1.56 ? 40 TRP A HD1  1 
ATOM 611 H HE1  . TRP A 1 40 ? -8.739  2.066   -4.915  1.00 1.85 ? 40 TRP A HE1  1 
ATOM 612 H HE3  . TRP A 1 40 ? -6.013  0.310   -0.683  1.00 1.04 ? 40 TRP A HE3  1 
ATOM 613 H HZ2  . TRP A 1 40 ? -10.303 0.474   -3.211  1.00 1.94 ? 40 TRP A HZ2  1 
ATOM 614 H HZ3  . TRP A 1 40 ? -8.010  -0.877  0.130   1.00 1.43 ? 40 TRP A HZ3  1 
ATOM 615 H HH2  . TRP A 1 40 ? -10.119 -0.793  -1.113  1.00 1.82 ? 40 TRP A HH2  1 
ATOM 616 N N    . GLU A 1 41 ? -2.669  4.618   -2.575  1.00 0.90 ? 41 GLU A N    1 
ATOM 617 C CA   . GLU A 1 41 ? -1.464  5.116   -1.969  1.00 0.81 ? 41 GLU A CA   1 
ATOM 618 C C    . GLU A 1 41 ? -1.371  4.618   -0.546  1.00 0.57 ? 41 GLU A C    1 
ATOM 619 O O    . GLU A 1 41 ? -2.381  4.481   0.140   1.00 0.51 ? 41 GLU A O    1 
ATOM 620 C CB   . GLU A 1 41 ? -1.463  6.620   -1.983  1.00 0.96 ? 41 GLU A CB   1 
ATOM 621 C CG   . GLU A 1 41 ? -0.105  7.235   -1.747  1.00 1.02 ? 41 GLU A CG   1 
ATOM 622 C CD   . GLU A 1 41 ? 0.364   8.114   -2.889  1.00 1.31 ? 41 GLU A CD   1 
ATOM 623 O OE1  . GLU A 1 41 ? -0.453  8.562   -3.665  1.00 1.59 ? 41 GLU A OE1  1 
ATOM 624 O OE2  . GLU A 1 41 ? 1.550   8.361   -3.001  1.00 1.91 ? 41 GLU A OE2  1 
ATOM 625 H H    . GLU A 1 41 ? -3.502  5.130   -2.496  1.00 0.98 ? 41 GLU A H    1 
ATOM 626 H HA   . GLU A 1 41 ? -0.623  4.751   -2.533  1.00 0.88 ? 41 GLU A HA   1 
ATOM 627 H HB2  . GLU A 1 41 ? -1.847  6.972   -2.927  1.00 1.13 ? 41 GLU A HB2  1 
ATOM 628 H HB3  . GLU A 1 41 ? -2.108  6.939   -1.194  1.00 0.89 ? 41 GLU A HB3  1 
ATOM 629 H HG2  . GLU A 1 41 ? -0.174  7.840   -0.864  1.00 0.98 ? 41 GLU A HG2  1 
ATOM 630 H HG3  . GLU A 1 41 ? 0.614   6.444   -1.588  1.00 0.97 ? 41 GLU A HG3  1 
ATOM 631 N N    . GLY A 1 42 ? -0.168  4.338   -0.106  1.00 0.54 ? 42 GLY A N    1 
ATOM 632 C CA   . GLY A 1 42 ? 0.003   3.843   1.231   1.00 0.44 ? 42 GLY A CA   1 
ATOM 633 C C    . GLY A 1 42 ? 1.310   4.247   1.830   1.00 0.65 ? 42 GLY A C    1 
ATOM 634 O O    . GLY A 1 42 ? 2.267   4.572   1.125   1.00 0.82 ? 42 GLY A O    1 
ATOM 635 H H    . GLY A 1 42 ? 0.605   4.463   -0.691  1.00 0.69 ? 42 GLY A H    1 
ATOM 636 H HA2  . GLY A 1 42 ? -0.794  4.227   1.852   1.00 0.38 ? 42 GLY A HA2  1 
ATOM 637 H HA3  . GLY A 1 42 ? -0.054  2.767   1.214   1.00 0.39 ? 42 GLY A HA3  1 
ATOM 638 N N    . GLN A 1 43 ? 1.349   4.236   3.132   1.00 0.70 ? 43 GLN A N    1 
ATOM 639 C CA   . GLN A 1 43 ? 2.534   4.611   3.836   1.00 0.94 ? 43 GLN A CA   1 
ATOM 640 C C    . GLN A 1 43 ? 3.046   3.482   4.666   1.00 1.12 ? 43 GLN A C    1 
ATOM 641 O O    . GLN A 1 43 ? 2.357   2.963   5.539   1.00 1.25 ? 43 GLN A O    1 
ATOM 642 C CB   . GLN A 1 43 ? 2.255   5.785   4.712   1.00 0.99 ? 43 GLN A CB   1 
ATOM 643 C CG   . GLN A 1 43 ? 3.455   6.644   4.949   1.00 1.26 ? 43 GLN A CG   1 
ATOM 644 C CD   . GLN A 1 43 ? 3.214   7.601   6.082   1.00 1.57 ? 43 GLN A CD   1 
ATOM 645 O OE1  . GLN A 1 43 ? 2.078   7.877   6.404   1.00 2.00 ? 43 GLN A OE1  1 
ATOM 646 N NE2  . GLN A 1 43 ? 4.285   8.066   6.700   1.00 1.88 ? 43 GLN A NE2  1 
ATOM 647 H H    . GLN A 1 43 ? 0.554   3.974   3.639   1.00 0.63 ? 43 GLN A H    1 
ATOM 648 H HA   . GLN A 1 43 ? 3.276   4.883   3.117   1.00 1.03 ? 43 GLN A HA   1 
ATOM 649 H HB2  . GLN A 1 43 ? 1.483   6.382   4.265   1.00 0.91 ? 43 GLN A HB2  1 
ATOM 650 H HB3  . GLN A 1 43 ? 1.919   5.423   5.658   1.00 1.05 ? 43 GLN A HB3  1 
ATOM 651 H HG2  . GLN A 1 43 ? 4.280   6.012   5.197   1.00 1.48 ? 43 GLN A HG2  1 
ATOM 652 H HG3  . GLN A 1 43 ? 3.678   7.191   4.059   1.00 1.45 ? 43 GLN A HG3  1 
ATOM 653 H HE21 . GLN A 1 43 ? 5.128   7.765   6.378   1.00 2.09 ? 43 GLN A HE21 1 
ATOM 654 H HE22 . GLN A 1 43 ? 4.186   8.677   7.467   1.00 2.16 ? 43 GLN A HE22 1 
ATOM 655 N N    . LEU A 1 44 ? 4.259   3.114   4.381   1.00 1.30 ? 44 LEU A N    1 
ATOM 656 C CA   . LEU A 1 44 ? 4.893   2.057   5.070   1.00 1.52 ? 44 LEU A CA   1 
ATOM 657 C C    . LEU A 1 44 ? 5.844   2.584   6.075   1.00 1.81 ? 44 LEU A C    1 
ATOM 658 O O    . LEU A 1 44 ? 7.037   2.665   5.822   1.00 2.04 ? 44 LEU A O    1 
ATOM 659 C CB   . LEU A 1 44 ? 5.616   1.178   4.094   1.00 1.57 ? 44 LEU A CB   1 
ATOM 660 C CG   . LEU A 1 44 ? 5.105   -0.266  4.021   1.00 1.67 ? 44 LEU A CG   1 
ATOM 661 C CD1  . LEU A 1 44 ? 6.280   -1.186  3.706   1.00 1.84 ? 44 LEU A CD1  1 
ATOM 662 C CD2  . LEU A 1 44 ? 4.490   -0.745  5.358   1.00 1.86 ? 44 LEU A CD2  1 
ATOM 663 H H    . LEU A 1 44 ? 4.750   3.574   3.675   1.00 1.37 ? 44 LEU A H    1 
ATOM 664 H HA   . LEU A 1 44 ? 4.151   1.478   5.578   1.00 1.50 ? 44 LEU A HA   1 
ATOM 665 H HB2  . LEU A 1 44 ? 5.549   1.658   3.122   1.00 1.56 ? 44 LEU A HB2  1 
ATOM 666 H HB3  . LEU A 1 44 ? 6.651   1.137   4.369   1.00 1.83 ? 44 LEU A HB3  1 
ATOM 667 H HG   . LEU A 1 44 ? 4.360   -0.332  3.242   1.00 2.14 ? 44 LEU A HG   1 
ATOM 668 H HD11 . LEU A 1 44 ? 6.941   -0.766  2.998   1.00 2.22 ? 44 LEU A HD11 1 
ATOM 669 H HD12 . LEU A 1 44 ? 5.957   -2.103  3.327   1.00 2.26 ? 44 LEU A HD12 1 
ATOM 670 H HD13 . LEU A 1 44 ? 6.805   -1.369  4.588   1.00 2.09 ? 44 LEU A HD13 1 
ATOM 671 H HD21 . LEU A 1 44 ? 3.558   -0.247  5.584   1.00 2.25 ? 44 LEU A HD21 1 
ATOM 672 H HD22 . LEU A 1 44 ? 5.163   -0.556  6.145   1.00 2.14 ? 44 LEU A HD22 1 
ATOM 673 H HD23 . LEU A 1 44 ? 4.322   -1.785  5.327   1.00 2.26 ? 44 LEU A HD23 1 
ATOM 674 N N    . ASN A 1 45 ? 5.313   2.930   7.219   1.00 1.99 ? 45 ASN A N    1 
ATOM 675 C CA   . ASN A 1 45 ? 6.120   3.427   8.283   1.00 2.28 ? 45 ASN A CA   1 
ATOM 676 C C    . ASN A 1 45 ? 6.477   4.854   8.115   1.00 2.25 ? 45 ASN A C    1 
ATOM 677 O O    . ASN A 1 45 ? 6.634   5.586   9.069   1.00 2.68 ? 45 ASN A O    1 
ATOM 678 C CB   . ASN A 1 45 ? 7.411   2.663   8.345   1.00 2.59 ? 45 ASN A CB   1 
ATOM 679 C CG   . ASN A 1 45 ? 7.686   2.356   9.775   1.00 3.05 ? 45 ASN A CG   1 
ATOM 680 O OD1  . ASN A 1 45 ? 7.583   3.239   10.588  1.00 3.67 ? 45 ASN A OD1  1 
ATOM 681 N ND2  . ASN A 1 45 ? 7.822   1.061   10.076  1.00 3.24 ? 45 ASN A ND2  1 
ATOM 682 H H    . ASN A 1 45 ? 4.355   2.841   7.351   1.00 2.05 ? 45 ASN A H    1 
ATOM 683 H HA   . ASN A 1 45 ? 5.604   3.286   9.210   1.00 2.41 ? 45 ASN A HA   1 
ATOM 684 H HB2  . ASN A 1 45 ? 7.297   1.756   7.815   1.00 2.48 ? 45 ASN A HB2  1 
ATOM 685 H HB3  . ASN A 1 45 ? 8.212   3.245   7.901   1.00 2.91 ? 45 ASN A HB3  1 
ATOM 686 H HD21 . ASN A 1 45 ? 7.746   0.472   9.349   1.00 3.22 ? 45 ASN A HD21 1 
ATOM 687 H HD22 . ASN A 1 45 ? 7.906   0.756   11.012  1.00 3.69 ? 45 ASN A HD22 1 
ATOM 688 N N    . ASN A 1 46 ? 6.720   5.204   6.911   1.00 2.01 ? 46 ASN A N    1 
ATOM 689 C CA   . ASN A 1 46 ? 7.210   6.514   6.623   1.00 2.02 ? 46 ASN A CA   1 
ATOM 690 C C    . ASN A 1 46 ? 7.246   6.797   5.176   1.00 1.98 ? 46 ASN A C    1 
ATOM 691 O O    . ASN A 1 46 ? 7.304   7.939   4.750   1.00 2.26 ? 46 ASN A O    1 
ATOM 692 C CB   . ASN A 1 46 ? 8.603   6.531   7.065   1.00 2.29 ? 46 ASN A CB   1 
ATOM 693 C CG   . ASN A 1 46 ? 8.869   7.419   8.235   1.00 2.88 ? 46 ASN A CG   1 
ATOM 694 O OD1  . ASN A 1 46 ? 7.972   7.826   8.933   1.00 3.52 ? 46 ASN A OD1  1 
ATOM 695 N ND2  . ASN A 1 46 ? 10.116  7.799   8.330   1.00 3.19 ? 46 ASN A ND2  1 
ATOM 696 H H    . ASN A 1 46 ? 6.658   4.546   6.215   1.00 2.05 ? 46 ASN A H    1 
ATOM 697 H HA   . ASN A 1 46 ? 6.659   7.243   7.147   1.00 1.96 ? 46 ASN A HA   1 
ATOM 698 H HB2  . ASN A 1 46 ? 8.907   5.536   7.253   1.00 2.59 ? 46 ASN A HB2  1 
ATOM 699 H HB3  . ASN A 1 46 ? 9.189   6.902   6.283   1.00 2.40 ? 46 ASN A HB3  1 
ATOM 700 H HD21 . ASN A 1 46 ? 10.689  7.489   7.654   1.00 3.05 ? 46 ASN A HD21 1 
ATOM 701 H HD22 . ASN A 1 46 ? 10.415  8.386   9.045   1.00 3.83 ? 46 ASN A HD22 1 
ATOM 702 N N    . ARG A 1 47 ? 7.297   5.767   4.427   1.00 1.88 ? 47 ARG A N    1 
ATOM 703 C CA   . ARG A 1 47 ? 7.388   5.924   3.067   1.00 1.89 ? 47 ARG A CA   1 
ATOM 704 C C    . ARG A 1 47 ? 6.066   5.899   2.457   1.00 1.62 ? 47 ARG A C    1 
ATOM 705 O O    . ARG A 1 47 ? 5.229   5.070   2.790   1.00 1.49 ? 47 ARG A O    1 
ATOM 706 C CB   . ARG A 1 47 ? 8.136   4.842   2.473   1.00 2.07 ? 47 ARG A CB   1 
ATOM 707 C CG   . ARG A 1 47 ? 7.935   3.532   3.131   1.00 2.08 ? 47 ARG A CG   1 
ATOM 708 C CD   . ARG A 1 47 ? 8.794   2.651   2.402   1.00 2.47 ? 47 ARG A CD   1 
ATOM 709 N NE   . ARG A 1 47 ? 9.792   2.192   3.203   1.00 3.20 ? 47 ARG A NE   1 
ATOM 710 C CZ   . ARG A 1 47 ? 11.050  2.516   2.894   1.00 3.57 ? 47 ARG A CZ   1 
ATOM 711 N NH1  . ARG A 1 47 ? 11.330  3.823   2.355   1.00 3.43 ? 47 ARG A NH1  1 
ATOM 712 N NH2  . ARG A 1 47 ? 11.963  1.628   3.236   1.00 4.50 ? 47 ARG A NH2  1 
ATOM 713 H H    . ARG A 1 47 ? 7.312   4.886   4.798   1.00 1.97 ? 47 ARG A H    1 
ATOM 714 H HA   . ARG A 1 47 ? 7.882   6.852   2.861   1.00 2.04 ? 47 ARG A HA   1 
ATOM 715 H HB2  . ARG A 1 47 ? 7.851   4.760   1.443   1.00 2.36 ? 47 ARG A HB2  1 
ATOM 716 H HB3  . ARG A 1 47 ? 9.167   5.057   2.511   1.00 2.30 ? 47 ARG A HB3  1 
ATOM 717 H HG2  . ARG A 1 47 ? 8.289   3.578   4.131   1.00 2.20 ? 47 ARG A HG2  1 
ATOM 718 H HG3  . ARG A 1 47 ? 6.910   3.201   3.095   1.00 2.16 ? 47 ARG A HG3  1 
ATOM 719 H HD2  . ARG A 1 47 ? 8.307   1.905   1.851   1.00 2.63 ? 47 ARG A HD2  1 
ATOM 720 H HD3  . ARG A 1 47 ? 9.287   3.278   1.748   1.00 2.70 ? 47 ARG A HD3  1 
ATOM 721 H HE   . ARG A 1 47 ? 9.567   1.498   3.880   1.00 3.72 ? 47 ARG A HE   1 
ATOM 722 H HH11 . ARG A 1 47 ? 10.595  4.476   2.168   1.00 3.08 ? 47 ARG A HH11 1 
ATOM 723 H HH12 . ARG A 1 47 ? 12.271  4.147   2.208   1.00 3.98 ? 47 ARG A HH12 1 
ATOM 724 H HH21 . ARG A 1 47 ? 11.656  0.775   3.659   1.00 4.95 ? 47 ARG A HH21 1 
ATOM 725 H HH22 . ARG A 1 47 ? 12.914  1.753   3.087   1.00 4.90 ? 47 ARG A HH22 1 
ATOM 726 N N    . ARG A 1 48 ? 5.907   6.770   1.531   1.00 1.63 ? 48 ARG A N    1 
ATOM 727 C CA   . ARG A 1 48 ? 4.685   6.841   0.803   1.00 1.43 ? 48 ARG A CA   1 
ATOM 728 C C    . ARG A 1 48 ? 4.868   6.332   -0.576  1.00 1.46 ? 48 ARG A C    1 
ATOM 729 O O    . ARG A 1 48 ? 5.978   6.305   -1.096  1.00 1.68 ? 48 ARG A O    1 
ATOM 730 C CB   . ARG A 1 48 ? 4.223   8.242   0.714   1.00 1.48 ? 48 ARG A CB   1 
ATOM 731 C CG   . ARG A 1 48 ? 3.434   8.631   1.885   1.00 1.37 ? 48 ARG A CG   1 
ATOM 732 C CD   . ARG A 1 48 ? 4.268   9.537   2.523   1.00 1.63 ? 48 ARG A CD   1 
ATOM 733 N NE   . ARG A 1 48 ? 3.757   10.284  3.518   1.00 1.73 ? 48 ARG A NE   1 
ATOM 734 C CZ   . ARG A 1 48 ? 4.481   11.289  3.955   1.00 1.96 ? 48 ARG A CZ   1 
ATOM 735 N NH1  . ARG A 1 48 ? 5.637   11.499  3.205   1.00 2.16 ? 48 ARG A NH1  1 
ATOM 736 N NH2  . ARG A 1 48 ? 4.153   12.019  5.046   1.00 2.78 ? 48 ARG A NH2  1 
ATOM 737 H H    . ARG A 1 48 ? 6.650   7.368   1.308   1.00 1.82 ? 48 ARG A H    1 
ATOM 738 H HA   . ARG A 1 48 ? 3.946   6.258   1.321   1.00 1.26 ? 48 ARG A HA   1 
ATOM 739 H HB2  . ARG A 1 48 ? 5.113   8.861   0.688   1.00 1.66 ? 48 ARG A HB2  1 
ATOM 740 H HB3  . ARG A 1 48 ? 3.650   8.404   -0.173  1.00 1.47 ? 48 ARG A HB3  1 
ATOM 741 H HG2  . ARG A 1 48 ? 2.537   9.128   1.600   1.00 1.26 ? 48 ARG A HG2  1 
ATOM 742 H HG3  . ARG A 1 48 ? 3.256   7.787   2.531   1.00 1.31 ? 48 ARG A HG3  1 
ATOM 743 H HD2  . ARG A 1 48 ? 5.122   9.024   2.875   1.00 2.30 ? 48 ARG A HD2  1 
ATOM 744 H HD3  . ARG A 1 48 ? 4.556   10.224  1.785   1.00 1.93 ? 48 ARG A HD3  1 
ATOM 745 H HE   . ARG A 1 48 ? 2.898   10.033  3.897   1.00 2.29 ? 48 ARG A HE   1 
ATOM 746 H HH11 . ARG A 1 48 ? 5.843   10.890  2.439   1.00 2.24 ? 48 ARG A HH11 1 
ATOM 747 H HH12 . ARG A 1 48 ? 6.279   12.210  3.409   1.00 2.72 ? 48 ARG A HH12 1 
ATOM 748 H HH21 . ARG A 1 48 ? 3.317   11.799  5.563   1.00 3.27 ? 48 ARG A HH21 1 
ATOM 749 H HH22 . ARG A 1 48 ? 4.684   12.766  5.366   1.00 3.19 ? 48 ARG A HH22 1 
ATOM 750 N N    . GLY A 1 49 ? 3.770   5.956   -1.170  1.00 1.27 ? 49 GLY A N    1 
ATOM 751 C CA   . GLY A 1 49 ? 3.825   5.462   -2.504  1.00 1.34 ? 49 GLY A CA   1 
ATOM 752 C C    . GLY A 1 49 ? 2.506   4.906   -2.956  1.00 1.18 ? 49 GLY A C    1 
ATOM 753 O O    . GLY A 1 49 ? 1.644   4.581   -2.141  1.00 0.97 ? 49 GLY A O    1 
ATOM 754 H H    . GLY A 1 49 ? 2.913   6.022   -0.697  1.00 1.11 ? 49 GLY A H    1 
ATOM 755 H HA2  . GLY A 1 49 ? 4.123   6.252   -3.162  1.00 1.51 ? 49 GLY A HA2  1 
ATOM 756 H HA3  . GLY A 1 49 ? 4.563   4.686   -2.548  1.00 1.38 ? 49 GLY A HA3  1 
ATOM 757 N N    . ILE A 1 50 ? 2.349   4.792   -4.251  1.00 1.31 ? 50 ILE A N    1 
ATOM 758 C CA   . ILE A 1 50 ? 1.130   4.266   -4.819  1.00 1.25 ? 50 ILE A CA   1 
ATOM 759 C C    . ILE A 1 50 ? 1.363   2.878   -5.378  1.00 1.24 ? 50 ILE A C    1 
ATOM 760 O O    . ILE A 1 50 ? 2.471   2.540   -5.785  1.00 1.36 ? 50 ILE A O    1 
ATOM 761 C CB   . ILE A 1 50 ? 0.605   5.170   -5.941  1.00 1.48 ? 50 ILE A CB   1 
ATOM 762 C CG1  . ILE A 1 50 ? 1.700   5.411   -6.963  1.00 1.70 ? 50 ILE A CG1  1 
ATOM 763 C CG2  . ILE A 1 50 ? 0.124   6.492   -5.375  1.00 1.50 ? 50 ILE A CG2  1 
ATOM 764 C CD1  . ILE A 1 50 ? 1.185   5.417   -8.382  1.00 1.90 ? 50 ILE A CD1  1 
ATOM 765 H H    . ILE A 1 50 ? 3.077   5.064   -4.849  1.00 1.48 ? 50 ILE A H    1 
ATOM 766 H HA   . ILE A 1 50 ? 0.389   4.217   -4.039  1.00 1.09 ? 50 ILE A HA   1 
ATOM 767 H HB   . ILE A 1 50 ? -0.225  4.680   -6.417  1.00 1.48 ? 50 ILE A HB   1 
ATOM 768 H HG12 . ILE A 1 50 ? 2.168   6.364   -6.770  1.00 1.75 ? 50 ILE A HG12 1 
ATOM 769 H HG13 . ILE A 1 50 ? 2.436   4.626   -6.882  1.00 1.72 ? 50 ILE A HG13 1 
ATOM 770 H HG21 . ILE A 1 50 ? 0.914   6.955   -4.825  1.00 1.86 ? 50 ILE A HG21 1 
ATOM 771 H HG22 . ILE A 1 50 ? -0.702  6.335   -4.716  1.00 1.68 ? 50 ILE A HG22 1 
ATOM 772 H HG23 . ILE A 1 50 ? -0.178  7.139   -6.171  1.00 1.91 ? 50 ILE A HG23 1 
ATOM 773 H HD11 . ILE A 1 50 ? 1.480   6.302   -8.874  1.00 2.39 ? 50 ILE A HD11 1 
ATOM 774 H HD12 . ILE A 1 50 ? 0.138   5.356   -8.387  1.00 2.06 ? 50 ILE A HD12 1 
ATOM 775 H HD13 . ILE A 1 50 ? 1.566   4.585   -8.911  1.00 2.14 ? 50 ILE A HD13 1 
ATOM 776 N N    . PHE A 1 51 ? 0.317   2.079   -5.399  1.00 1.13 ? 51 PHE A N    1 
ATOM 777 C CA   . PHE A 1 51 ? 0.418   0.734   -5.923  1.00 1.13 ? 51 PHE A CA   1 
ATOM 778 C C    . PHE A 1 51 ? -0.966  0.136   -6.103  1.00 1.10 ? 51 PHE A C    1 
ATOM 779 O O    . PHE A 1 51 ? -1.933  0.557   -5.465  1.00 1.05 ? 51 PHE A O    1 
ATOM 780 C CB   . PHE A 1 51 ? 1.239   -0.142  -4.983  1.00 0.98 ? 51 PHE A CB   1 
ATOM 781 C CG   . PHE A 1 51 ? 0.562   -0.334  -3.683  1.00 0.74 ? 51 PHE A CG   1 
ATOM 782 C CD1  . PHE A 1 51 ? 0.319   0.795   -2.853  1.00 1.29 ? 51 PHE A CD1  1 
ATOM 783 C CD2  . PHE A 1 51 ? 0.181   -1.619  -3.256  1.00 1.34 ? 51 PHE A CD2  1 
ATOM 784 C CE1  . PHE A 1 51 ? -0.316  0.644   -1.633  1.00 1.27 ? 51 PHE A CE1  1 
ATOM 785 C CE2  . PHE A 1 51 ? -0.450  -1.781  -2.042  1.00 1.25 ? 51 PHE A CE2  1 
ATOM 786 C CZ   . PHE A 1 51 ? -0.697  -0.649  -1.201  1.00 0.49 ? 51 PHE A CZ   1 
ATOM 787 H H    . PHE A 1 51 ? -0.541  2.405   -5.058  1.00 1.08 ? 51 PHE A H    1 
ATOM 788 H HA   . PHE A 1 51 ? 0.904   0.781   -6.876  1.00 1.31 ? 51 PHE A HA   1 
ATOM 789 H HB2  . PHE A 1 51 ? 1.392   -1.118  -5.436  1.00 1.01 ? 51 PHE A HB2  1 
ATOM 790 H HB3  . PHE A 1 51 ? 2.197   0.322   -4.801  1.00 1.08 ? 51 PHE A HB3  1 
ATOM 791 H HD1  . PHE A 1 51 ? 0.627   1.800   -3.201  1.00 2.13 ? 51 PHE A HD1  1 
ATOM 792 H HD2  . PHE A 1 51 ? 0.367   -2.503  -3.918  1.00 2.21 ? 51 PHE A HD2  1 
ATOM 793 H HE1  . PHE A 1 51 ? -0.502  1.531   -1.000  1.00 2.14 ? 51 PHE A HE1  1 
ATOM 794 H HE2  . PHE A 1 51 ? -0.734  -2.778  -1.721  1.00 2.09 ? 51 PHE A HE2  1 
ATOM 795 H HZ   . PHE A 1 51 ? -1.197  -0.783  -0.237  1.00 0.53 ? 51 PHE A HZ   1 
ATOM 796 N N    . PRO A 1 52 ? -1.073  -0.875  -6.962  1.00 1.18 ? 52 PRO A N    1 
ATOM 797 C CA   . PRO A 1 52 ? -2.335  -1.548  -7.204  1.00 1.24 ? 52 PRO A CA   1 
ATOM 798 C C    . PRO A 1 52 ? -2.822  -2.218  -5.935  1.00 1.08 ? 52 PRO A C    1 
ATOM 799 O O    . PRO A 1 52 ? -2.252  -3.216  -5.503  1.00 0.96 ? 52 PRO A O    1 
ATOM 800 C CB   . PRO A 1 52 ? -2.009  -2.601  -8.267  1.00 1.34 ? 52 PRO A CB   1 
ATOM 801 C CG   . PRO A 1 52 ? -0.679  -2.204  -8.827  1.00 1.44 ? 52 PRO A CG   1 
ATOM 802 C CD   . PRO A 1 52 ? 0.032   -1.458  -7.733  1.00 1.26 ? 52 PRO A CD   1 
ATOM 803 H HA   . PRO A 1 52 ? -3.088  -0.866  -7.574  1.00 1.39 ? 52 PRO A HA   1 
ATOM 804 H HB2  . PRO A 1 52 ? -1.968  -3.573  -7.802  1.00 1.26 ? 52 PRO A HB2  1 
ATOM 805 H HB3  . PRO A 1 52 ? -2.776  -2.596  -9.026  1.00 1.48 ? 52 PRO A HB3  1 
ATOM 806 H HG2  . PRO A 1 52 ? -0.122  -3.086  -9.106  1.00 1.52 ? 52 PRO A HG2  1 
ATOM 807 H HG3  . PRO A 1 52 ? -0.818  -1.566  -9.685  1.00 1.66 ? 52 PRO A HG3  1 
ATOM 808 H HD2  . PRO A 1 52 ? 0.611   -2.136  -7.123  1.00 1.12 ? 52 PRO A HD2  1 
ATOM 809 H HD3  . PRO A 1 52 ? 0.664   -0.684  -8.144  1.00 1.39 ? 52 PRO A HD3  1 
ATOM 810 N N    . SER A 1 53 ? -3.867  -1.676  -5.336  1.00 1.14 ? 53 SER A N    1 
ATOM 811 C CA   . SER A 1 53 ? -4.406  -2.244  -4.117  1.00 1.09 ? 53 SER A CA   1 
ATOM 812 C C    . SER A 1 53 ? -4.729  -3.711  -4.313  1.00 1.18 ? 53 SER A C    1 
ATOM 813 O O    . SER A 1 53 ? -4.814  -4.490  -3.366  1.00 1.17 ? 53 SER A O    1 
ATOM 814 C CB   . SER A 1 53 ? -5.660  -1.472  -3.699  1.00 1.26 ? 53 SER A CB   1 
ATOM 815 O OG   . SER A 1 53 ? -6.469  -1.127  -4.832  1.00 1.97 ? 53 SER A OG   1 
ATOM 816 H H    . SER A 1 53 ? -4.291  -0.882  -5.719  1.00 1.26 ? 53 SER A H    1 
ATOM 817 H HA   . SER A 1 53 ? -3.653  -2.159  -3.350  1.00 0.92 ? 53 SER A HA   1 
ATOM 818 H HB2  . SER A 1 53 ? -6.245  -2.087  -3.061  1.00 1.27 ? 53 SER A HB2  1 
ATOM 819 H HB3  . SER A 1 53 ? -5.372  -0.584  -3.166  1.00 1.50 ? 53 SER A HB3  1 
ATOM 820 H HG   . SER A 1 53 ? -6.562  -0.174  -4.930  1.00 2.45 ? 53 SER A HG   1 
ATOM 821 N N    . ASN A 1 54 ? -4.878  -4.083  -5.557  1.00 1.31 ? 54 ASN A N    1 
ATOM 822 C CA   . ASN A 1 54 ? -5.169  -5.450  -5.910  1.00 1.41 ? 54 ASN A CA   1 
ATOM 823 C C    . ASN A 1 54 ? -4.130  -6.392  -5.370  1.00 1.26 ? 54 ASN A C    1 
ATOM 824 O O    . ASN A 1 54 ? -4.365  -7.590  -5.233  1.00 1.33 ? 54 ASN A O    1 
ATOM 825 C CB   . ASN A 1 54 ? -5.182  -5.579  -7.372  1.00 1.57 ? 54 ASN A CB   1 
ATOM 826 C CG   . ASN A 1 54 ? -6.507  -6.103  -7.879  1.00 2.27 ? 54 ASN A CG   1 
ATOM 827 O OD1  . ASN A 1 54 ? -7.425  -6.375  -7.123  1.00 2.89 ? 54 ASN A OD1  1 
ATOM 828 N ND2  . ASN A 1 54 ? -6.597  -6.248  -9.165  1.00 2.45 ? 54 ASN A ND2  1 
ATOM 829 H H    . ASN A 1 54 ? -4.768  -3.420  -6.272  1.00 1.37 ? 54 ASN A H    1 
ATOM 830 H HA   . ASN A 1 54 ? -6.131  -5.700  -5.532  1.00 1.53 ? 54 ASN A HA   1 
ATOM 831 H HB2  . ASN A 1 54 ? -4.971  -4.629  -7.790  1.00 1.80 ? 54 ASN A HB2  1 
ATOM 832 H HB3  . ASN A 1 54 ? -4.411  -6.250  -7.657  1.00 1.68 ? 54 ASN A HB3  1 
ATOM 833 H HD21 . ASN A 1 54 ? -5.839  -6.020  -9.667  1.00 2.07 ? 54 ASN A HD21 1 
ATOM 834 H HD22 . ASN A 1 54 ? -7.416  -6.574  -9.549  1.00 3.08 ? 54 ASN A HD22 1 
ATOM 835 N N    . TYR A 1 55 ? -2.975  -5.831  -5.102  1.00 1.06 ? 55 TYR A N    1 
ATOM 836 C CA   . TYR A 1 55 ? -1.882  -6.582  -4.614  1.00 0.94 ? 55 TYR A CA   1 
ATOM 837 C C    . TYR A 1 55 ? -1.849  -6.606  -3.103  1.00 0.86 ? 55 TYR A C    1 
ATOM 838 O O    . TYR A 1 55 ? -0.823  -6.898  -2.503  1.00 0.78 ? 55 TYR A O    1 
ATOM 839 C CB   . TYR A 1 55 ? -0.601  -5.991  -5.149  1.00 0.85 ? 55 TYR A CB   1 
ATOM 840 C CG   . TYR A 1 55 ? 0.003   -6.802  -6.253  1.00 0.96 ? 55 TYR A CG   1 
ATOM 841 C CD1  . TYR A 1 55 ? 0.181   -8.158  -6.084  1.00 1.61 ? 55 TYR A CD1  1 
ATOM 842 C CD2  . TYR A 1 55 ? 0.443   -6.225  -7.421  1.00 1.53 ? 55 TYR A CD2  1 
ATOM 843 C CE1  . TYR A 1 55 ? 0.766   -8.951  -7.072  1.00 1.71 ? 55 TYR A CE1  1 
ATOM 844 C CE2  . TYR A 1 55 ? 1.025   -7.005  -8.473  1.00 1.60 ? 55 TYR A CE2  1 
ATOM 845 C CZ   . TYR A 1 55 ? 1.222   -8.364  -8.229  1.00 1.21 ? 55 TYR A CZ   1 
ATOM 846 O OH   . TYR A 1 55 ? 1.853   -9.129  -9.220  1.00 1.34 ? 55 TYR A OH   1 
ATOM 847 H H    . TYR A 1 55 ? -2.857  -4.878  -5.265  1.00 1.03 ? 55 TYR A H    1 
ATOM 848 H HA   . TYR A 1 55 ? -1.965  -7.599  -4.979  1.00 1.03 ? 55 TYR A HA   1 
ATOM 849 H HB2  . TYR A 1 55 ? -0.794  -4.993  -5.539  1.00 0.89 ? 55 TYR A HB2  1 
ATOM 850 H HB3  . TYR A 1 55 ? 0.131   -5.886  -4.332  1.00 0.75 ? 55 TYR A HB3  1 
ATOM 851 H HD1  . TYR A 1 55 ? -0.138  -8.629  -5.160  1.00 2.38 ? 55 TYR A HD1  1 
ATOM 852 H HD2  . TYR A 1 55 ? 0.247   -5.155  -7.613  1.00 2.30 ? 55 TYR A HD2  1 
ATOM 853 H HE1  . TYR A 1 55 ? 0.893   -10.006 -6.889  1.00 2.52 ? 55 TYR A HE1  1 
ATOM 854 H HE2  . TYR A 1 55 ? 1.418   -6.537  -9.340  1.00 2.36 ? 55 TYR A HE2  1 
ATOM 855 H HH   . TYR A 1 55 ? 1.199   -9.592  -9.747  1.00 1.67 ? 55 TYR A HH   1 
ATOM 856 N N    . VAL A 1 56 ? -2.981  -6.283  -2.491  1.00 0.97 ? 56 VAL A N    1 
ATOM 857 C CA   . VAL A 1 56 ? -3.055  -6.249  -1.051  1.00 0.99 ? 56 VAL A CA   1 
ATOM 858 C C    . VAL A 1 56 ? -4.429  -6.638  -0.562  1.00 1.24 ? 56 VAL A C    1 
ATOM 859 O O    . VAL A 1 56 ? -5.258  -7.134  -1.322  1.00 1.40 ? 56 VAL A O    1 
ATOM 860 C CB   . VAL A 1 56 ? -2.690  -4.858  -0.506  1.00 0.83 ? 56 VAL A CB   1 
ATOM 861 C CG1  . VAL A 1 56 ? -1.452  -4.340  -1.190  1.00 0.61 ? 56 VAL A CG1  1 
ATOM 862 C CG2  . VAL A 1 56 ? -3.844  -3.867  -0.684  1.00 0.93 ? 56 VAL A CG2  1 
ATOM 863 H H    . VAL A 1 56 ? -3.773  -6.045  -3.015  1.00 1.08 ? 56 VAL A H    1 
ATOM 864 H HA   . VAL A 1 56 ? -2.337  -6.959  -0.670  1.00 0.98 ? 56 VAL A HA   1 
ATOM 865 H HB   . VAL A 1 56 ? -2.477  -4.945  0.543   1.00 0.86 ? 56 VAL A HB   1 
ATOM 866 H HG11 . VAL A 1 56 ? -1.196  -4.940  -2.004  1.00 0.99 ? 56 VAL A HG11 1 
ATOM 867 H HG12 . VAL A 1 56 ? -0.642  -4.316  -0.529  1.00 1.22 ? 56 VAL A HG12 1 
ATOM 868 H HG13 . VAL A 1 56 ? -1.636  -3.376  -1.526  1.00 1.14 ? 56 VAL A HG13 1 
ATOM 869 H HG21 . VAL A 1 56 ? -4.224  -3.576  0.251   1.00 1.35 ? 56 VAL A HG21 1 
ATOM 870 H HG22 . VAL A 1 56 ? -4.622  -4.304  -1.237  1.00 1.39 ? 56 VAL A HG22 1 
ATOM 871 H HG23 . VAL A 1 56 ? -3.510  -3.011  -1.203  1.00 1.42 ? 56 VAL A HG23 1 
ATOM 872 N N    . ALA A 1 57 ? -4.658  -6.411  0.711   1.00 1.33 ? 57 ALA A N    1 
ATOM 873 C CA   . ALA A 1 57 ? -5.921  -6.737  1.313   1.00 1.59 ? 57 ALA A CA   1 
ATOM 874 C C    . ALA A 1 57 ? -6.095  -5.984  2.616   1.00 1.61 ? 57 ALA A C    1 
ATOM 875 O O    . ALA A 1 57 ? -5.358  -6.212  3.578   1.00 1.60 ? 57 ALA A O    1 
ATOM 876 C CB   . ALA A 1 57 ? -6.013  -8.235  1.536   1.00 1.78 ? 57 ALA A CB   1 
ATOM 877 H H    . ALA A 1 57 ? -3.954  -6.014  1.263   1.00 1.22 ? 57 ALA A H    1 
ATOM 878 H HA   . ALA A 1 57 ? -6.702  -6.445  0.630   1.00 1.67 ? 57 ALA A HA   1 
ATOM 879 H HB1  . ALA A 1 57 ? -5.183  -8.560  2.147   1.00 2.18 ? 57 ALA A HB1  1 
ATOM 880 H HB2  . ALA A 1 57 ? -5.967  -8.744  0.579   1.00 1.92 ? 57 ALA A HB2  1 
ATOM 881 H HB3  . ALA A 1 57 ? -6.952  -8.468  2.035   1.00 2.16 ? 57 ALA A HB3  1 
ATOM 882 N N    . PRO A 1 58 ? -7.076  -5.073  2.672   1.00 1.69 ? 58 PRO A N    1 
ATOM 883 C CA   . PRO A 1 58 ? -7.345  -4.293  3.871   1.00 1.74 ? 58 PRO A CA   1 
ATOM 884 C C    . PRO A 1 58 ? -7.359  -5.180  5.094   1.00 1.92 ? 58 PRO A C    1 
ATOM 885 O O    . PRO A 1 58 ? -8.153  -6.111  5.201   1.00 2.12 ? 58 PRO A O    1 
ATOM 886 C CB   . PRO A 1 58 ? -8.727  -3.705  3.603   1.00 1.91 ? 58 PRO A CB   1 
ATOM 887 C CG   . PRO A 1 58 ? -8.781  -3.573  2.119   1.00 1.85 ? 58 PRO A CG   1 
ATOM 888 C CD   . PRO A 1 58 ? -8.004  -4.742  1.577   1.00 1.77 ? 58 PRO A CD   1 
ATOM 889 H HA   . PRO A 1 58 ? -6.629  -3.497  4.003   1.00 1.57 ? 58 PRO A HA   1 
ATOM 890 H HB2  . PRO A 1 58 ? -9.484  -4.378  3.972   1.00 2.10 ? 58 PRO A HB2  1 
ATOM 891 H HB3  . PRO A 1 58 ? -8.817  -2.746  4.090   1.00 1.89 ? 58 PRO A HB3  1 
ATOM 892 H HG2  . PRO A 1 58 ? -9.806  -3.612  1.782   1.00 2.02 ? 58 PRO A HG2  1 
ATOM 893 H HG3  . PRO A 1 58 ? -8.319  -2.644  1.816   1.00 1.71 ? 58 PRO A HG3  1 
ATOM 894 H HD2  . PRO A 1 58 ? -8.664  -5.571  1.368   1.00 1.94 ? 58 PRO A HD2  1 
ATOM 895 H HD3  . PRO A 1 58 ? -7.459  -4.456  0.688   1.00 1.65 ? 58 PRO A HD3  1 
ATOM 896 N N    . TYR A 1 59 ? -6.506  -4.871  6.021   1.00 1.88 ? 59 TYR A N    1 
ATOM 897 C CA   . TYR A 1 59 ? -6.444  -5.582  7.227   1.00 2.08 ? 59 TYR A CA   1 
ATOM 898 C C    . TYR A 1 59 ? -7.259  -4.741  8.097   1.00 2.19 ? 59 TYR A C    1 
ATOM 899 O O    . TYR A 1 59 ? -8.290  -5.157  8.662   1.00 2.42 ? 59 TYR A O    1 
ATOM 900 C CB   . TYR A 1 59 ? -5.001  -5.689  7.679   1.00 2.03 ? 59 TYR A CB   1 
ATOM 901 C CG   . TYR A 1 59 ? -4.823  -6.389  8.964   1.00 2.25 ? 59 TYR A CG   1 
ATOM 902 C CD1  . TYR A 1 59 ? -5.922  -7.031  9.604   1.00 2.69 ? 59 TYR A CD1  1 
ATOM 903 C CD2  . TYR A 1 59 ? -3.554  -6.430  9.573   1.00 2.57 ? 59 TYR A CD2  1 
ATOM 904 C CE1  . TYR A 1 59 ? -5.746  -7.717  10.775  1.00 2.88 ? 59 TYR A CE1  1 
ATOM 905 C CE2  . TYR A 1 59 ? -3.361  -7.110  10.748  1.00 2.78 ? 59 TYR A CE2  1 
ATOM 906 C CZ   . TYR A 1 59 ? -4.463  -7.752  11.365  1.00 2.68 ? 59 TYR A CZ   1 
ATOM 907 O OH   . TYR A 1 59 ? -4.277  -8.428  12.546  1.00 2.91 ? 59 TYR A OH   1 
ATOM 908 H H    . TYR A 1 59 ? -5.924  -4.087  5.912   1.00 1.73 ? 59 TYR A H    1 
ATOM 909 H HA   . TYR A 1 59 ? -6.886  -6.564  7.135   1.00 2.23 ? 59 TYR A HA   1 
ATOM 910 H HB2  . TYR A 1 59 ? -4.468  -6.261  6.927   1.00 2.01 ? 59 TYR A HB2  1 
ATOM 911 H HB3  . TYR A 1 59 ? -4.565  -4.701  7.744   1.00 1.92 ? 59 TYR A HB3  1 
ATOM 912 H HD1  . TYR A 1 59 ? -6.918  -6.985  9.120   1.00 3.18 ? 59 TYR A HD1  1 
ATOM 913 H HD2  . TYR A 1 59 ? -2.715  -5.913  9.071   1.00 3.00 ? 59 TYR A HD2  1 
ATOM 914 H HE1  . TYR A 1 59 ? -6.608  -8.222  11.255  1.00 3.47 ? 59 TYR A HE1  1 
ATOM 915 H HE2  . TYR A 1 59 ? -2.357  -7.145  11.207  1.00 3.31 ? 59 TYR A HE2  1 
ATOM 916 H HH   . TYR A 1 59 ? -4.176  -7.795  13.263  1.00 3.09 ? 59 TYR A HH   1 
ATOM 917 N N    . ASN A 1 60 ? -6.788  -3.505  8.203   1.00 2.07 ? 60 ASN A N    1 
ATOM 918 C CA   . ASN A 1 60 ? -7.461  -2.590  9.016   1.00 2.20 ? 60 ASN A CA   1 
ATOM 919 C C    . ASN A 1 60 ? -7.823  -3.323  10.025  1.00 2.28 ? 60 ASN A C    1 
ATOM 920 O O    . ASN A 1 60 ? -8.963  -3.357  10.494  1.00 2.76 ? 60 ASN A O    1 
ATOM 921 C CB   . ASN A 1 60 ? -8.753  -1.986  8.739   1.00 3.01 ? 60 ASN A CB   1 
ATOM 922 C CG   . ASN A 1 60 ? -9.337  -1.554  10.166  1.00 3.22 ? 60 ASN A CG   1 
ATOM 923 O OD1  . ASN A 1 60 ? -10.334 -2.101  10.554  1.00 3.39 ? 60 ASN A OD1  1 
ATOM 924 N ND2  . ASN A 1 60 ? -8.617  -0.720  11.013  1.00 3.66 ? 60 ASN A ND2  1 
ATOM 925 H H    . ASN A 1 60 ? -5.925  -3.261  7.766   1.00 1.92 ? 60 ASN A H    1 
ATOM 926 H HA   . ASN A 1 60 ? -6.807  -1.868  9.441   1.00 2.26 ? 60 ASN A HA   1 
ATOM 927 H HB2  . ASN A 1 60 ? -8.690  -1.190  8.046   1.00 3.39 ? 60 ASN A HB2  1 
ATOM 928 H HB3  . ASN A 1 60 ? -9.345  -2.750  8.333   1.00 3.47 ? 60 ASN A HB3  1 
ATOM 929 H HD21 . ASN A 1 60 ? -7.751  -0.433  10.725  1.00 3.99 ? 60 ASN A HD21 1 
ATOM 930 H HD22 . ASN A 1 60 ? -9.016  -0.408  11.921  1.00 3.85 ? 60 ASN A HD22 1 
ATOM 931 N N    . SER A 1 61 ? -6.790  -3.662  10.457  1.00 2.45 ? 61 SER A N    1 
ATOM 932 C CA   . SER A 1 61 ? -6.834  -4.067  11.590  1.00 3.39 ? 61 SER A CA   1 
ATOM 933 C C    . SER A 1 61 ? -7.953  -3.415  12.044  1.00 3.66 ? 61 SER A C    1 
ATOM 934 O O    . SER A 1 61 ? -7.825  -2.397  12.614  1.00 3.93 ? 61 SER A O    1 
ATOM 935 C CB   . SER A 1 61 ? -5.808  -3.319  12.237  1.00 4.13 ? 61 SER A CB   1 
ATOM 936 O OG   . SER A 1 61 ? -4.829  -4.151  12.740  1.00 4.49 ? 61 SER A OG   1 
ATOM 937 H H    . SER A 1 61 ? -5.971  -3.415  10.075  1.00 2.29 ? 61 SER A H    1 
ATOM 938 H HA   . SER A 1 61 ? -6.872  -5.074  11.822  1.00 3.83 ? 61 SER A HA   1 
ATOM 939 H HB2  . SER A 1 61 ? -5.375  -2.566  11.528  1.00 4.57 ? 61 SER A HB2  1 
ATOM 940 H HB3  . SER A 1 61 ? -6.261  -2.755  13.030  1.00 4.44 ? 61 SER A HB3  1 
ATOM 941 H HG   . SER A 1 61 ? -4.058  -4.091  12.152  1.00 4.81 ? 61 SER A HG   1 
ATOM 942 N N    . ASN A 1 62 ? -8.951  -3.983  11.997  1.00 4.07 ? 62 ASN A N    1 
ATOM 943 C CA   . ASN A 1 62 ? -9.540  -3.353  12.787  1.00 4.63 ? 62 ASN A CA   1 
ATOM 944 C C    . ASN A 1 62 ? -8.638  -4.021  13.914  1.00 4.89 ? 62 ASN A C    1 
ATOM 945 O O    . ASN A 1 62 ? -8.313  -5.231  13.815  1.00 5.02 ? 62 ASN A O    1 
ATOM 946 C CB   . ASN A 1 62 ? -11.072 -3.550  12.833  1.00 5.39 ? 62 ASN A CB   1 
ATOM 947 C CG   . ASN A 1 62 ? -11.035 -3.367  14.368  1.00 6.00 ? 62 ASN A CG   1 
ATOM 948 O OD1  . ASN A 1 62 ? -10.622 -2.343  14.914  1.00 6.41 ? 62 ASN A OD1  1 
ATOM 949 N ND2  . ASN A 1 62 ? -11.065 -4.603  14.845  1.00 6.42 ? 62 ASN A ND2  1 
ATOM 950 O OXT  . ASN A 1 62 ? -8.135  -3.422  14.761  1.00 5.40 ? 62 ASN A OXT  1 
ATOM 951 H H    . ASN A 1 62 ? -9.179  -4.847  11.782  1.00 4.27 ? 62 ASN A H    1 
ATOM 952 H HA   . ASN A 1 62 ? -9.274  -2.299  12.601  1.00 4.77 ? 62 ASN A HA   1 
ATOM 953 H HB2  . ASN A 1 62 ? -11.602 -2.939  12.016  1.00 5.60 ? 62 ASN A HB2  1 
ATOM 954 H HB3  . ASN A 1 62 ? -11.277 -4.529  12.675  1.00 5.69 ? 62 ASN A HB3  1 
ATOM 955 H HD21 . ASN A 1 62 ? -11.021 -5.360  14.116  1.00 6.35 ? 62 ASN A HD21 1 
ATOM 956 H HD22 . ASN A 1 62 ? -11.148 -4.744  15.796  1.00 6.98 ? 62 ASN A HD22 1 
# 
